data_2MDA
#
_entry.id   2MDA
#
_entity_poly.entity_id   1
_entity_poly.type   'polypeptide(L)'
_entity_poly.pdbx_seq_one_letter_code
;PGNPLEAVVFEERDGNAVLNLLFSLRGTKPSSLSRAVKVFETFEAKIHHLETRPAQRPLAGSPHLEYFVRFEVPSGDLAA
LLSSVRRVSDDVRSA
;
_entity_poly.pdbx_strand_id   A,B
#
# COMPACT_ATOMS: atom_id res chain seq x y z
N PRO A 1 -11.84 23.90 -9.29
CA PRO A 1 -13.24 24.09 -8.83
C PRO A 1 -13.48 23.43 -7.48
N GLY A 2 -14.61 23.76 -6.85
CA GLY A 2 -14.94 23.18 -5.56
C GLY A 2 -16.36 22.65 -5.51
N ASN A 3 -16.50 21.33 -5.57
CA ASN A 3 -17.81 20.71 -5.53
C ASN A 3 -18.20 20.33 -4.10
N PRO A 4 -19.21 21.03 -3.54
CA PRO A 4 -19.70 20.77 -2.18
C PRO A 4 -20.34 19.40 -2.03
N LEU A 5 -21.17 19.05 -3.00
CA LEU A 5 -21.86 17.77 -3.01
C LEU A 5 -20.98 16.65 -3.52
N GLU A 6 -19.71 16.92 -3.60
CA GLU A 6 -18.76 15.93 -4.06
C GLU A 6 -18.67 14.75 -3.12
N ALA A 7 -18.01 13.71 -3.58
CA ALA A 7 -17.86 12.48 -2.83
C ALA A 7 -16.78 12.54 -1.75
N VAL A 8 -15.78 13.38 -1.95
CA VAL A 8 -14.70 13.50 -1.00
C VAL A 8 -15.16 14.09 0.33
N VAL A 9 -15.28 13.22 1.32
CA VAL A 9 -15.70 13.61 2.66
C VAL A 9 -14.91 12.85 3.72
N PHE A 10 -15.27 13.06 4.98
CA PHE A 10 -14.60 12.39 6.09
C PHE A 10 -15.41 12.49 7.38
N GLU A 11 -14.97 11.78 8.40
CA GLU A 11 -15.64 11.80 9.70
C GLU A 11 -14.59 11.83 10.81
N GLU A 12 -15.01 12.10 12.05
CA GLU A 12 -14.06 12.14 13.16
C GLU A 12 -14.44 11.19 14.26
N ARG A 13 -13.43 10.56 14.79
CA ARG A 13 -13.54 9.59 15.84
C ARG A 13 -12.59 9.89 17.00
N ASP A 14 -13.15 9.91 18.21
CA ASP A 14 -12.36 10.14 19.42
C ASP A 14 -11.44 11.36 19.32
N GLY A 15 -11.76 12.30 18.46
CA GLY A 15 -10.92 13.48 18.35
C GLY A 15 -9.95 13.43 17.18
N ASN A 16 -10.27 12.62 16.18
CA ASN A 16 -9.45 12.49 14.98
C ASN A 16 -10.37 12.18 13.85
N ALA A 17 -9.85 12.06 12.64
CA ALA A 17 -10.72 11.77 11.53
C ALA A 17 -10.38 10.48 10.82
N VAL A 18 -11.40 9.65 10.68
CA VAL A 18 -11.28 8.37 10.01
C VAL A 18 -11.99 8.43 8.67
N LEU A 19 -11.27 8.14 7.60
CA LEU A 19 -11.86 8.19 6.27
C LEU A 19 -11.08 7.31 5.30
N ASN A 20 -11.51 7.34 4.04
CA ASN A 20 -10.88 6.53 2.99
C ASN A 20 -10.64 7.37 1.73
N LEU A 21 -9.64 7.00 0.93
CA LEU A 21 -9.31 7.77 -0.27
C LEU A 21 -8.81 6.89 -1.42
N LEU A 22 -9.44 7.02 -2.58
CA LEU A 22 -9.00 6.26 -3.75
C LEU A 22 -8.38 7.19 -4.77
N PHE A 23 -7.52 6.64 -5.62
CA PHE A 23 -6.86 7.41 -6.67
C PHE A 23 -6.24 6.45 -7.68
N SER A 24 -6.32 6.83 -8.95
CA SER A 24 -5.81 5.99 -10.03
C SER A 24 -4.89 6.79 -10.95
N LEU A 25 -3.98 6.08 -11.61
CA LEU A 25 -3.03 6.70 -12.51
C LEU A 25 -2.74 5.81 -13.72
N ARG A 26 -2.71 6.43 -14.89
CA ARG A 26 -2.45 5.71 -16.13
C ARG A 26 -0.96 5.47 -16.32
N GLY A 27 -0.57 5.10 -17.54
CA GLY A 27 0.81 4.85 -17.84
C GLY A 27 1.38 3.68 -17.07
N THR A 28 2.70 3.65 -16.94
CA THR A 28 3.38 2.58 -16.22
C THR A 28 4.42 3.15 -15.26
N LYS A 29 4.85 4.37 -15.54
CA LYS A 29 5.83 5.04 -14.69
C LYS A 29 5.16 5.86 -13.59
N PRO A 30 4.13 6.69 -13.93
CA PRO A 30 3.42 7.50 -12.94
C PRO A 30 2.61 6.65 -11.96
N SER A 31 3.30 6.09 -10.97
CA SER A 31 2.68 5.26 -9.95
C SER A 31 3.22 5.67 -8.58
N SER A 32 3.38 6.98 -8.40
CA SER A 32 3.89 7.54 -7.16
C SER A 32 2.88 7.44 -6.02
N LEU A 33 2.22 6.29 -5.90
CA LEU A 33 1.27 6.08 -4.83
C LEU A 33 2.02 6.00 -3.52
N SER A 34 3.31 5.73 -3.65
CA SER A 34 4.20 5.66 -2.52
C SER A 34 4.18 6.97 -1.74
N ARG A 35 4.29 8.08 -2.45
CA ARG A 35 4.26 9.38 -1.82
C ARG A 35 2.95 9.56 -1.04
N ALA A 36 1.93 8.82 -1.45
CA ALA A 36 0.64 8.89 -0.79
C ALA A 36 0.73 8.31 0.62
N VAL A 37 1.44 7.19 0.77
CA VAL A 37 1.60 6.59 2.09
C VAL A 37 2.47 7.47 2.97
N LYS A 38 3.24 8.34 2.34
CA LYS A 38 4.11 9.27 3.06
C LYS A 38 3.26 10.30 3.78
N VAL A 39 2.03 10.47 3.30
CA VAL A 39 1.10 11.44 3.85
C VAL A 39 0.59 10.99 5.21
N PHE A 40 -0.17 9.92 5.21
CA PHE A 40 -0.74 9.37 6.44
C PHE A 40 0.36 9.08 7.46
N GLU A 41 1.57 8.82 6.97
CA GLU A 41 2.70 8.51 7.84
C GLU A 41 3.44 9.76 8.33
N THR A 42 3.30 10.86 7.59
CA THR A 42 4.00 12.10 7.97
C THR A 42 3.46 12.69 9.28
N PHE A 43 2.14 12.63 9.49
CA PHE A 43 1.56 13.16 10.71
C PHE A 43 1.28 12.07 11.73
N GLU A 44 1.99 10.95 11.57
CA GLU A 44 1.85 9.83 12.49
C GLU A 44 0.40 9.41 12.67
N ALA A 45 -0.36 9.41 11.58
CA ALA A 45 -1.76 8.99 11.64
C ALA A 45 -1.85 7.48 11.86
N LYS A 46 -3.06 6.97 12.08
CA LYS A 46 -3.27 5.55 12.29
C LYS A 46 -4.01 4.95 11.10
N ILE A 47 -3.27 4.23 10.27
CA ILE A 47 -3.84 3.64 9.08
C ILE A 47 -4.61 2.37 9.38
N HIS A 48 -5.85 2.32 8.88
CA HIS A 48 -6.74 1.19 9.05
C HIS A 48 -6.48 0.11 8.01
N HIS A 49 -6.48 0.50 6.74
CA HIS A 49 -6.26 -0.45 5.66
C HIS A 49 -5.81 0.23 4.36
N LEU A 50 -4.50 0.25 4.15
CA LEU A 50 -3.90 0.82 2.95
C LEU A 50 -3.70 -0.30 1.94
N GLU A 51 -4.21 -0.11 0.73
CA GLU A 51 -4.08 -1.13 -0.29
C GLU A 51 -4.00 -0.55 -1.69
N THR A 52 -3.33 -1.28 -2.57
CA THR A 52 -3.16 -0.88 -3.95
C THR A 52 -3.22 -2.11 -4.85
N ARG A 53 -4.01 -2.03 -5.90
CA ARG A 53 -4.14 -3.14 -6.83
C ARG A 53 -4.74 -2.68 -8.16
N PRO A 54 -3.87 -2.37 -9.15
CA PRO A 54 -4.32 -1.92 -10.47
C PRO A 54 -5.35 -2.85 -11.08
N ALA A 55 -6.30 -2.28 -11.78
CA ALA A 55 -7.32 -3.06 -12.43
C ALA A 55 -6.76 -3.75 -13.66
N GLN A 56 -7.67 -4.20 -14.52
CA GLN A 56 -7.30 -4.89 -15.77
C GLN A 56 -6.85 -6.30 -15.52
N ARG A 57 -5.88 -6.38 -14.66
CA ARG A 57 -5.26 -7.63 -14.25
C ARG A 57 -6.34 -8.66 -13.89
N PRO A 58 -7.22 -8.37 -12.90
CA PRO A 58 -8.30 -9.29 -12.55
C PRO A 58 -9.31 -9.36 -13.69
N LEU A 59 -9.80 -8.18 -14.07
CA LEU A 59 -10.74 -8.05 -15.17
C LEU A 59 -10.38 -6.82 -15.98
N ALA A 60 -10.53 -6.92 -17.28
CA ALA A 60 -10.20 -5.82 -18.17
C ALA A 60 -11.31 -5.59 -19.18
N GLY A 61 -11.62 -4.32 -19.42
CA GLY A 61 -12.69 -3.98 -20.35
C GLY A 61 -13.93 -3.51 -19.61
N SER A 62 -13.72 -3.03 -18.39
CA SER A 62 -14.81 -2.55 -17.55
C SER A 62 -14.28 -1.66 -16.42
N PRO A 63 -13.27 -2.13 -15.65
CA PRO A 63 -12.70 -1.38 -14.55
C PRO A 63 -11.53 -0.50 -14.99
N HIS A 64 -10.70 -0.10 -14.04
CA HIS A 64 -9.54 0.73 -14.31
C HIS A 64 -8.66 0.85 -13.06
N LEU A 65 -7.43 1.33 -13.24
CA LEU A 65 -6.49 1.49 -12.13
C LEU A 65 -7.20 2.00 -10.87
N GLU A 66 -6.76 1.50 -9.72
CA GLU A 66 -7.33 1.91 -8.44
C GLU A 66 -6.35 1.76 -7.29
N TYR A 67 -6.75 2.30 -6.13
CA TYR A 67 -5.92 2.25 -4.93
C TYR A 67 -6.79 2.61 -3.70
N PHE A 68 -7.23 1.57 -2.99
CA PHE A 68 -8.09 1.75 -1.82
C PHE A 68 -7.29 1.91 -0.53
N VAL A 69 -7.67 2.91 0.28
CA VAL A 69 -6.98 3.18 1.54
C VAL A 69 -7.92 3.70 2.61
N ARG A 70 -7.63 3.34 3.85
CA ARG A 70 -8.39 3.81 5.00
C ARG A 70 -7.42 4.17 6.10
N PHE A 71 -7.56 5.38 6.63
CA PHE A 71 -6.66 5.84 7.67
C PHE A 71 -7.32 6.91 8.55
N GLU A 72 -6.71 7.17 9.70
CA GLU A 72 -7.24 8.16 10.63
C GLU A 72 -6.15 9.16 11.03
N VAL A 73 -6.52 10.43 11.12
CA VAL A 73 -5.59 11.48 11.47
C VAL A 73 -6.30 12.56 12.24
N PRO A 74 -5.69 13.11 13.31
CA PRO A 74 -6.31 14.17 14.06
C PRO A 74 -7.12 15.09 13.14
N SER A 75 -8.35 15.38 13.54
CA SER A 75 -9.24 16.22 12.74
C SER A 75 -8.52 17.46 12.20
N GLY A 76 -7.41 17.82 12.83
CA GLY A 76 -6.65 18.98 12.40
C GLY A 76 -5.47 18.64 11.49
N ASP A 77 -4.76 17.56 11.78
CA ASP A 77 -3.60 17.17 10.97
C ASP A 77 -4.05 16.47 9.71
N LEU A 78 -5.30 16.06 9.69
CA LEU A 78 -5.86 15.43 8.53
C LEU A 78 -5.69 16.35 7.34
N ALA A 79 -6.34 17.49 7.44
CA ALA A 79 -6.25 18.53 6.44
C ALA A 79 -4.79 18.84 6.13
N ALA A 80 -3.93 18.57 7.11
CA ALA A 80 -2.50 18.83 6.98
C ALA A 80 -1.84 17.91 5.98
N LEU A 81 -2.00 16.60 6.17
CA LEU A 81 -1.36 15.64 5.28
C LEU A 81 -2.21 15.43 4.03
N LEU A 82 -3.51 15.66 4.13
CA LEU A 82 -4.39 15.52 2.99
C LEU A 82 -3.97 16.46 1.88
N SER A 83 -3.49 17.64 2.27
CA SER A 83 -3.04 18.64 1.30
C SER A 83 -1.97 18.04 0.43
N SER A 84 -1.18 17.18 1.07
CA SER A 84 -0.10 16.49 0.40
C SER A 84 -0.70 15.48 -0.56
N VAL A 85 -1.74 14.82 -0.09
CA VAL A 85 -2.44 13.85 -0.87
C VAL A 85 -3.10 14.54 -2.06
N ARG A 86 -3.38 15.82 -1.89
CA ARG A 86 -3.95 16.63 -2.95
C ARG A 86 -2.82 17.00 -3.89
N ARG A 87 -1.62 16.92 -3.34
CA ARG A 87 -0.39 17.21 -4.07
C ARG A 87 0.00 15.99 -4.90
N VAL A 88 -0.66 14.87 -4.62
CA VAL A 88 -0.40 13.62 -5.33
C VAL A 88 -1.56 13.27 -6.24
N SER A 89 -2.77 13.67 -5.83
CA SER A 89 -3.98 13.40 -6.60
C SER A 89 -4.95 14.58 -6.53
N ASP A 90 -5.84 14.67 -7.51
CA ASP A 90 -6.80 15.76 -7.55
C ASP A 90 -8.11 15.35 -8.23
N ASP A 91 -8.00 14.53 -9.27
CA ASP A 91 -9.17 14.10 -10.02
C ASP A 91 -9.75 12.77 -9.51
N VAL A 92 -9.68 12.55 -8.20
CA VAL A 92 -10.23 11.34 -7.61
C VAL A 92 -11.15 11.66 -6.43
N ARG A 93 -11.57 10.63 -5.69
CA ARG A 93 -12.47 10.83 -4.57
C ARG A 93 -12.13 9.92 -3.40
N SER A 94 -12.94 10.01 -2.35
CA SER A 94 -12.77 9.18 -1.17
C SER A 94 -13.40 7.81 -1.42
N ALA A 95 -13.12 6.87 -0.55
CA ALA A 95 -13.67 5.52 -0.69
C ALA A 95 -14.94 5.34 0.12
N PRO B 1 24.48 -12.67 6.32
CA PRO B 1 24.44 -14.15 6.19
C PRO B 1 23.44 -14.58 5.12
N GLY B 2 23.51 -15.86 4.74
CA GLY B 2 22.61 -16.37 3.72
C GLY B 2 21.97 -17.69 4.14
N ASN B 3 20.71 -17.63 4.53
CA ASN B 3 19.99 -18.83 4.96
C ASN B 3 19.24 -19.47 3.79
N PRO B 4 19.68 -20.66 3.35
CA PRO B 4 19.06 -21.38 2.23
C PRO B 4 17.65 -21.86 2.56
N LEU B 5 17.49 -22.39 3.77
CA LEU B 5 16.21 -22.89 4.23
C LEU B 5 15.32 -21.79 4.75
N GLU B 6 15.70 -20.57 4.45
CA GLU B 6 14.94 -19.42 4.88
C GLU B 6 13.57 -19.39 4.23
N ALA B 7 12.73 -18.50 4.74
CA ALA B 7 11.37 -18.35 4.27
C ALA B 7 11.25 -17.55 2.98
N VAL B 8 12.18 -16.66 2.73
CA VAL B 8 12.13 -15.84 1.54
C VAL B 8 12.34 -16.65 0.27
N VAL B 9 11.24 -16.87 -0.44
CA VAL B 9 11.25 -17.62 -1.69
C VAL B 9 10.31 -16.99 -2.71
N PHE B 10 10.16 -17.64 -3.86
CA PHE B 10 9.29 -17.13 -4.91
C PHE B 10 9.00 -18.22 -5.95
N GLU B 11 8.10 -17.92 -6.87
CA GLU B 11 7.74 -18.85 -7.94
C GLU B 11 7.59 -18.09 -9.25
N GLU B 12 7.48 -18.80 -10.37
CA GLU B 12 7.33 -18.14 -11.65
C GLU B 12 6.10 -18.62 -12.39
N ARG B 13 5.44 -17.65 -12.99
CA ARG B 13 4.24 -17.87 -13.74
C ARG B 13 4.30 -17.26 -15.13
N ASP B 14 3.98 -18.05 -16.14
CA ASP B 14 3.95 -17.58 -17.52
C ASP B 14 5.22 -16.84 -17.94
N GLY B 15 6.33 -17.08 -17.25
CA GLY B 15 7.57 -16.41 -17.62
C GLY B 15 7.88 -15.22 -16.74
N ASN B 16 7.32 -15.19 -15.54
CA ASN B 16 7.57 -14.12 -14.59
C ASN B 16 7.48 -14.71 -13.22
N ALA B 17 7.70 -13.94 -12.18
CA ALA B 17 7.64 -14.50 -10.85
C ALA B 17 6.59 -13.83 -9.98
N VAL B 18 5.75 -14.67 -9.41
CA VAL B 18 4.69 -14.25 -8.52
C VAL B 18 5.03 -14.65 -7.10
N LEU B 19 5.08 -13.68 -6.20
CA LEU B 19 5.42 -13.96 -4.81
C LEU B 19 4.86 -12.88 -3.88
N ASN B 20 5.17 -13.03 -2.60
CA ASN B 20 4.72 -12.07 -1.58
C ASN B 20 5.86 -11.68 -0.65
N LEU B 21 5.77 -10.50 -0.04
CA LEU B 21 6.85 -10.01 0.83
C LEU B 21 6.32 -9.17 1.98
N LEU B 22 6.69 -9.53 3.22
CA LEU B 22 6.29 -8.75 4.38
C LEU B 22 7.49 -8.05 4.98
N PHE B 23 7.24 -6.96 5.69
CA PHE B 23 8.29 -6.20 6.34
C PHE B 23 7.68 -5.26 7.37
N SER B 24 8.35 -5.10 8.50
CA SER B 24 7.85 -4.26 9.57
C SER B 24 8.92 -3.28 10.04
N LEU B 25 8.47 -2.16 10.60
CA LEU B 25 9.38 -1.13 11.07
C LEU B 25 8.85 -0.46 12.34
N ARG B 26 9.73 -0.26 13.31
CA ARG B 26 9.36 0.36 14.58
C ARG B 26 9.31 1.88 14.45
N GLY B 27 9.28 2.56 15.58
CA GLY B 27 9.23 4.01 15.58
C GLY B 27 7.95 4.54 14.97
N THR B 28 7.98 5.79 14.54
CA THR B 28 6.83 6.43 13.94
C THR B 28 7.21 7.15 12.65
N LYS B 29 8.49 7.46 12.53
CA LYS B 29 9.01 8.14 11.35
C LYS B 29 9.47 7.13 10.28
N PRO B 30 10.27 6.11 10.67
CA PRO B 30 10.75 5.09 9.72
C PRO B 30 9.63 4.21 9.19
N SER B 31 8.90 4.74 8.21
CA SER B 31 7.79 4.03 7.59
C SER B 31 7.88 4.19 6.08
N SER B 32 9.11 4.13 5.57
CA SER B 32 9.39 4.28 4.15
C SER B 32 8.91 3.06 3.34
N LEU B 33 7.73 2.55 3.67
CA LEU B 33 7.18 1.42 2.94
C LEU B 33 6.84 1.88 1.53
N SER B 34 6.71 3.20 1.40
CA SER B 34 6.43 3.83 0.12
C SER B 34 7.49 3.45 -0.90
N ARG B 35 8.74 3.56 -0.50
CA ARG B 35 9.84 3.22 -1.40
C ARG B 35 9.72 1.77 -1.84
N ALA B 36 9.03 0.97 -1.04
CA ALA B 36 8.83 -0.44 -1.36
C ALA B 36 7.92 -0.58 -2.59
N VAL B 37 6.86 0.23 -2.66
CA VAL B 37 5.96 0.17 -3.80
C VAL B 37 6.66 0.70 -5.04
N LYS B 38 7.72 1.49 -4.83
CA LYS B 38 8.51 2.03 -5.94
C LYS B 38 9.26 0.92 -6.63
N VAL B 39 9.44 -0.19 -5.92
CA VAL B 39 10.16 -1.35 -6.43
C VAL B 39 9.34 -2.08 -7.49
N PHE B 40 8.26 -2.67 -7.05
CA PHE B 40 7.38 -3.41 -7.95
C PHE B 40 6.93 -2.53 -9.12
N GLU B 41 6.89 -1.22 -8.89
CA GLU B 41 6.46 -0.28 -9.92
C GLU B 41 7.60 0.15 -10.84
N THR B 42 8.84 0.05 -10.37
CA THR B 42 9.99 0.47 -11.18
C THR B 42 10.19 -0.42 -12.41
N PHE B 43 9.98 -1.73 -12.26
CA PHE B 43 10.15 -2.64 -13.40
C PHE B 43 8.80 -2.98 -14.05
N GLU B 44 7.83 -2.11 -13.83
CA GLU B 44 6.51 -2.29 -14.39
C GLU B 44 5.94 -3.67 -14.11
N ALA B 45 6.15 -4.17 -12.90
CA ALA B 45 5.62 -5.48 -12.52
C ALA B 45 4.10 -5.42 -12.37
N LYS B 46 3.47 -6.57 -12.16
CA LYS B 46 2.01 -6.62 -12.00
C LYS B 46 1.68 -6.99 -10.56
N ILE B 47 1.26 -6.00 -9.79
CA ILE B 47 0.93 -6.21 -8.40
C ILE B 47 -0.42 -6.86 -8.20
N HIS B 48 -0.43 -7.93 -7.41
CA HIS B 48 -1.64 -8.67 -7.11
C HIS B 48 -2.40 -8.05 -5.94
N HIS B 49 -1.71 -7.83 -4.83
CA HIS B 49 -2.33 -7.26 -3.65
C HIS B 49 -1.31 -6.63 -2.70
N LEU B 50 -1.14 -5.32 -2.83
CA LEU B 50 -0.23 -4.56 -1.96
C LEU B 50 -1.06 -3.99 -0.81
N GLU B 51 -0.61 -4.24 0.42
CA GLU B 51 -1.34 -3.75 1.57
C GLU B 51 -0.41 -3.44 2.74
N THR B 52 -0.84 -2.51 3.58
CA THR B 52 -0.10 -2.11 4.75
C THR B 52 -1.06 -1.80 5.88
N ARG B 53 -0.79 -2.35 7.06
CA ARG B 53 -1.63 -2.11 8.21
C ARG B 53 -0.90 -2.46 9.51
N PRO B 54 -0.29 -1.45 10.16
CA PRO B 54 0.44 -1.66 11.41
C PRO B 54 -0.39 -2.39 12.44
N ALA B 55 0.27 -3.23 13.21
CA ALA B 55 -0.40 -3.97 14.26
C ALA B 55 -0.71 -3.07 15.43
N GLN B 56 -1.00 -3.70 16.57
CA GLN B 56 -1.32 -2.98 17.80
C GLN B 56 -2.72 -2.41 17.78
N ARG B 57 -2.93 -1.64 16.75
CA ARG B 57 -4.19 -0.97 16.50
C ARG B 57 -5.36 -1.95 16.66
N PRO B 58 -5.40 -3.05 15.87
CA PRO B 58 -6.46 -4.06 16.00
C PRO B 58 -6.32 -4.78 17.34
N LEU B 59 -5.12 -5.32 17.56
CA LEU B 59 -4.79 -6.01 18.80
C LEU B 59 -3.37 -5.65 19.20
N ALA B 60 -3.16 -5.49 20.48
CA ALA B 60 -1.85 -5.14 20.98
C ALA B 60 -1.46 -6.01 22.17
N GLY B 61 -0.20 -6.44 22.18
CA GLY B 61 0.28 -7.31 23.23
C GLY B 61 0.45 -8.73 22.74
N SER B 62 0.62 -8.86 21.44
CA SER B 62 0.80 -10.17 20.80
C SER B 62 1.42 -10.02 19.40
N PRO B 63 0.84 -9.15 18.54
CA PRO B 63 1.34 -8.94 17.19
C PRO B 63 2.39 -7.83 17.12
N HIS B 64 2.59 -7.29 15.92
CA HIS B 64 3.56 -6.21 15.70
C HIS B 64 3.44 -5.66 14.28
N LEU B 65 4.03 -4.50 14.05
CA LEU B 65 3.99 -3.85 12.74
C LEU B 65 4.09 -4.87 11.61
N GLU B 66 3.36 -4.64 10.53
CA GLU B 66 3.40 -5.53 9.37
C GLU B 66 3.04 -4.82 8.08
N TYR B 67 3.24 -5.51 6.97
CA TYR B 67 2.96 -4.98 5.64
C TYR B 67 2.93 -6.13 4.61
N PHE B 68 1.72 -6.57 4.28
CA PHE B 68 1.52 -7.69 3.35
C PHE B 68 1.42 -7.21 1.90
N VAL B 69 2.15 -7.89 1.01
CA VAL B 69 2.15 -7.54 -0.41
C VAL B 69 2.31 -8.76 -1.32
N ARG B 70 1.67 -8.69 -2.47
CA ARG B 70 1.77 -9.74 -3.47
C ARG B 70 1.93 -9.10 -4.83
N PHE B 71 2.94 -9.51 -5.57
CA PHE B 71 3.21 -8.93 -6.88
C PHE B 71 3.95 -9.90 -7.78
N GLU B 72 3.97 -9.59 -9.08
CA GLU B 72 4.66 -10.45 -10.04
C GLU B 72 5.59 -9.61 -10.91
N VAL B 73 6.77 -10.16 -11.19
CA VAL B 73 7.78 -9.48 -11.98
C VAL B 73 8.56 -10.49 -12.78
N PRO B 74 8.87 -10.20 -14.06
CA PRO B 74 9.66 -11.11 -14.86
C PRO B 74 10.71 -11.81 -13.99
N SER B 75 10.80 -13.13 -14.15
CA SER B 75 11.74 -13.93 -13.37
C SER B 75 13.12 -13.28 -13.31
N GLY B 76 13.40 -12.39 -14.26
CA GLY B 76 14.69 -11.72 -14.30
C GLY B 76 14.68 -10.34 -13.65
N ASP B 77 13.63 -9.56 -13.86
CA ASP B 77 13.54 -8.22 -13.29
C ASP B 77 13.15 -8.28 -11.83
N LEU B 78 12.66 -9.43 -11.41
CA LEU B 78 12.30 -9.64 -10.03
C LEU B 78 13.50 -9.33 -9.17
N ALA B 79 14.52 -10.13 -9.37
CA ALA B 79 15.78 -9.96 -8.67
C ALA B 79 16.26 -8.53 -8.80
N ALA B 80 15.83 -7.88 -9.88
CA ALA B 80 16.23 -6.51 -10.17
C ALA B 80 15.65 -5.52 -9.18
N LEU B 81 14.32 -5.54 -9.01
CA LEU B 81 13.67 -4.61 -8.12
C LEU B 81 13.70 -5.12 -6.69
N LEU B 82 13.80 -6.43 -6.52
CA LEU B 82 13.89 -7.02 -5.19
C LEU B 82 15.12 -6.50 -4.46
N SER B 83 16.19 -6.27 -5.21
CA SER B 83 17.43 -5.77 -4.64
C SER B 83 17.15 -4.45 -3.95
N SER B 84 16.23 -3.72 -4.54
CA SER B 84 15.80 -2.43 -4.02
C SER B 84 15.04 -2.67 -2.74
N VAL B 85 14.20 -3.68 -2.78
CA VAL B 85 13.40 -4.07 -1.65
C VAL B 85 14.31 -4.54 -0.53
N ARG B 86 15.49 -5.01 -0.91
CA ARG B 86 16.49 -5.45 0.04
C ARG B 86 17.17 -4.20 0.58
N ARG B 87 17.05 -3.14 -0.22
CA ARG B 87 17.61 -1.84 0.10
C ARG B 87 16.66 -1.12 1.06
N VAL B 88 15.46 -1.66 1.22
CA VAL B 88 14.45 -1.08 2.10
C VAL B 88 14.25 -1.97 3.34
N SER B 89 14.45 -3.27 3.15
CA SER B 89 14.28 -4.24 4.23
C SER B 89 15.33 -5.34 4.14
N ASP B 90 15.59 -6.01 5.26
CA ASP B 90 16.58 -7.08 5.28
C ASP B 90 16.25 -8.14 6.33
N ASP B 91 15.73 -7.70 7.48
CA ASP B 91 15.40 -8.60 8.57
C ASP B 91 13.96 -9.10 8.52
N VAL B 92 13.41 -9.28 7.32
CA VAL B 92 12.06 -9.78 7.17
C VAL B 92 12.00 -10.97 6.21
N ARG B 93 10.79 -11.40 5.85
CA ARG B 93 10.63 -12.54 4.96
C ARG B 93 9.49 -12.34 3.98
N SER B 94 9.25 -13.36 3.17
CA SER B 94 8.16 -13.36 2.21
C SER B 94 6.86 -13.73 2.91
N ALA B 95 5.74 -13.52 2.23
CA ALA B 95 4.45 -13.82 2.80
C ALA B 95 3.97 -15.22 2.38
N PRO A 1 -27.07 8.03 -9.04
CA PRO A 1 -27.44 8.93 -7.92
C PRO A 1 -26.25 9.16 -6.98
N GLY A 2 -25.66 10.35 -7.06
CA GLY A 2 -24.52 10.67 -6.21
C GLY A 2 -24.08 12.11 -6.37
N ASN A 3 -23.23 12.56 -5.44
CA ASN A 3 -22.73 13.93 -5.47
C ASN A 3 -21.99 14.20 -6.77
N PRO A 4 -22.55 15.07 -7.64
CA PRO A 4 -21.97 15.42 -8.92
C PRO A 4 -20.69 16.25 -8.79
N LEU A 5 -20.75 17.30 -8.00
CA LEU A 5 -19.62 18.19 -7.79
C LEU A 5 -18.70 17.73 -6.70
N GLU A 6 -19.27 17.21 -5.64
CA GLU A 6 -18.48 16.75 -4.51
C GLU A 6 -17.80 15.43 -4.83
N ALA A 7 -16.79 15.11 -4.02
CA ALA A 7 -16.05 13.89 -4.18
C ALA A 7 -15.54 13.39 -2.83
N VAL A 8 -15.11 14.32 -2.00
CA VAL A 8 -14.57 13.98 -0.70
C VAL A 8 -15.24 14.78 0.42
N VAL A 9 -15.57 14.08 1.48
CA VAL A 9 -16.21 14.65 2.66
C VAL A 9 -15.84 13.84 3.89
N PHE A 10 -16.03 14.39 5.08
CA PHE A 10 -15.71 13.64 6.28
C PHE A 10 -16.19 14.27 7.61
N GLU A 11 -16.17 13.44 8.66
CA GLU A 11 -16.51 13.85 10.02
C GLU A 11 -15.61 13.12 11.00
N GLU A 12 -15.13 13.81 11.97
CA GLU A 12 -14.22 13.19 12.91
C GLU A 12 -14.87 12.42 14.05
N ARG A 13 -13.98 11.67 14.69
CA ARG A 13 -14.27 10.77 15.77
C ARG A 13 -13.36 11.03 16.98
N ASP A 14 -13.97 11.42 18.10
CA ASP A 14 -13.21 11.68 19.33
C ASP A 14 -12.09 12.71 19.13
N GLY A 15 -12.23 13.54 18.12
CA GLY A 15 -11.22 14.58 17.87
C GLY A 15 -10.22 14.23 16.78
N ASN A 16 -10.51 13.18 16.02
CA ASN A 16 -9.66 12.77 14.92
C ASN A 16 -10.52 12.35 13.77
N ALA A 17 -9.98 12.37 12.59
CA ALA A 17 -10.78 12.02 11.43
C ALA A 17 -10.41 10.64 10.90
N VAL A 18 -11.42 9.79 10.73
CA VAL A 18 -11.20 8.43 10.23
C VAL A 18 -11.93 8.22 8.90
N LEU A 19 -11.19 8.15 7.80
CA LEU A 19 -11.86 8.09 6.50
C LEU A 19 -11.07 7.34 5.44
N ASN A 20 -11.58 7.40 4.21
CA ASN A 20 -10.96 6.71 3.09
C ASN A 20 -10.69 7.65 1.91
N LEU A 21 -9.74 7.28 1.06
CA LEU A 21 -9.36 8.11 -0.09
C LEU A 21 -8.84 7.26 -1.24
N LEU A 22 -9.52 7.33 -2.38
CA LEU A 22 -9.09 6.59 -3.56
C LEU A 22 -8.45 7.52 -4.56
N PHE A 23 -7.62 6.97 -5.45
CA PHE A 23 -6.98 7.77 -6.48
C PHE A 23 -6.35 6.90 -7.55
N SER A 24 -7.07 6.79 -8.64
CA SER A 24 -6.65 6.00 -9.79
C SER A 24 -6.23 6.91 -10.95
N LEU A 25 -5.69 6.28 -11.99
CA LEU A 25 -5.22 7.01 -13.15
C LEU A 25 -5.20 6.10 -14.39
N ARG A 26 -4.76 6.63 -15.52
CA ARG A 26 -4.71 5.87 -16.76
C ARG A 26 -3.76 6.50 -17.77
N GLY A 27 -4.30 7.33 -18.67
CA GLY A 27 -3.49 7.97 -19.68
C GLY A 27 -2.60 9.06 -19.12
N THR A 28 -1.40 9.18 -19.69
CA THR A 28 -0.41 10.18 -19.27
C THR A 28 -0.47 10.48 -17.77
N LYS A 29 -0.19 9.47 -16.96
CA LYS A 29 -0.21 9.61 -15.51
C LYS A 29 0.83 8.70 -14.85
N PRO A 30 1.53 9.21 -13.83
CA PRO A 30 2.56 8.44 -13.12
C PRO A 30 1.99 7.53 -12.04
N SER A 31 2.77 6.53 -11.63
CA SER A 31 2.35 5.59 -10.61
C SER A 31 3.07 5.86 -9.30
N SER A 32 3.50 7.11 -9.11
CA SER A 32 4.18 7.50 -7.90
C SER A 32 3.16 7.75 -6.80
N LEU A 33 2.57 6.66 -6.31
CA LEU A 33 1.55 6.75 -5.31
C LEU A 33 2.13 6.45 -3.93
N SER A 34 3.36 5.95 -3.92
CA SER A 34 4.07 5.67 -2.68
C SER A 34 4.10 6.94 -1.84
N ARG A 35 4.26 8.06 -2.51
CA ARG A 35 4.28 9.34 -1.83
C ARG A 35 2.98 9.55 -1.06
N ALA A 36 1.92 8.89 -1.53
CA ALA A 36 0.62 8.97 -0.87
C ALA A 36 0.68 8.32 0.51
N VAL A 37 1.34 7.17 0.60
CA VAL A 37 1.47 6.48 1.90
C VAL A 37 2.34 7.33 2.82
N LYS A 38 3.14 8.22 2.23
CA LYS A 38 4.01 9.11 2.99
C LYS A 38 3.16 10.17 3.70
N VAL A 39 1.97 10.39 3.18
CA VAL A 39 1.05 11.38 3.73
C VAL A 39 0.51 10.95 5.07
N PHE A 40 -0.29 9.90 5.05
CA PHE A 40 -0.88 9.37 6.27
C PHE A 40 0.20 9.02 7.30
N GLU A 41 1.40 8.73 6.79
CA GLU A 41 2.52 8.37 7.64
C GLU A 41 3.31 9.59 8.13
N THR A 42 3.27 10.69 7.38
CA THR A 42 4.02 11.90 7.76
C THR A 42 3.54 12.47 9.09
N PHE A 43 2.23 12.47 9.31
CA PHE A 43 1.69 13.00 10.56
C PHE A 43 1.44 11.88 11.56
N GLU A 44 2.08 10.74 11.30
CA GLU A 44 1.97 9.59 12.18
C GLU A 44 0.52 9.23 12.44
N ALA A 45 -0.32 9.30 11.41
CA ALA A 45 -1.72 8.95 11.55
C ALA A 45 -1.84 7.44 11.77
N LYS A 46 -3.05 6.96 12.01
CA LYS A 46 -3.27 5.54 12.23
C LYS A 46 -4.03 4.95 11.06
N ILE A 47 -3.32 4.26 10.18
CA ILE A 47 -3.91 3.67 9.02
C ILE A 47 -4.68 2.39 9.36
N HIS A 48 -5.90 2.32 8.86
CA HIS A 48 -6.78 1.18 9.09
C HIS A 48 -6.52 0.07 8.08
N HIS A 49 -6.53 0.43 6.79
CA HIS A 49 -6.31 -0.54 5.73
C HIS A 49 -5.96 0.14 4.41
N LEU A 50 -4.66 0.21 4.12
CA LEU A 50 -4.19 0.81 2.88
C LEU A 50 -3.99 -0.27 1.83
N GLU A 51 -4.47 -0.01 0.65
CA GLU A 51 -4.35 -0.92 -0.47
C GLU A 51 -3.70 -0.20 -1.63
N THR A 52 -2.97 -0.93 -2.45
CA THR A 52 -2.30 -0.33 -3.59
C THR A 52 -3.25 -0.02 -4.72
N ARG A 53 -2.69 0.32 -5.87
CA ARG A 53 -3.48 0.69 -7.02
C ARG A 53 -4.01 -0.51 -7.80
N PRO A 54 -3.13 -1.38 -8.31
CA PRO A 54 -3.58 -2.50 -9.13
C PRO A 54 -4.84 -3.19 -8.62
N ALA A 55 -5.66 -3.54 -9.60
CA ALA A 55 -6.92 -4.20 -9.35
C ALA A 55 -7.36 -4.99 -10.54
N GLN A 56 -8.50 -5.64 -10.38
CA GLN A 56 -9.11 -6.41 -11.43
C GLN A 56 -10.51 -6.82 -11.00
N ARG A 57 -11.43 -6.64 -11.89
CA ARG A 57 -12.84 -6.96 -11.64
C ARG A 57 -13.57 -7.24 -12.95
N PRO A 58 -13.61 -6.26 -13.88
CA PRO A 58 -14.28 -6.44 -15.18
C PRO A 58 -13.70 -7.61 -15.97
N LEU A 59 -12.54 -7.37 -16.58
CA LEU A 59 -11.86 -8.39 -17.38
C LEU A 59 -10.78 -9.08 -16.56
N ALA A 60 -10.08 -8.26 -15.78
CA ALA A 60 -8.99 -8.72 -14.94
C ALA A 60 -7.74 -8.98 -15.78
N GLY A 61 -6.62 -8.42 -15.35
CA GLY A 61 -5.39 -8.55 -16.10
C GLY A 61 -5.32 -7.52 -17.19
N SER A 62 -6.30 -6.63 -17.19
CA SER A 62 -6.40 -5.55 -18.17
C SER A 62 -6.43 -4.19 -17.46
N PRO A 63 -6.27 -3.09 -18.22
CA PRO A 63 -6.28 -1.73 -17.66
C PRO A 63 -7.42 -1.48 -16.68
N HIS A 64 -7.13 -1.62 -15.38
CA HIS A 64 -8.10 -1.38 -14.32
C HIS A 64 -7.43 -1.45 -12.97
N LEU A 65 -7.66 -0.43 -12.15
CA LEU A 65 -7.09 -0.40 -10.82
C LEU A 65 -7.48 0.85 -10.03
N GLU A 66 -6.98 0.94 -8.80
CA GLU A 66 -7.32 2.04 -7.90
C GLU A 66 -6.65 1.90 -6.53
N TYR A 67 -6.44 3.05 -5.87
CA TYR A 67 -5.84 3.07 -4.54
C TYR A 67 -6.91 3.14 -3.44
N PHE A 68 -7.19 2.00 -2.82
CA PHE A 68 -8.17 1.96 -1.74
C PHE A 68 -7.47 2.14 -0.40
N VAL A 69 -7.87 3.17 0.35
CA VAL A 69 -7.23 3.44 1.64
C VAL A 69 -8.21 3.79 2.75
N ARG A 70 -7.87 3.37 3.95
CA ARG A 70 -8.64 3.69 5.14
C ARG A 70 -7.64 4.09 6.23
N PHE A 71 -7.83 5.28 6.78
CA PHE A 71 -6.90 5.79 7.78
C PHE A 71 -7.55 6.83 8.69
N GLU A 72 -6.86 7.13 9.79
CA GLU A 72 -7.35 8.13 10.75
C GLU A 72 -6.23 9.12 11.07
N VAL A 73 -6.59 10.38 11.19
CA VAL A 73 -5.61 11.44 11.47
C VAL A 73 -6.27 12.55 12.24
N PRO A 74 -5.61 13.10 13.26
CA PRO A 74 -6.15 14.21 14.00
C PRO A 74 -6.92 15.13 13.06
N SER A 75 -8.15 15.45 13.44
CA SER A 75 -9.02 16.29 12.63
C SER A 75 -8.26 17.49 12.04
N GLY A 76 -7.20 17.90 12.72
CA GLY A 76 -6.41 19.04 12.26
C GLY A 76 -5.25 18.64 11.37
N ASP A 77 -4.59 17.53 11.69
CA ASP A 77 -3.44 17.08 10.92
C ASP A 77 -3.92 16.41 9.64
N LEU A 78 -5.18 16.05 9.62
CA LEU A 78 -5.77 15.45 8.45
C LEU A 78 -5.56 16.40 7.29
N ALA A 79 -6.19 17.54 7.41
CA ALA A 79 -6.06 18.59 6.43
C ALA A 79 -4.60 18.88 6.14
N ALA A 80 -3.75 18.56 7.11
CA ALA A 80 -2.32 18.78 7.00
C ALA A 80 -1.67 17.86 5.99
N LEU A 81 -1.89 16.55 6.14
CA LEU A 81 -1.28 15.59 5.24
C LEU A 81 -2.13 15.44 3.99
N LEU A 82 -3.42 15.74 4.09
CA LEU A 82 -4.31 15.67 2.95
C LEU A 82 -3.87 16.67 1.90
N SER A 83 -3.28 17.77 2.36
CA SER A 83 -2.81 18.80 1.46
C SER A 83 -1.80 18.20 0.50
N SER A 84 -1.07 17.25 1.04
CA SER A 84 -0.07 16.51 0.29
C SER A 84 -0.76 15.54 -0.67
N VAL A 85 -1.81 14.92 -0.16
CA VAL A 85 -2.57 13.96 -0.91
C VAL A 85 -3.29 14.61 -2.08
N ARG A 86 -3.73 15.84 -1.89
CA ARG A 86 -4.39 16.56 -2.97
C ARG A 86 -3.32 17.03 -3.93
N ARG A 87 -2.08 16.96 -3.45
CA ARG A 87 -0.91 17.31 -4.21
C ARG A 87 -0.51 16.12 -5.07
N VAL A 88 -1.06 14.96 -4.73
CA VAL A 88 -0.79 13.72 -5.46
C VAL A 88 -2.02 13.29 -6.25
N SER A 89 -3.20 13.73 -5.80
CA SER A 89 -4.45 13.40 -6.46
C SER A 89 -5.40 14.59 -6.46
N ASP A 90 -6.28 14.67 -7.46
CA ASP A 90 -7.21 15.78 -7.55
C ASP A 90 -8.55 15.37 -8.16
N ASP A 91 -8.48 14.57 -9.22
CA ASP A 91 -9.69 14.13 -9.91
C ASP A 91 -10.23 12.82 -9.37
N VAL A 92 -10.17 12.65 -8.04
CA VAL A 92 -10.67 11.43 -7.42
C VAL A 92 -11.64 11.73 -6.29
N ARG A 93 -11.92 10.71 -5.48
CA ARG A 93 -12.85 10.86 -4.36
C ARG A 93 -12.46 9.97 -3.18
N SER A 94 -13.28 10.03 -2.13
CA SER A 94 -13.07 9.22 -0.95
C SER A 94 -13.61 7.81 -1.18
N ALA A 95 -13.33 6.90 -0.27
CA ALA A 95 -13.81 5.54 -0.39
C ALA A 95 -14.95 5.25 0.58
N PRO B 1 7.89 -25.22 13.45
CA PRO B 1 8.46 -25.94 12.29
C PRO B 1 8.53 -25.05 11.06
N GLY B 2 9.75 -24.61 10.71
CA GLY B 2 9.94 -23.74 9.57
C GLY B 2 11.40 -23.47 9.28
N ASN B 3 11.67 -22.93 8.09
CA ASN B 3 13.04 -22.63 7.69
C ASN B 3 13.69 -21.65 8.68
N PRO B 4 14.69 -22.14 9.44
CA PRO B 4 15.40 -21.32 10.43
C PRO B 4 16.25 -20.23 9.80
N LEU B 5 17.07 -20.62 8.83
CA LEU B 5 17.96 -19.68 8.17
C LEU B 5 17.31 -18.97 7.00
N GLU B 6 16.51 -19.69 6.26
CA GLU B 6 15.85 -19.11 5.10
C GLU B 6 14.70 -18.21 5.53
N ALA B 7 14.27 -17.37 4.59
CA ALA B 7 13.19 -16.45 4.82
C ALA B 7 12.42 -16.19 3.55
N VAL B 8 13.14 -16.09 2.45
CA VAL B 8 12.53 -15.82 1.16
C VAL B 8 12.97 -16.80 0.09
N VAL B 9 11.99 -17.27 -0.67
CA VAL B 9 12.22 -18.23 -1.75
C VAL B 9 11.15 -18.04 -2.82
N PHE B 10 11.37 -18.57 -4.02
CA PHE B 10 10.37 -18.41 -5.06
C PHE B 10 10.62 -19.24 -6.33
N GLU B 11 9.54 -19.35 -7.15
CA GLU B 11 9.58 -20.04 -8.44
C GLU B 11 8.70 -19.29 -9.41
N GLU B 12 9.16 -19.13 -10.61
CA GLU B 12 8.40 -18.38 -11.59
C GLU B 12 7.32 -19.15 -12.32
N ARG B 13 6.51 -18.34 -12.98
CA ARG B 13 5.34 -18.72 -13.73
C ARG B 13 5.38 -18.17 -15.15
N ASP B 14 5.43 -19.05 -16.15
CA ASP B 14 5.42 -18.62 -17.55
C ASP B 14 6.55 -17.64 -17.87
N GLY B 15 7.61 -17.66 -17.06
CA GLY B 15 8.74 -16.78 -17.31
C GLY B 15 8.75 -15.52 -16.45
N ASN B 16 7.91 -15.49 -15.43
CA ASN B 16 7.85 -14.37 -14.51
C ASN B 16 7.67 -14.88 -13.12
N ALA B 17 8.02 -14.11 -12.13
CA ALA B 17 7.91 -14.57 -10.78
C ALA B 17 6.74 -13.91 -10.05
N VAL B 18 5.89 -14.73 -9.46
CA VAL B 18 4.70 -14.23 -8.73
C VAL B 18 4.79 -14.60 -7.26
N LEU B 19 5.05 -13.64 -6.38
CA LEU B 19 5.26 -14.00 -4.98
C LEU B 19 4.86 -12.89 -4.01
N ASN B 20 5.18 -13.11 -2.74
CA ASN B 20 4.85 -12.17 -1.67
C ASN B 20 6.07 -11.79 -0.85
N LEU B 21 6.01 -10.62 -0.20
CA LEU B 21 7.11 -10.12 0.61
C LEU B 21 6.62 -9.25 1.76
N LEU B 22 6.91 -9.66 2.98
CA LEU B 22 6.54 -8.87 4.14
C LEU B 22 7.73 -8.16 4.73
N PHE B 23 7.48 -7.09 5.48
CA PHE B 23 8.57 -6.35 6.11
C PHE B 23 8.04 -5.39 7.17
N SER B 24 8.15 -5.84 8.39
CA SER B 24 7.71 -5.06 9.55
C SER B 24 8.91 -4.52 10.33
N LEU B 25 8.61 -3.69 11.32
CA LEU B 25 9.63 -3.06 12.14
C LEU B 25 9.06 -2.67 13.50
N ARG B 26 9.90 -2.06 14.35
CA ARG B 26 9.46 -1.62 15.67
C ARG B 26 10.41 -0.57 16.24
N GLY B 27 11.39 -1.01 17.04
CA GLY B 27 12.33 -0.09 17.65
C GLY B 27 13.30 0.50 16.65
N THR B 28 13.66 1.78 16.87
CA THR B 28 14.59 2.50 16.01
C THR B 28 14.50 2.08 14.54
N LYS B 29 13.34 2.29 13.94
CA LYS B 29 13.13 1.94 12.54
C LYS B 29 12.16 2.92 11.86
N PRO B 30 12.46 3.31 10.61
CA PRO B 30 11.61 4.24 9.86
C PRO B 30 10.42 3.57 9.19
N SER B 31 9.42 4.36 8.84
CA SER B 31 8.22 3.86 8.18
C SER B 31 8.21 4.24 6.71
N SER B 32 9.40 4.44 6.15
CA SER B 32 9.54 4.77 4.74
C SER B 32 9.43 3.51 3.92
N LEU B 33 8.22 2.97 3.85
CA LEU B 33 7.96 1.76 3.13
C LEU B 33 7.37 2.06 1.76
N SER B 34 6.98 3.31 1.55
CA SER B 34 6.46 3.75 0.27
C SER B 34 7.48 3.43 -0.82
N ARG B 35 8.74 3.57 -0.48
CA ARG B 35 9.81 3.27 -1.41
C ARG B 35 9.71 1.81 -1.86
N ALA B 36 9.10 0.98 -1.01
CA ALA B 36 8.92 -0.43 -1.32
C ALA B 36 7.95 -0.58 -2.49
N VAL B 37 6.86 0.19 -2.49
CA VAL B 37 5.90 0.13 -3.59
C VAL B 37 6.56 0.64 -4.87
N LYS B 38 7.62 1.43 -4.70
CA LYS B 38 8.37 1.97 -5.83
C LYS B 38 9.14 0.87 -6.52
N VAL B 39 9.38 -0.21 -5.79
CA VAL B 39 10.13 -1.35 -6.30
C VAL B 39 9.34 -2.11 -7.34
N PHE B 40 8.27 -2.74 -6.89
CA PHE B 40 7.40 -3.51 -7.77
C PHE B 40 6.91 -2.64 -8.92
N GLU B 41 6.84 -1.34 -8.69
CA GLU B 41 6.37 -0.39 -9.69
C GLU B 41 7.48 0.08 -10.62
N THR B 42 8.73 0.08 -10.14
CA THR B 42 9.85 0.56 -10.95
C THR B 42 10.04 -0.29 -12.22
N PHE B 43 9.89 -1.60 -12.11
CA PHE B 43 10.04 -2.47 -13.27
C PHE B 43 8.70 -2.77 -13.90
N GLU B 44 7.71 -1.95 -13.56
CA GLU B 44 6.38 -2.10 -14.10
C GLU B 44 5.84 -3.51 -13.90
N ALA B 45 6.10 -4.10 -12.74
CA ALA B 45 5.62 -5.43 -12.45
C ALA B 45 4.11 -5.40 -12.28
N LYS B 46 3.48 -6.56 -12.10
CA LYS B 46 2.04 -6.61 -11.94
C LYS B 46 1.70 -7.01 -10.51
N ILE B 47 1.31 -6.04 -9.72
CA ILE B 47 0.98 -6.28 -8.34
C ILE B 47 -0.39 -6.92 -8.19
N HIS B 48 -0.44 -7.97 -7.39
CA HIS B 48 -1.66 -8.72 -7.14
C HIS B 48 -2.45 -8.10 -5.99
N HIS B 49 -1.79 -7.87 -4.87
CA HIS B 49 -2.45 -7.29 -3.71
C HIS B 49 -1.44 -6.75 -2.70
N LEU B 50 -1.19 -5.45 -2.76
CA LEU B 50 -0.27 -4.79 -1.84
C LEU B 50 -1.04 -4.22 -0.67
N GLU B 51 -0.52 -4.46 0.52
CA GLU B 51 -1.12 -3.97 1.74
C GLU B 51 -0.07 -3.17 2.51
N THR B 52 -0.52 -2.20 3.26
CA THR B 52 0.39 -1.37 4.04
C THR B 52 0.90 -2.09 5.28
N ARG B 53 1.55 -1.34 6.14
CA ARG B 53 2.15 -1.91 7.34
C ARG B 53 1.14 -2.07 8.46
N PRO B 54 0.49 -1.00 8.94
CA PRO B 54 -0.42 -1.09 10.06
C PRO B 54 -1.31 -2.32 10.05
N ALA B 55 -1.46 -2.86 11.25
CA ALA B 55 -2.26 -4.04 11.48
C ALA B 55 -2.77 -4.10 12.90
N GLN B 56 -3.53 -5.14 13.16
CA GLN B 56 -4.05 -5.39 14.48
C GLN B 56 -4.67 -6.78 14.51
N ARG B 57 -4.33 -7.50 15.54
CA ARG B 57 -4.83 -8.87 15.72
C ARG B 57 -4.82 -9.25 17.21
N PRO B 58 -3.65 -9.21 17.87
CA PRO B 58 -3.55 -9.56 19.30
C PRO B 58 -4.42 -8.66 20.17
N LEU B 59 -3.97 -7.44 20.39
CA LEU B 59 -4.69 -6.47 21.21
C LEU B 59 -5.47 -5.51 20.33
N ALA B 60 -4.83 -5.12 19.23
CA ALA B 60 -5.40 -4.19 18.27
C ALA B 60 -5.35 -2.77 18.82
N GLY B 61 -4.81 -1.85 18.01
CA GLY B 61 -4.68 -0.48 18.44
C GLY B 61 -3.40 -0.30 19.22
N SER B 62 -2.61 -1.38 19.25
CA SER B 62 -1.33 -1.39 19.96
C SER B 62 -0.20 -1.77 19.00
N PRO B 63 1.07 -1.59 19.44
CA PRO B 63 2.24 -1.92 18.60
C PRO B 63 2.15 -3.27 17.90
N HIS B 64 1.72 -3.25 16.64
CA HIS B 64 1.60 -4.46 15.83
C HIS B 64 1.25 -4.10 14.40
N LEU B 65 2.02 -4.65 13.46
CA LEU B 65 1.76 -4.39 12.06
C LEU B 65 2.73 -5.12 11.13
N GLU B 66 2.55 -4.92 9.83
CA GLU B 66 3.36 -5.59 8.82
C GLU B 66 2.95 -5.23 7.39
N TYR B 67 3.90 -5.34 6.46
CA TYR B 67 3.64 -5.06 5.05
C TYR B 67 3.34 -6.33 4.27
N PHE B 68 2.07 -6.59 4.01
CA PHE B 68 1.68 -7.77 3.24
C PHE B 68 1.59 -7.42 1.76
N VAL B 69 2.35 -8.11 0.92
CA VAL B 69 2.35 -7.81 -0.51
C VAL B 69 2.33 -9.05 -1.38
N ARG B 70 1.65 -8.93 -2.51
CA ARG B 70 1.60 -9.98 -3.51
C ARG B 70 1.80 -9.32 -4.87
N PHE B 71 2.79 -9.78 -5.62
CA PHE B 71 3.11 -9.17 -6.91
C PHE B 71 3.83 -10.14 -7.83
N GLU B 72 3.91 -9.76 -9.11
CA GLU B 72 4.59 -10.59 -10.11
C GLU B 72 5.55 -9.71 -10.92
N VAL B 73 6.71 -10.25 -11.21
CA VAL B 73 7.74 -9.51 -11.96
C VAL B 73 8.56 -10.47 -12.77
N PRO B 74 8.90 -10.13 -14.03
CA PRO B 74 9.74 -10.98 -14.84
C PRO B 74 10.81 -11.62 -13.97
N SER B 75 10.92 -12.94 -14.09
CA SER B 75 11.87 -13.71 -13.30
C SER B 75 13.23 -13.01 -13.20
N GLY B 76 13.55 -12.19 -14.20
CA GLY B 76 14.81 -11.49 -14.20
C GLY B 76 14.74 -10.11 -13.56
N ASP B 77 13.66 -9.39 -13.79
CA ASP B 77 13.50 -8.05 -13.24
C ASP B 77 13.13 -8.14 -11.78
N LEU B 78 12.70 -9.32 -11.36
CA LEU B 78 12.36 -9.54 -9.98
C LEU B 78 13.57 -9.20 -9.15
N ALA B 79 14.60 -9.99 -9.35
CA ALA B 79 15.87 -9.80 -8.70
C ALA B 79 16.32 -8.35 -8.85
N ALA B 80 15.84 -7.71 -9.91
CA ALA B 80 16.20 -6.34 -10.21
C ALA B 80 15.61 -5.36 -9.20
N LEU B 81 14.29 -5.42 -9.00
CA LEU B 81 13.65 -4.51 -8.09
C LEU B 81 13.74 -5.04 -6.67
N LEU B 82 13.90 -6.34 -6.51
CA LEU B 82 14.05 -6.94 -5.20
C LEU B 82 15.30 -6.42 -4.54
N SER B 83 16.30 -6.11 -5.37
CA SER B 83 17.56 -5.57 -4.87
C SER B 83 17.29 -4.31 -4.08
N SER B 84 16.30 -3.60 -4.55
CA SER B 84 15.86 -2.37 -3.93
C SER B 84 15.11 -2.69 -2.65
N VAL B 85 14.29 -3.73 -2.72
CA VAL B 85 13.50 -4.17 -1.61
C VAL B 85 14.36 -4.70 -0.47
N ARG B 86 15.47 -5.32 -0.81
CA ARG B 86 16.39 -5.82 0.20
C ARG B 86 17.17 -4.64 0.74
N ARG B 87 17.06 -3.54 -0.01
CA ARG B 87 17.69 -2.28 0.34
C ARG B 87 16.78 -1.55 1.33
N VAL B 88 15.53 -2.00 1.39
CA VAL B 88 14.54 -1.41 2.28
C VAL B 88 14.23 -2.36 3.44
N SER B 89 14.45 -3.66 3.20
CA SER B 89 14.19 -4.68 4.21
C SER B 89 15.27 -5.76 4.18
N ASP B 90 15.52 -6.39 5.33
CA ASP B 90 16.55 -7.42 5.39
C ASP B 90 16.19 -8.52 6.39
N ASP B 91 15.70 -8.12 7.55
CA ASP B 91 15.36 -9.08 8.60
C ASP B 91 13.91 -9.53 8.51
N VAL B 92 13.42 -9.74 7.29
CA VAL B 92 12.05 -10.20 7.10
C VAL B 92 11.98 -11.44 6.21
N ARG B 93 10.78 -11.75 5.73
CA ARG B 93 10.56 -12.91 4.89
C ARG B 93 9.45 -12.68 3.87
N SER B 94 9.18 -13.71 3.07
CA SER B 94 8.11 -13.67 2.08
C SER B 94 6.77 -13.94 2.76
N ALA B 95 5.69 -13.75 2.02
CA ALA B 95 4.36 -14.00 2.57
C ALA B 95 3.76 -15.28 2.00
N PRO A 1 -6.73 24.16 -4.29
CA PRO A 1 -6.88 23.28 -5.47
C PRO A 1 -6.57 21.83 -5.12
N GLY A 2 -7.52 20.94 -5.42
CA GLY A 2 -7.34 19.53 -5.13
C GLY A 2 -8.61 18.73 -5.30
N ASN A 3 -9.74 19.30 -4.87
CA ASN A 3 -11.03 18.63 -4.98
C ASN A 3 -12.18 19.64 -4.92
N PRO A 4 -12.36 20.41 -6.01
CA PRO A 4 -13.44 21.39 -6.11
C PRO A 4 -14.81 20.74 -6.13
N LEU A 5 -14.93 19.72 -6.96
CA LEU A 5 -16.18 18.99 -7.10
C LEU A 5 -16.37 17.98 -6.00
N GLU A 6 -15.32 17.27 -5.70
CA GLU A 6 -15.32 16.28 -4.67
C GLU A 6 -16.53 15.35 -4.72
N ALA A 7 -16.49 14.33 -3.89
CA ALA A 7 -17.56 13.35 -3.83
C ALA A 7 -17.76 12.82 -2.42
N VAL A 8 -16.70 12.26 -1.84
CA VAL A 8 -16.82 11.68 -0.51
C VAL A 8 -15.76 12.22 0.47
N VAL A 9 -16.25 12.91 1.50
CA VAL A 9 -15.42 13.49 2.56
C VAL A 9 -15.02 12.51 3.67
N PHE A 10 -14.98 13.03 4.90
CA PHE A 10 -14.54 12.26 6.06
C PHE A 10 -15.33 12.62 7.31
N GLU A 11 -14.99 11.95 8.41
CA GLU A 11 -15.62 12.18 9.70
C GLU A 11 -14.56 12.20 10.80
N GLU A 12 -14.98 12.39 12.04
CA GLU A 12 -14.04 12.43 13.16
C GLU A 12 -14.48 11.51 14.28
N ARG A 13 -13.48 10.87 14.86
CA ARG A 13 -13.64 9.96 15.95
C ARG A 13 -12.74 10.28 17.12
N ASP A 14 -13.32 10.44 18.30
CA ASP A 14 -12.57 10.71 19.52
C ASP A 14 -11.60 11.88 19.39
N GLY A 15 -11.85 12.79 18.47
CA GLY A 15 -10.97 13.93 18.31
C GLY A 15 -9.97 13.79 17.18
N ASN A 16 -10.27 12.91 16.23
CA ASN A 16 -9.43 12.69 15.07
C ASN A 16 -10.33 12.35 13.92
N ALA A 17 -9.79 12.20 12.74
CA ALA A 17 -10.63 11.88 11.61
C ALA A 17 -10.28 10.55 10.98
N VAL A 18 -11.29 9.70 10.93
CA VAL A 18 -11.17 8.40 10.34
C VAL A 18 -11.90 8.40 9.02
N LEU A 19 -11.19 8.09 7.95
CA LEU A 19 -11.79 8.12 6.63
C LEU A 19 -11.07 7.17 5.68
N ASN A 20 -11.61 7.09 4.48
CA ASN A 20 -11.05 6.25 3.44
C ASN A 20 -10.89 7.07 2.16
N LEU A 21 -9.98 6.65 1.28
CA LEU A 21 -9.73 7.41 0.06
C LEU A 21 -9.36 6.52 -1.11
N LEU A 22 -10.14 6.64 -2.18
CA LEU A 22 -9.87 5.89 -3.39
C LEU A 22 -9.40 6.80 -4.51
N PHE A 23 -8.64 6.24 -5.44
CA PHE A 23 -8.12 7.02 -6.57
C PHE A 23 -7.96 6.10 -7.78
N SER A 24 -8.35 6.60 -8.96
CA SER A 24 -8.29 5.79 -10.18
C SER A 24 -7.68 6.55 -11.34
N LEU A 25 -6.99 5.80 -12.20
CA LEU A 25 -6.34 6.36 -13.37
C LEU A 25 -6.52 5.46 -14.59
N ARG A 26 -5.78 5.74 -15.66
CA ARG A 26 -5.85 4.96 -16.88
C ARG A 26 -4.79 3.86 -16.88
N GLY A 27 -4.99 2.84 -17.69
CA GLY A 27 -4.04 1.75 -17.77
C GLY A 27 -4.45 0.56 -16.91
N THR A 28 -3.53 -0.38 -16.73
CA THR A 28 -3.80 -1.57 -15.93
C THR A 28 -2.63 -1.92 -15.03
N LYS A 29 -1.79 -0.92 -14.73
CA LYS A 29 -0.64 -1.13 -13.85
C LYS A 29 -0.38 0.08 -12.95
N PRO A 30 -1.39 0.48 -12.15
CA PRO A 30 -1.27 1.62 -11.24
C PRO A 30 -0.79 1.20 -9.85
N SER A 31 0.47 1.51 -9.54
CA SER A 31 1.04 1.17 -8.25
C SER A 31 1.70 2.39 -7.62
N SER A 32 1.26 3.57 -8.02
CA SER A 32 1.81 4.82 -7.48
C SER A 32 1.14 5.16 -6.16
N LEU A 33 0.93 4.15 -5.32
CA LEU A 33 0.30 4.35 -4.03
C LEU A 33 1.32 4.82 -3.01
N SER A 34 2.56 4.87 -3.43
CA SER A 34 3.64 5.26 -2.53
C SER A 34 3.50 6.72 -2.12
N ARG A 35 3.58 7.60 -3.11
CA ARG A 35 3.47 9.04 -2.86
C ARG A 35 2.28 9.35 -1.95
N ALA A 36 1.32 8.44 -1.92
CA ALA A 36 0.13 8.60 -1.10
C ALA A 36 0.41 8.26 0.37
N VAL A 37 1.01 7.10 0.61
CA VAL A 37 1.33 6.69 1.98
C VAL A 37 2.23 7.71 2.68
N LYS A 38 2.92 8.53 1.90
CA LYS A 38 3.81 9.55 2.46
C LYS A 38 3.00 10.53 3.30
N VAL A 39 1.75 10.68 2.91
CA VAL A 39 0.82 11.59 3.56
C VAL A 39 0.40 11.12 4.93
N PHE A 40 -0.32 10.03 4.98
CA PHE A 40 -0.80 9.47 6.23
C PHE A 40 0.35 9.21 7.21
N GLU A 41 1.55 8.98 6.67
CA GLU A 41 2.71 8.70 7.50
C GLU A 41 3.43 9.97 7.95
N THR A 42 3.36 11.04 7.16
CA THR A 42 4.05 12.29 7.50
C THR A 42 3.58 12.85 8.85
N PHE A 43 2.27 12.83 9.10
CA PHE A 43 1.76 13.35 10.36
C PHE A 43 1.58 12.24 11.38
N GLU A 44 2.28 11.14 11.16
CA GLU A 44 2.24 10.00 12.06
C GLU A 44 0.81 9.58 12.37
N ALA A 45 -0.06 9.62 11.36
CA ALA A 45 -1.43 9.21 11.55
C ALA A 45 -1.50 7.71 11.79
N LYS A 46 -2.68 7.19 12.12
CA LYS A 46 -2.85 5.77 12.37
C LYS A 46 -3.61 5.14 11.22
N ILE A 47 -2.90 4.40 10.39
CA ILE A 47 -3.49 3.77 9.24
C ILE A 47 -4.27 2.51 9.61
N HIS A 48 -5.48 2.42 9.08
CA HIS A 48 -6.36 1.30 9.34
C HIS A 48 -6.14 0.18 8.32
N HIS A 49 -6.21 0.52 7.04
CA HIS A 49 -6.03 -0.48 6.00
C HIS A 49 -5.73 0.14 4.63
N LEU A 50 -4.46 0.16 4.26
CA LEU A 50 -4.02 0.67 2.96
C LEU A 50 -3.94 -0.52 2.01
N GLU A 51 -4.59 -0.42 0.85
CA GLU A 51 -4.60 -1.52 -0.09
C GLU A 51 -4.72 -1.07 -1.54
N THR A 52 -4.23 -1.92 -2.44
CA THR A 52 -4.30 -1.63 -3.87
C THR A 52 -4.89 -2.84 -4.60
N ARG A 53 -5.80 -2.59 -5.53
CA ARG A 53 -6.43 -3.67 -6.29
C ARG A 53 -7.48 -3.11 -7.26
N PRO A 54 -7.84 -3.88 -8.32
CA PRO A 54 -8.83 -3.45 -9.30
C PRO A 54 -10.07 -2.88 -8.67
N ALA A 55 -10.71 -2.01 -9.42
CA ALA A 55 -11.92 -1.38 -8.99
C ALA A 55 -13.10 -2.32 -9.11
N GLN A 56 -14.27 -1.71 -9.08
CA GLN A 56 -15.51 -2.44 -9.19
C GLN A 56 -16.62 -1.50 -9.64
N ARG A 57 -17.81 -1.66 -9.03
CA ARG A 57 -19.02 -0.87 -9.29
C ARG A 57 -19.95 -1.54 -10.33
N PRO A 58 -19.61 -1.56 -11.65
CA PRO A 58 -20.45 -2.19 -12.66
C PRO A 58 -20.27 -3.70 -12.77
N LEU A 59 -19.01 -4.14 -12.72
CA LEU A 59 -18.69 -5.56 -12.86
C LEU A 59 -17.82 -6.06 -11.72
N ALA A 60 -16.72 -5.36 -11.49
CA ALA A 60 -15.75 -5.68 -10.44
C ALA A 60 -14.74 -6.70 -10.94
N GLY A 61 -13.47 -6.28 -10.98
CA GLY A 61 -12.40 -7.13 -11.46
C GLY A 61 -11.95 -6.71 -12.84
N SER A 62 -12.90 -6.14 -13.60
CA SER A 62 -12.65 -5.66 -14.96
C SER A 62 -11.39 -4.79 -15.02
N PRO A 63 -10.89 -4.49 -16.24
CA PRO A 63 -9.68 -3.69 -16.44
C PRO A 63 -9.54 -2.49 -15.49
N HIS A 64 -10.66 -1.86 -15.13
CA HIS A 64 -10.62 -0.69 -14.25
C HIS A 64 -9.77 -0.95 -13.02
N LEU A 65 -9.20 0.13 -12.49
CA LEU A 65 -8.34 0.04 -11.32
C LEU A 65 -8.51 1.25 -10.40
N GLU A 66 -8.29 1.02 -9.11
CA GLU A 66 -8.38 2.06 -8.10
C GLU A 66 -7.77 1.58 -6.78
N TYR A 67 -7.46 2.50 -5.87
CA TYR A 67 -6.88 2.10 -4.59
C TYR A 67 -7.82 2.41 -3.43
N PHE A 68 -7.95 1.44 -2.57
CA PHE A 68 -8.76 1.55 -1.37
C PHE A 68 -7.87 1.75 -0.15
N VAL A 69 -8.11 2.80 0.60
CA VAL A 69 -7.30 3.10 1.78
C VAL A 69 -8.15 3.59 2.94
N ARG A 70 -7.73 3.24 4.15
CA ARG A 70 -8.41 3.66 5.36
C ARG A 70 -7.37 4.11 6.38
N PHE A 71 -7.53 5.32 6.89
CA PHE A 71 -6.58 5.85 7.86
C PHE A 71 -7.22 6.91 8.76
N GLU A 72 -6.57 7.19 9.88
CA GLU A 72 -7.07 8.18 10.83
C GLU A 72 -5.98 9.20 11.14
N VAL A 73 -6.38 10.46 11.24
CA VAL A 73 -5.44 11.54 11.52
C VAL A 73 -6.16 12.63 12.27
N PRO A 74 -5.54 13.23 13.31
CA PRO A 74 -6.16 14.32 14.03
C PRO A 74 -6.97 15.19 13.10
N SER A 75 -8.21 15.48 13.50
CA SER A 75 -9.12 16.28 12.68
C SER A 75 -8.41 17.52 12.13
N GLY A 76 -7.32 17.91 12.78
CA GLY A 76 -6.57 19.08 12.35
C GLY A 76 -5.40 18.75 11.42
N ASP A 77 -4.69 17.66 11.70
CA ASP A 77 -3.54 17.27 10.89
C ASP A 77 -4.00 16.55 9.64
N LEU A 78 -5.25 16.13 9.65
CA LEU A 78 -5.82 15.48 8.50
C LEU A 78 -5.69 16.41 7.32
N ALA A 79 -6.37 17.52 7.43
CA ALA A 79 -6.33 18.56 6.42
C ALA A 79 -4.88 18.89 6.08
N ALA A 80 -3.99 18.64 7.04
CA ALA A 80 -2.58 18.91 6.88
C ALA A 80 -1.92 18.00 5.86
N LEU A 81 -2.08 16.68 6.03
CA LEU A 81 -1.46 15.75 5.13
C LEU A 81 -2.34 15.52 3.91
N LEU A 82 -3.65 15.75 4.07
CA LEU A 82 -4.56 15.61 2.95
C LEU A 82 -4.16 16.57 1.85
N SER A 83 -3.73 17.76 2.24
CA SER A 83 -3.30 18.76 1.28
C SER A 83 -2.21 18.17 0.41
N SER A 84 -1.42 17.33 1.03
CA SER A 84 -0.33 16.64 0.37
C SER A 84 -0.93 15.66 -0.62
N VAL A 85 -1.97 14.99 -0.17
CA VAL A 85 -2.67 14.04 -0.98
C VAL A 85 -3.31 14.76 -2.15
N ARG A 86 -3.57 16.04 -1.94
CA ARG A 86 -4.12 16.91 -2.98
C ARG A 86 -2.98 17.30 -3.89
N ARG A 87 -1.78 17.25 -3.31
CA ARG A 87 -0.55 17.56 -4.02
C ARG A 87 -0.12 16.36 -4.85
N VAL A 88 -0.58 15.17 -4.43
CA VAL A 88 -0.25 13.93 -5.14
C VAL A 88 -1.33 13.60 -6.16
N SER A 89 -2.58 13.90 -5.83
CA SER A 89 -3.69 13.58 -6.71
C SER A 89 -4.78 14.65 -6.64
N ASP A 90 -5.79 14.52 -7.50
CA ASP A 90 -6.89 15.47 -7.56
C ASP A 90 -8.23 14.75 -7.77
N ASP A 91 -8.21 13.67 -8.54
CA ASP A 91 -9.42 12.90 -8.82
C ASP A 91 -9.61 11.81 -7.77
N VAL A 92 -9.56 12.20 -6.50
CA VAL A 92 -9.73 11.28 -5.39
C VAL A 92 -11.00 11.60 -4.61
N ARG A 93 -11.58 10.57 -4.02
CA ARG A 93 -12.79 10.69 -3.22
C ARG A 93 -12.69 9.77 -2.02
N SER A 94 -13.61 9.88 -1.07
CA SER A 94 -13.56 8.99 0.08
C SER A 94 -14.28 7.69 -0.25
N ALA A 95 -13.94 6.67 0.50
CA ALA A 95 -14.52 5.35 0.29
C ALA A 95 -15.76 5.12 1.16
N PRO B 1 23.85 -8.81 0.36
CA PRO B 1 23.28 -8.57 1.71
C PRO B 1 21.81 -8.16 1.62
N GLY B 2 20.96 -8.88 2.33
CA GLY B 2 19.54 -8.59 2.32
C GLY B 2 18.71 -9.67 2.98
N ASN B 3 19.07 -10.93 2.72
CA ASN B 3 18.34 -12.06 3.30
C ASN B 3 19.21 -13.32 3.31
N PRO B 4 20.21 -13.36 4.21
CA PRO B 4 21.10 -14.51 4.36
C PRO B 4 20.37 -15.73 4.87
N LEU B 5 19.57 -15.53 5.92
CA LEU B 5 18.80 -16.61 6.51
C LEU B 5 17.55 -16.91 5.74
N GLU B 6 16.87 -15.85 5.36
CA GLU B 6 15.66 -15.95 4.61
C GLU B 6 14.68 -16.98 5.16
N ALA B 7 13.49 -16.98 4.60
CA ALA B 7 12.45 -17.90 5.02
C ALA B 7 11.57 -18.33 3.86
N VAL B 8 10.96 -17.36 3.17
CA VAL B 8 10.08 -17.70 2.07
C VAL B 8 10.43 -16.97 0.77
N VAL B 9 10.79 -17.76 -0.24
CA VAL B 9 11.16 -17.28 -1.57
C VAL B 9 9.98 -17.00 -2.50
N PHE B 10 10.17 -17.31 -3.78
CA PHE B 10 9.18 -17.04 -4.81
C PHE B 10 9.16 -18.13 -5.88
N GLU B 11 8.25 -17.96 -6.85
CA GLU B 11 8.11 -18.90 -7.96
C GLU B 11 7.94 -18.11 -9.26
N GLU B 12 7.79 -18.82 -10.37
CA GLU B 12 7.62 -18.17 -11.66
C GLU B 12 6.42 -18.71 -12.41
N ARG B 13 5.74 -17.79 -13.07
CA ARG B 13 4.57 -18.07 -13.84
C ARG B 13 4.67 -17.49 -15.26
N ASP B 14 4.49 -18.36 -16.26
CA ASP B 14 4.50 -17.93 -17.66
C ASP B 14 5.74 -17.13 -18.04
N GLY B 15 6.83 -17.28 -17.30
CA GLY B 15 8.05 -16.56 -17.63
C GLY B 15 8.26 -15.31 -16.78
N ASN B 16 7.62 -15.29 -15.61
CA ASN B 16 7.77 -14.18 -14.68
C ASN B 16 7.65 -14.74 -13.30
N ALA B 17 7.85 -13.94 -12.29
CA ALA B 17 7.74 -14.45 -10.94
C ALA B 17 6.65 -13.80 -10.14
N VAL B 18 5.76 -14.65 -9.65
CA VAL B 18 4.65 -14.23 -8.83
C VAL B 18 4.93 -14.64 -7.40
N LEU B 19 4.95 -13.67 -6.51
CA LEU B 19 5.25 -13.94 -5.12
C LEU B 19 4.63 -12.92 -4.19
N ASN B 20 4.81 -13.16 -2.91
CA ASN B 20 4.30 -12.27 -1.88
C ASN B 20 5.42 -11.95 -0.89
N LEU B 21 5.31 -10.81 -0.21
CA LEU B 21 6.36 -10.40 0.72
C LEU B 21 5.82 -9.66 1.93
N LEU B 22 6.14 -10.19 3.11
CA LEU B 22 5.74 -9.56 4.34
C LEU B 22 6.93 -8.98 5.08
N PHE B 23 6.68 -7.96 5.89
CA PHE B 23 7.75 -7.32 6.66
C PHE B 23 7.18 -6.77 7.97
N SER B 24 7.93 -6.94 9.05
CA SER B 24 7.45 -6.51 10.36
C SER B 24 8.51 -5.77 11.15
N LEU B 25 8.06 -4.81 11.96
CA LEU B 25 8.95 -3.98 12.77
C LEU B 25 8.36 -3.78 14.16
N ARG B 26 8.96 -2.84 14.91
CA ARG B 26 8.50 -2.54 16.25
C ARG B 26 7.52 -1.37 16.24
N GLY B 27 6.72 -1.24 17.29
CA GLY B 27 5.76 -0.16 17.37
C GLY B 27 4.37 -0.58 16.92
N THR B 28 3.49 0.39 16.72
CA THR B 28 2.12 0.11 16.31
C THR B 28 1.65 1.09 15.24
N LYS B 29 2.61 1.69 14.52
CA LYS B 29 2.28 2.64 13.46
C LYS B 29 3.24 2.52 12.28
N PRO B 30 3.36 1.31 11.68
CA PRO B 30 4.23 1.08 10.55
C PRO B 30 3.52 1.29 9.21
N SER B 31 3.86 2.38 8.54
CA SER B 31 3.25 2.70 7.25
C SER B 31 4.31 3.03 6.21
N SER B 32 5.53 2.53 6.45
CA SER B 32 6.64 2.78 5.53
C SER B 32 6.59 1.79 4.37
N LEU B 33 5.39 1.54 3.86
CA LEU B 33 5.21 0.61 2.75
C LEU B 33 5.48 1.29 1.43
N SER B 34 5.74 2.60 1.51
CA SER B 34 5.98 3.37 0.31
C SER B 34 7.28 2.96 -0.37
N ARG B 35 8.38 3.11 0.34
CA ARG B 35 9.70 2.77 -0.18
C ARG B 35 9.68 1.38 -0.81
N ALA B 36 8.72 0.57 -0.39
CA ALA B 36 8.58 -0.79 -0.90
C ALA B 36 7.91 -0.79 -2.28
N VAL B 37 6.76 -0.11 -2.41
CA VAL B 37 6.05 -0.06 -3.69
C VAL B 37 6.94 0.51 -4.80
N LYS B 38 7.99 1.25 -4.42
CA LYS B 38 8.90 1.84 -5.39
C LYS B 38 9.59 0.74 -6.19
N VAL B 39 9.71 -0.40 -5.56
CA VAL B 39 10.37 -1.56 -6.13
C VAL B 39 9.53 -2.21 -7.23
N PHE B 40 8.40 -2.78 -6.84
CA PHE B 40 7.53 -3.45 -7.79
C PHE B 40 7.13 -2.52 -8.93
N GLU B 41 7.13 -1.21 -8.67
CA GLU B 41 6.75 -0.23 -9.68
C GLU B 41 7.91 0.19 -10.57
N THR B 42 9.14 0.15 -10.04
CA THR B 42 10.31 0.57 -10.81
C THR B 42 10.49 -0.25 -12.09
N PHE B 43 10.30 -1.57 -12.00
CA PHE B 43 10.44 -2.43 -13.18
C PHE B 43 9.11 -2.67 -13.84
N GLU B 44 8.16 -1.79 -13.57
CA GLU B 44 6.83 -1.88 -14.16
C GLU B 44 6.23 -3.27 -14.00
N ALA B 45 6.46 -3.88 -12.84
CA ALA B 45 5.91 -5.21 -12.58
C ALA B 45 4.39 -5.12 -12.45
N LYS B 46 3.73 -6.26 -12.36
CA LYS B 46 2.27 -6.29 -12.24
C LYS B 46 1.89 -6.68 -10.83
N ILE B 47 1.43 -5.70 -10.06
CA ILE B 47 1.06 -5.94 -8.68
C ILE B 47 -0.31 -6.60 -8.56
N HIS B 48 -0.36 -7.64 -7.74
CA HIS B 48 -1.58 -8.39 -7.51
C HIS B 48 -2.39 -7.80 -6.36
N HIS B 49 -1.75 -7.63 -5.22
CA HIS B 49 -2.43 -7.08 -4.05
C HIS B 49 -1.47 -6.58 -2.97
N LEU B 50 -1.27 -5.26 -2.94
CA LEU B 50 -0.42 -4.62 -1.95
C LEU B 50 -1.32 -4.17 -0.81
N GLU B 51 -0.98 -4.55 0.42
CA GLU B 51 -1.83 -4.20 1.56
C GLU B 51 -1.04 -4.06 2.85
N THR B 52 -1.58 -3.27 3.77
CA THR B 52 -0.97 -3.05 5.07
C THR B 52 -2.01 -3.30 6.17
N ARG B 53 -1.60 -4.00 7.22
CA ARG B 53 -2.50 -4.29 8.34
C ARG B 53 -1.80 -5.16 9.39
N PRO B 54 -2.31 -5.17 10.64
CA PRO B 54 -1.73 -5.97 11.72
C PRO B 54 -1.44 -7.39 11.31
N ALA B 55 -0.47 -7.96 11.98
CA ALA B 55 -0.06 -9.30 11.73
C ALA B 55 -1.03 -10.28 12.36
N GLN B 56 -0.55 -11.50 12.49
CA GLN B 56 -1.32 -12.58 13.06
C GLN B 56 -0.39 -13.68 13.55
N ARG B 57 -0.78 -14.94 13.32
CA ARG B 57 -0.04 -16.16 13.69
C ARG B 57 -0.51 -16.73 15.04
N PRO B 58 -0.18 -16.11 16.21
CA PRO B 58 -0.60 -16.60 17.51
C PRO B 58 -2.02 -16.20 17.90
N LEU B 59 -2.36 -14.94 17.64
CA LEU B 59 -3.67 -14.39 18.00
C LEU B 59 -4.37 -13.75 16.82
N ALA B 60 -3.65 -12.83 16.17
CA ALA B 60 -4.15 -12.08 15.02
C ALA B 60 -4.93 -10.86 15.46
N GLY B 61 -4.41 -9.69 15.09
CA GLY B 61 -5.04 -8.43 15.47
C GLY B 61 -4.24 -7.75 16.56
N SER B 62 -3.59 -8.57 17.39
CA SER B 62 -2.77 -8.09 18.49
C SER B 62 -1.82 -6.97 18.05
N PRO B 63 -1.18 -6.26 19.02
CA PRO B 63 -0.27 -5.16 18.71
C PRO B 63 0.66 -5.41 17.52
N HIS B 64 1.10 -6.65 17.33
CA HIS B 64 2.02 -6.97 16.23
C HIS B 64 1.53 -6.38 14.91
N LEU B 65 2.48 -6.10 14.03
CA LEU B 65 2.17 -5.51 12.74
C LEU B 65 3.09 -6.05 11.64
N GLU B 66 2.58 -6.09 10.42
CA GLU B 66 3.32 -6.55 9.25
C GLU B 66 2.58 -6.19 7.98
N TYR B 67 3.27 -6.22 6.84
CA TYR B 67 2.62 -5.90 5.57
C TYR B 67 2.55 -7.09 4.65
N PHE B 68 1.38 -7.28 4.08
CA PHE B 68 1.13 -8.35 3.13
C PHE B 68 1.10 -7.78 1.71
N VAL B 69 1.90 -8.33 0.82
CA VAL B 69 1.96 -7.86 -0.56
C VAL B 69 2.07 -9.00 -1.55
N ARG B 70 1.47 -8.81 -2.72
CA ARG B 70 1.54 -9.80 -3.78
C ARG B 70 1.79 -9.09 -5.10
N PHE B 71 2.83 -9.52 -5.81
CA PHE B 71 3.17 -8.89 -7.08
C PHE B 71 3.92 -9.85 -8.00
N GLU B 72 3.97 -9.51 -9.28
CA GLU B 72 4.65 -10.35 -10.27
C GLU B 72 5.64 -9.50 -11.06
N VAL B 73 6.80 -10.07 -11.33
CA VAL B 73 7.86 -9.38 -12.07
C VAL B 73 8.66 -10.40 -12.85
N PRO B 74 9.03 -10.10 -14.11
CA PRO B 74 9.85 -11.02 -14.88
C PRO B 74 10.86 -11.72 -13.98
N SER B 75 10.95 -13.04 -14.11
CA SER B 75 11.85 -13.84 -13.29
C SER B 75 13.24 -13.20 -13.22
N GLY B 76 13.54 -12.34 -14.21
CA GLY B 76 14.83 -11.68 -14.25
C GLY B 76 14.84 -10.30 -13.59
N ASP B 77 13.78 -9.53 -13.79
CA ASP B 77 13.69 -8.19 -13.22
C ASP B 77 13.27 -8.25 -11.77
N LEU B 78 12.77 -9.40 -11.37
CA LEU B 78 12.36 -9.61 -10.00
C LEU B 78 13.57 -9.34 -9.12
N ALA B 79 14.56 -10.18 -9.30
CA ALA B 79 15.82 -10.05 -8.60
C ALA B 79 16.34 -8.63 -8.70
N ALA B 80 15.93 -7.95 -9.77
CA ALA B 80 16.34 -6.59 -10.03
C ALA B 80 15.77 -5.60 -9.03
N LEU B 81 14.44 -5.61 -8.88
CA LEU B 81 13.80 -4.69 -7.97
C LEU B 81 13.82 -5.23 -6.55
N LEU B 82 13.91 -6.56 -6.42
CA LEU B 82 13.98 -7.17 -5.10
C LEU B 82 15.20 -6.67 -4.37
N SER B 83 16.29 -6.50 -5.12
CA SER B 83 17.53 -6.01 -4.55
C SER B 83 17.26 -4.69 -3.87
N SER B 84 16.35 -3.94 -4.48
CA SER B 84 15.94 -2.66 -3.96
C SER B 84 15.19 -2.87 -2.66
N VAL B 85 14.35 -3.89 -2.67
CA VAL B 85 13.58 -4.27 -1.53
C VAL B 85 14.51 -4.72 -0.43
N ARG B 86 15.69 -5.19 -0.85
CA ARG B 86 16.72 -5.60 0.08
C ARG B 86 17.43 -4.35 0.57
N ARG B 87 17.33 -3.31 -0.26
CA ARG B 87 17.90 -2.02 0.02
C ARG B 87 16.98 -1.24 0.97
N VAL B 88 15.70 -1.62 0.96
CA VAL B 88 14.70 -0.98 1.81
C VAL B 88 14.54 -1.74 3.12
N SER B 89 14.64 -3.06 3.04
CA SER B 89 14.48 -3.90 4.23
C SER B 89 15.41 -5.11 4.19
N ASP B 90 15.41 -5.87 5.29
CA ASP B 90 16.25 -7.06 5.41
C ASP B 90 15.51 -8.20 6.09
N ASP B 91 14.65 -7.86 7.06
CA ASP B 91 13.90 -8.86 7.79
C ASP B 91 12.56 -9.14 7.10
N VAL B 92 12.63 -9.42 5.80
CA VAL B 92 11.44 -9.72 5.00
C VAL B 92 11.46 -11.15 4.51
N ARG B 93 10.28 -11.70 4.32
CA ARG B 93 10.10 -13.07 3.84
C ARG B 93 8.92 -13.11 2.89
N SER B 94 8.72 -14.22 2.20
CA SER B 94 7.58 -14.32 1.31
C SER B 94 6.35 -14.76 2.07
N ALA B 95 5.20 -14.47 1.51
CA ALA B 95 3.94 -14.80 2.15
C ALA B 95 3.40 -16.15 1.69
N PRO A 1 -20.51 -2.01 -2.04
CA PRO A 1 -20.87 -2.95 -0.95
C PRO A 1 -20.33 -2.47 0.40
N GLY A 2 -19.71 -1.29 0.41
CA GLY A 2 -19.16 -0.75 1.63
C GLY A 2 -20.07 0.29 2.26
N ASN A 3 -19.96 1.54 1.79
CA ASN A 3 -20.77 2.63 2.29
C ASN A 3 -21.73 3.13 1.22
N PRO A 4 -23.05 2.97 1.44
CA PRO A 4 -24.09 3.39 0.49
C PRO A 4 -24.18 4.90 0.34
N LEU A 5 -24.13 5.61 1.46
CA LEU A 5 -24.22 7.05 1.46
C LEU A 5 -22.88 7.73 1.30
N GLU A 6 -21.89 7.19 1.98
CA GLU A 6 -20.56 7.74 1.92
C GLU A 6 -19.90 7.51 0.58
N ALA A 7 -19.19 8.53 0.16
CA ALA A 7 -18.47 8.52 -1.09
C ALA A 7 -17.27 9.46 -0.98
N VAL A 8 -17.53 10.61 -0.37
CA VAL A 8 -16.51 11.66 -0.18
C VAL A 8 -16.71 12.40 1.14
N VAL A 9 -16.45 11.72 2.25
CA VAL A 9 -16.60 12.35 3.56
C VAL A 9 -15.55 11.84 4.54
N PHE A 10 -15.71 12.25 5.80
CA PHE A 10 -14.81 11.84 6.87
C PHE A 10 -15.49 12.03 8.22
N GLU A 11 -14.94 11.41 9.25
CA GLU A 11 -15.49 11.52 10.59
C GLU A 11 -14.38 11.67 11.59
N GLU A 12 -14.71 12.01 12.84
CA GLU A 12 -13.70 12.15 13.87
C GLU A 12 -13.97 11.24 15.03
N ARG A 13 -12.91 10.62 15.47
CA ARG A 13 -12.92 9.68 16.55
C ARG A 13 -11.97 10.08 17.68
N ASP A 14 -12.53 10.35 18.85
CA ASP A 14 -11.72 10.68 20.02
C ASP A 14 -10.75 11.84 19.80
N GLY A 15 -11.08 12.75 18.89
CA GLY A 15 -10.19 13.87 18.64
C GLY A 15 -9.32 13.72 17.42
N ASN A 16 -9.70 12.82 16.51
CA ASN A 16 -8.98 12.62 15.27
C ASN A 16 -9.98 12.24 14.21
N ALA A 17 -9.54 12.09 12.98
CA ALA A 17 -10.47 11.74 11.93
C ALA A 17 -10.12 10.42 11.26
N VAL A 18 -11.15 9.61 11.11
CA VAL A 18 -11.03 8.31 10.47
C VAL A 18 -11.81 8.31 9.18
N LEU A 19 -11.13 8.04 8.07
CA LEU A 19 -11.77 8.06 6.76
C LEU A 19 -11.05 7.20 5.74
N ASN A 20 -11.62 7.13 4.54
CA ASN A 20 -11.05 6.33 3.45
C ASN A 20 -10.85 7.16 2.18
N LEU A 21 -10.00 6.67 1.27
CA LEU A 21 -9.72 7.38 0.01
C LEU A 21 -9.35 6.42 -1.13
N LEU A 22 -10.15 6.45 -2.19
CA LEU A 22 -9.88 5.63 -3.39
C LEU A 22 -9.55 6.50 -4.59
N PHE A 23 -9.05 5.86 -5.65
CA PHE A 23 -8.77 6.53 -6.93
C PHE A 23 -8.52 5.52 -8.05
N SER A 24 -8.88 5.89 -9.27
CA SER A 24 -8.72 5.02 -10.44
C SER A 24 -8.03 5.78 -11.56
N LEU A 25 -7.35 5.04 -12.43
CA LEU A 25 -6.61 5.66 -13.53
C LEU A 25 -6.90 4.94 -14.84
N ARG A 26 -6.01 5.12 -15.81
CA ARG A 26 -6.16 4.47 -17.11
C ARG A 26 -5.60 3.06 -17.07
N GLY A 27 -4.73 2.80 -16.09
CA GLY A 27 -4.14 1.49 -15.95
C GLY A 27 -3.07 1.21 -16.99
N THR A 28 -1.82 1.60 -16.67
CA THR A 28 -0.71 1.39 -17.59
C THR A 28 0.62 1.71 -16.92
N LYS A 29 0.68 2.85 -16.25
CA LYS A 29 1.91 3.28 -15.58
C LYS A 29 1.63 3.93 -14.22
N PRO A 30 0.70 4.92 -14.14
CA PRO A 30 0.37 5.60 -12.87
C PRO A 30 0.10 4.63 -11.72
N SER A 31 1.17 4.24 -11.03
CA SER A 31 1.07 3.34 -9.90
C SER A 31 1.90 3.85 -8.73
N SER A 32 2.43 5.06 -8.88
CA SER A 32 3.23 5.69 -7.83
C SER A 32 2.37 5.98 -6.61
N LEU A 33 2.01 4.92 -5.91
CA LEU A 33 1.18 5.00 -4.72
C LEU A 33 2.01 5.33 -3.50
N SER A 34 3.31 5.20 -3.66
CA SER A 34 4.23 5.46 -2.58
C SER A 34 4.05 6.86 -2.01
N ARG A 35 3.95 7.84 -2.87
CA ARG A 35 3.78 9.21 -2.42
C ARG A 35 2.46 9.38 -1.68
N ALA A 36 1.46 8.58 -2.06
CA ALA A 36 0.16 8.63 -1.42
C ALA A 36 0.27 8.23 0.06
N VAL A 37 1.10 7.22 0.34
CA VAL A 37 1.29 6.76 1.72
C VAL A 37 2.13 7.76 2.51
N LYS A 38 2.89 8.60 1.80
CA LYS A 38 3.72 9.60 2.45
C LYS A 38 2.87 10.61 3.19
N VAL A 39 1.63 10.73 2.76
CA VAL A 39 0.68 11.65 3.35
C VAL A 39 0.29 11.21 4.75
N PHE A 40 -0.37 10.08 4.82
CA PHE A 40 -0.84 9.53 6.09
C PHE A 40 0.33 9.29 7.05
N GLU A 41 1.51 9.00 6.52
CA GLU A 41 2.68 8.72 7.35
C GLU A 41 3.43 9.98 7.76
N THR A 42 3.30 11.07 6.99
CA THR A 42 4.01 12.31 7.31
C THR A 42 3.56 12.90 8.66
N PHE A 43 2.25 12.88 8.92
CA PHE A 43 1.75 13.42 10.18
C PHE A 43 1.60 12.32 11.22
N GLU A 44 2.30 11.22 11.01
CA GLU A 44 2.28 10.09 11.92
C GLU A 44 0.86 9.63 12.23
N ALA A 45 0.00 9.66 11.21
CA ALA A 45 -1.38 9.21 11.38
C ALA A 45 -1.42 7.70 11.55
N LYS A 46 -2.53 7.17 12.02
CA LYS A 46 -2.66 5.72 12.22
C LYS A 46 -3.45 5.11 11.08
N ILE A 47 -2.76 4.39 10.21
CA ILE A 47 -3.40 3.77 9.07
C ILE A 47 -4.20 2.54 9.47
N HIS A 48 -5.41 2.45 8.94
CA HIS A 48 -6.31 1.34 9.23
C HIS A 48 -6.19 0.23 8.19
N HIS A 49 -6.27 0.60 6.92
CA HIS A 49 -6.19 -0.39 5.85
C HIS A 49 -5.82 0.24 4.50
N LEU A 50 -4.53 0.26 4.22
CA LEU A 50 -4.01 0.78 2.95
C LEU A 50 -3.86 -0.42 2.01
N GLU A 51 -4.45 -0.32 0.83
CA GLU A 51 -4.39 -1.43 -0.12
C GLU A 51 -4.64 -0.97 -1.55
N THR A 52 -4.10 -1.75 -2.48
CA THR A 52 -4.25 -1.47 -3.90
C THR A 52 -4.60 -2.76 -4.63
N ARG A 53 -5.52 -2.65 -5.58
CA ARG A 53 -5.96 -3.78 -6.38
C ARG A 53 -7.18 -3.38 -7.19
N PRO A 54 -7.64 -4.21 -8.14
CA PRO A 54 -8.82 -3.88 -8.94
C PRO A 54 -9.92 -3.34 -8.09
N ALA A 55 -10.68 -2.44 -8.66
CA ALA A 55 -11.77 -1.84 -7.96
C ALA A 55 -12.85 -2.82 -7.63
N GLN A 56 -13.98 -2.26 -7.19
CA GLN A 56 -15.13 -3.03 -6.79
C GLN A 56 -16.41 -2.25 -6.96
N ARG A 57 -16.46 -1.17 -6.21
CA ARG A 57 -17.58 -0.23 -6.16
C ARG A 57 -18.66 -0.50 -7.22
N PRO A 58 -18.35 -0.37 -8.53
CA PRO A 58 -19.34 -0.61 -9.59
C PRO A 58 -19.75 -2.08 -9.68
N LEU A 59 -19.18 -2.79 -10.65
CA LEU A 59 -19.47 -4.20 -10.86
C LEU A 59 -18.56 -5.12 -10.05
N ALA A 60 -17.33 -4.68 -9.88
CA ALA A 60 -16.33 -5.43 -9.14
C ALA A 60 -15.94 -6.69 -9.89
N GLY A 61 -14.76 -7.24 -9.59
CA GLY A 61 -14.31 -8.42 -10.27
C GLY A 61 -14.37 -8.24 -11.78
N SER A 62 -13.88 -7.09 -12.23
CA SER A 62 -13.89 -6.75 -13.65
C SER A 62 -12.77 -5.76 -13.96
N PRO A 63 -12.44 -5.55 -15.25
CA PRO A 63 -11.36 -4.62 -15.65
C PRO A 63 -11.51 -3.23 -15.04
N HIS A 64 -11.01 -3.08 -13.81
CA HIS A 64 -11.06 -1.80 -13.10
C HIS A 64 -9.96 -1.74 -12.06
N LEU A 65 -9.66 -0.53 -11.58
CA LEU A 65 -8.61 -0.34 -10.59
C LEU A 65 -8.94 0.82 -9.65
N GLU A 66 -8.63 0.63 -8.37
CA GLU A 66 -8.87 1.66 -7.35
C GLU A 66 -7.95 1.46 -6.15
N TYR A 67 -7.48 2.55 -5.54
CA TYR A 67 -6.62 2.42 -4.35
C TYR A 67 -7.50 2.50 -3.11
N PHE A 68 -7.82 1.35 -2.53
CA PHE A 68 -8.64 1.35 -1.33
C PHE A 68 -7.76 1.59 -0.11
N VAL A 69 -8.03 2.69 0.61
CA VAL A 69 -7.24 3.03 1.78
C VAL A 69 -8.08 3.55 2.92
N ARG A 70 -7.64 3.25 4.14
CA ARG A 70 -8.30 3.72 5.35
C ARG A 70 -7.23 4.17 6.32
N PHE A 71 -7.41 5.34 6.89
CA PHE A 71 -6.44 5.88 7.82
C PHE A 71 -7.07 6.90 8.76
N GLU A 72 -6.39 7.17 9.86
CA GLU A 72 -6.88 8.13 10.85
C GLU A 72 -5.82 9.17 11.15
N VAL A 73 -6.23 10.43 11.26
CA VAL A 73 -5.30 11.53 11.52
C VAL A 73 -5.99 12.60 12.33
N PRO A 74 -5.32 13.19 13.33
CA PRO A 74 -5.90 14.26 14.10
C PRO A 74 -6.76 15.16 13.20
N SER A 75 -7.98 15.44 13.65
CA SER A 75 -8.92 16.25 12.88
C SER A 75 -8.23 17.48 12.29
N GLY A 76 -7.16 17.92 12.95
CA GLY A 76 -6.42 19.09 12.50
C GLY A 76 -5.32 18.77 11.50
N ASP A 77 -4.61 17.65 11.71
CA ASP A 77 -3.52 17.28 10.82
C ASP A 77 -4.04 16.56 9.59
N LEU A 78 -5.30 16.14 9.66
CA LEU A 78 -5.92 15.49 8.55
C LEU A 78 -5.85 16.40 7.35
N ALA A 79 -6.54 17.52 7.49
CA ALA A 79 -6.54 18.56 6.48
C ALA A 79 -5.12 18.89 6.05
N ALA A 80 -4.17 18.64 6.96
CA ALA A 80 -2.77 18.91 6.72
C ALA A 80 -2.17 18.00 5.67
N LEU A 81 -2.28 16.69 5.89
CA LEU A 81 -1.70 15.73 4.97
C LEU A 81 -2.63 15.46 3.80
N LEU A 82 -3.92 15.69 3.99
CA LEU A 82 -4.88 15.49 2.91
C LEU A 82 -4.52 16.40 1.75
N SER A 83 -4.09 17.61 2.07
CA SER A 83 -3.69 18.56 1.04
C SER A 83 -2.61 17.95 0.20
N SER A 84 -1.79 17.16 0.86
CA SER A 84 -0.69 16.45 0.22
C SER A 84 -1.26 15.37 -0.67
N VAL A 85 -2.32 14.74 -0.17
CA VAL A 85 -3.01 13.72 -0.91
C VAL A 85 -3.64 14.33 -2.15
N ARG A 86 -3.93 15.60 -2.07
CA ARG A 86 -4.47 16.35 -3.20
C ARG A 86 -3.32 16.69 -4.13
N ARG A 87 -2.13 16.62 -3.56
CA ARG A 87 -0.90 16.89 -4.28
C ARG A 87 -0.47 15.66 -5.08
N VAL A 88 -1.03 14.52 -4.69
CA VAL A 88 -0.74 13.26 -5.36
C VAL A 88 -1.92 12.84 -6.22
N SER A 89 -3.11 12.89 -5.61
CA SER A 89 -4.34 12.54 -6.31
C SER A 89 -5.04 13.79 -6.84
N ASP A 90 -5.81 13.63 -7.92
CA ASP A 90 -6.48 14.78 -8.50
C ASP A 90 -7.69 15.26 -7.69
N ASP A 91 -8.86 14.72 -7.96
CA ASP A 91 -10.07 15.14 -7.25
C ASP A 91 -10.92 13.94 -6.93
N VAL A 92 -10.26 12.86 -6.58
CA VAL A 92 -10.91 11.61 -6.26
C VAL A 92 -11.94 11.72 -5.13
N ARG A 93 -12.35 10.57 -4.59
CA ARG A 93 -13.34 10.50 -3.53
C ARG A 93 -12.91 9.54 -2.43
N SER A 94 -13.69 9.52 -1.35
CA SER A 94 -13.43 8.64 -0.22
C SER A 94 -14.00 7.24 -0.48
N ALA A 95 -13.69 6.32 0.42
CA ALA A 95 -14.19 4.95 0.30
C ALA A 95 -15.35 4.71 1.26
N PRO B 1 -3.10 -19.05 7.45
CA PRO B 1 -4.31 -19.51 6.72
C PRO B 1 -4.13 -19.36 5.22
N GLY B 2 -2.94 -18.93 4.80
CA GLY B 2 -2.67 -18.74 3.38
C GLY B 2 -1.89 -19.91 2.80
N ASN B 3 -0.57 -19.85 2.95
CA ASN B 3 0.30 -20.91 2.43
C ASN B 3 0.98 -21.66 3.58
N PRO B 4 0.67 -22.95 3.73
CA PRO B 4 1.22 -23.81 4.79
C PRO B 4 2.71 -24.07 4.63
N LEU B 5 3.12 -24.35 3.41
CA LEU B 5 4.52 -24.65 3.12
C LEU B 5 5.32 -23.41 2.78
N GLU B 6 4.70 -22.53 2.01
CA GLU B 6 5.35 -21.31 1.62
C GLU B 6 5.51 -20.34 2.76
N ALA B 7 6.66 -19.70 2.76
CA ALA B 7 7.01 -18.72 3.75
C ALA B 7 7.98 -17.71 3.15
N VAL B 8 8.93 -18.25 2.38
CA VAL B 8 9.96 -17.46 1.73
C VAL B 8 10.34 -18.05 0.37
N VAL B 9 9.45 -17.95 -0.60
CA VAL B 9 9.72 -18.48 -1.93
C VAL B 9 9.07 -17.63 -3.01
N PHE B 10 9.14 -18.10 -4.25
CA PHE B 10 8.56 -17.42 -5.39
C PHE B 10 8.36 -18.41 -6.53
N GLU B 11 7.54 -18.03 -7.50
CA GLU B 11 7.28 -18.89 -8.65
C GLU B 11 7.27 -18.05 -9.92
N GLU B 12 7.26 -18.71 -11.08
CA GLU B 12 7.24 -17.97 -12.33
C GLU B 12 6.04 -18.38 -13.18
N ARG B 13 5.42 -17.36 -13.71
CA ARG B 13 4.25 -17.49 -14.53
C ARG B 13 4.43 -16.88 -15.92
N ASP B 14 4.36 -17.72 -16.94
CA ASP B 14 4.46 -17.26 -18.32
C ASP B 14 5.71 -16.43 -18.60
N GLY B 15 6.78 -16.66 -17.86
CA GLY B 15 8.01 -15.90 -18.10
C GLY B 15 8.22 -14.76 -17.12
N ASN B 16 7.55 -14.81 -15.98
CA ASN B 16 7.70 -13.79 -14.95
C ASN B 16 7.52 -14.47 -13.62
N ALA B 17 7.70 -13.75 -12.53
CA ALA B 17 7.56 -14.36 -11.23
C ALA B 17 6.48 -13.70 -10.39
N VAL B 18 5.64 -14.55 -9.82
CA VAL B 18 4.55 -14.12 -8.97
C VAL B 18 4.83 -14.58 -7.54
N LEU B 19 4.88 -13.63 -6.61
CA LEU B 19 5.17 -13.97 -5.23
C LEU B 19 4.63 -12.92 -4.26
N ASN B 20 4.82 -13.18 -2.96
CA ASN B 20 4.36 -12.29 -1.90
C ASN B 20 5.49 -11.91 -0.94
N LEU B 21 5.30 -10.83 -0.19
CA LEU B 21 6.31 -10.37 0.77
C LEU B 21 5.71 -9.64 1.96
N LEU B 22 5.93 -10.17 3.17
CA LEU B 22 5.45 -9.53 4.39
C LEU B 22 6.61 -9.05 5.26
N PHE B 23 6.28 -8.25 6.28
CA PHE B 23 7.27 -7.77 7.27
C PHE B 23 6.57 -7.15 8.48
N SER B 24 7.22 -7.27 9.65
CA SER B 24 6.67 -6.74 10.89
C SER B 24 7.73 -5.92 11.60
N LEU B 25 7.29 -4.95 12.42
CA LEU B 25 8.20 -4.09 13.14
C LEU B 25 7.81 -3.97 14.60
N ARG B 26 8.29 -2.93 15.26
CA ARG B 26 7.98 -2.69 16.66
C ARG B 26 6.64 -1.96 16.80
N GLY B 27 6.22 -1.31 15.71
CA GLY B 27 4.96 -0.59 15.72
C GLY B 27 5.03 0.72 16.48
N THR B 28 5.43 1.79 15.80
CA THR B 28 5.54 3.11 16.42
C THR B 28 5.80 4.20 15.39
N LYS B 29 6.74 3.95 14.49
CA LYS B 29 7.08 4.91 13.45
C LYS B 29 7.35 4.25 12.10
N PRO B 30 8.22 3.20 12.05
CA PRO B 30 8.53 2.51 10.79
C PRO B 30 7.30 2.12 9.98
N SER B 31 6.85 3.04 9.14
CA SER B 31 5.67 2.82 8.29
C SER B 31 5.96 3.29 6.88
N SER B 32 7.21 3.67 6.62
CA SER B 32 7.61 4.12 5.29
C SER B 32 7.53 2.98 4.29
N LEU B 33 6.30 2.61 3.95
CA LEU B 33 6.03 1.53 3.02
C LEU B 33 6.12 2.01 1.60
N SER B 34 6.14 3.32 1.45
CA SER B 34 6.19 3.93 0.14
C SER B 34 7.39 3.43 -0.66
N ARG B 35 8.54 3.41 -0.04
CA ARG B 35 9.75 2.96 -0.72
C ARG B 35 9.62 1.49 -1.12
N ALA B 36 8.86 0.73 -0.34
CA ALA B 36 8.65 -0.68 -0.64
C ALA B 36 7.91 -0.85 -1.96
N VAL B 37 6.94 0.01 -2.21
CA VAL B 37 6.17 -0.05 -3.46
C VAL B 37 7.01 0.45 -4.63
N LYS B 38 8.05 1.23 -4.35
CA LYS B 38 8.93 1.76 -5.38
C LYS B 38 9.65 0.63 -6.08
N VAL B 39 9.77 -0.49 -5.39
CA VAL B 39 10.44 -1.66 -5.91
C VAL B 39 9.65 -2.29 -7.05
N PHE B 40 8.48 -2.80 -6.70
CA PHE B 40 7.61 -3.45 -7.65
C PHE B 40 7.22 -2.52 -8.80
N GLU B 41 7.18 -1.22 -8.53
CA GLU B 41 6.79 -0.24 -9.56
C GLU B 41 7.98 0.22 -10.41
N THR B 42 9.20 0.12 -9.89
CA THR B 42 10.37 0.57 -10.63
C THR B 42 10.57 -0.25 -11.91
N PHE B 43 10.39 -1.57 -11.83
CA PHE B 43 10.56 -2.41 -13.02
C PHE B 43 9.24 -2.64 -13.72
N GLU B 44 8.28 -1.76 -13.45
CA GLU B 44 6.97 -1.84 -14.07
C GLU B 44 6.33 -3.22 -13.88
N ALA B 45 6.54 -3.82 -12.72
CA ALA B 45 5.96 -5.13 -12.44
C ALA B 45 4.46 -4.99 -12.26
N LYS B 46 3.73 -6.11 -12.31
CA LYS B 46 2.29 -6.08 -12.15
C LYS B 46 1.91 -6.51 -10.74
N ILE B 47 1.48 -5.55 -9.94
CA ILE B 47 1.12 -5.83 -8.57
C ILE B 47 -0.24 -6.52 -8.48
N HIS B 48 -0.30 -7.56 -7.66
CA HIS B 48 -1.50 -8.34 -7.46
C HIS B 48 -2.32 -7.84 -6.27
N HIS B 49 -1.66 -7.69 -5.13
CA HIS B 49 -2.34 -7.23 -3.92
C HIS B 49 -1.38 -6.65 -2.89
N LEU B 50 -1.18 -5.34 -2.94
CA LEU B 50 -0.34 -4.63 -1.99
C LEU B 50 -1.24 -4.12 -0.87
N GLU B 51 -0.91 -4.43 0.37
CA GLU B 51 -1.74 -4.01 1.48
C GLU B 51 -0.97 -3.98 2.80
N THR B 52 -1.45 -3.15 3.71
CA THR B 52 -0.85 -3.01 5.02
C THR B 52 -1.95 -3.02 6.08
N ARG B 53 -1.68 -3.69 7.19
CA ARG B 53 -2.63 -3.80 8.29
C ARG B 53 -2.12 -4.84 9.27
N PRO B 54 -2.72 -4.96 10.47
CA PRO B 54 -2.31 -5.96 11.44
C PRO B 54 -2.08 -7.30 10.80
N ALA B 55 -1.13 -8.01 11.34
CA ALA B 55 -0.80 -9.30 10.83
C ALA B 55 -1.92 -10.30 10.99
N GLN B 56 -1.56 -11.55 10.74
CA GLN B 56 -2.50 -12.65 10.81
C GLN B 56 -1.81 -13.95 11.14
N ARG B 57 -0.95 -14.31 10.20
CA ARG B 57 -0.14 -15.53 10.23
C ARG B 57 -0.23 -16.30 11.56
N PRO B 58 0.24 -15.73 12.70
CA PRO B 58 0.18 -16.41 13.99
C PRO B 58 -1.25 -16.58 14.50
N LEU B 59 -1.64 -15.72 15.42
CA LEU B 59 -2.98 -15.77 16.00
C LEU B 59 -3.99 -14.94 15.21
N ALA B 60 -3.50 -13.85 14.63
CA ALA B 60 -4.34 -12.94 13.86
C ALA B 60 -5.34 -12.24 14.75
N GLY B 61 -5.86 -11.10 14.28
CA GLY B 61 -6.80 -10.34 15.07
C GLY B 61 -6.26 -10.09 16.46
N SER B 62 -4.99 -9.68 16.53
CA SER B 62 -4.33 -9.41 17.79
C SER B 62 -3.20 -8.38 17.58
N PRO B 63 -2.65 -7.80 18.67
CA PRO B 63 -1.57 -6.81 18.58
C PRO B 63 -0.39 -7.27 17.73
N HIS B 64 -0.51 -7.09 16.42
CA HIS B 64 0.54 -7.47 15.48
C HIS B 64 0.44 -6.65 14.21
N LEU B 65 1.52 -6.63 13.42
CA LEU B 65 1.54 -5.87 12.17
C LEU B 65 2.40 -6.55 11.12
N GLU B 66 1.94 -6.52 9.88
CA GLU B 66 2.66 -7.12 8.76
C GLU B 66 2.24 -6.48 7.43
N TYR B 67 3.19 -6.30 6.51
CA TYR B 67 2.85 -5.74 5.20
C TYR B 67 2.54 -6.86 4.22
N PHE B 68 1.27 -7.15 4.00
CA PHE B 68 0.90 -8.21 3.08
C PHE B 68 0.91 -7.67 1.66
N VAL B 69 1.76 -8.24 0.81
CA VAL B 69 1.87 -7.79 -0.57
C VAL B 69 2.03 -8.94 -1.55
N ARG B 70 1.48 -8.73 -2.73
CA ARG B 70 1.58 -9.70 -3.81
C ARG B 70 1.86 -8.96 -5.10
N PHE B 71 2.85 -9.41 -5.84
CA PHE B 71 3.22 -8.76 -7.09
C PHE B 71 3.92 -9.72 -8.03
N GLU B 72 3.97 -9.35 -9.30
CA GLU B 72 4.61 -10.17 -10.32
C GLU B 72 5.64 -9.35 -11.10
N VAL B 73 6.79 -9.95 -11.38
CA VAL B 73 7.86 -9.26 -12.09
C VAL B 73 8.64 -10.25 -12.92
N PRO B 74 9.02 -9.91 -14.16
CA PRO B 74 9.83 -10.79 -14.97
C PRO B 74 10.84 -11.54 -14.11
N SER B 75 10.91 -12.85 -14.29
CA SER B 75 11.81 -13.69 -13.51
C SER B 75 13.19 -13.06 -13.38
N GLY B 76 13.55 -12.24 -14.38
CA GLY B 76 14.84 -11.59 -14.38
C GLY B 76 14.87 -10.24 -13.65
N ASP B 77 13.79 -9.47 -13.77
CA ASP B 77 13.73 -8.15 -13.13
C ASP B 77 13.29 -8.29 -11.69
N LEU B 78 12.78 -9.46 -11.36
CA LEU B 78 12.36 -9.73 -9.99
C LEU B 78 13.55 -9.51 -9.10
N ALA B 79 14.54 -10.35 -9.30
CA ALA B 79 15.79 -10.27 -8.56
C ALA B 79 16.32 -8.84 -8.58
N ALA B 80 15.94 -8.10 -9.62
CA ALA B 80 16.38 -6.74 -9.81
C ALA B 80 15.79 -5.79 -8.77
N LEU B 81 14.46 -5.78 -8.67
CA LEU B 81 13.80 -4.88 -7.75
C LEU B 81 13.76 -5.48 -6.34
N LEU B 82 13.84 -6.80 -6.24
CA LEU B 82 13.83 -7.45 -4.94
C LEU B 82 15.02 -6.97 -4.13
N SER B 83 16.15 -6.78 -4.80
CA SER B 83 17.35 -6.30 -4.15
C SER B 83 17.05 -4.97 -3.49
N SER B 84 16.18 -4.23 -4.15
CA SER B 84 15.74 -2.93 -3.67
C SER B 84 14.87 -3.15 -2.45
N VAL B 85 14.06 -4.19 -2.52
CA VAL B 85 13.19 -4.55 -1.43
C VAL B 85 14.04 -4.94 -0.23
N ARG B 86 15.23 -5.43 -0.52
CA ARG B 86 16.18 -5.80 0.52
C ARG B 86 16.84 -4.53 1.04
N ARG B 87 16.72 -3.49 0.23
CA ARG B 87 17.26 -2.17 0.53
C ARG B 87 16.29 -1.42 1.44
N VAL B 88 15.05 -1.89 1.48
CA VAL B 88 14.01 -1.28 2.30
C VAL B 88 13.73 -2.18 3.51
N SER B 89 13.54 -3.47 3.23
CA SER B 89 13.27 -4.46 4.26
C SER B 89 14.55 -5.17 4.66
N ASP B 90 14.61 -5.65 5.90
CA ASP B 90 15.81 -6.33 6.37
C ASP B 90 15.97 -7.74 5.80
N ASP B 91 15.43 -8.74 6.48
CA ASP B 91 15.57 -10.11 6.01
C ASP B 91 14.27 -10.85 6.19
N VAL B 92 13.19 -10.14 5.93
CA VAL B 92 11.85 -10.69 6.07
C VAL B 92 11.61 -11.94 5.23
N ARG B 93 10.32 -12.30 5.08
CA ARG B 93 9.92 -13.48 4.34
C ARG B 93 8.75 -13.19 3.41
N SER B 94 8.41 -14.19 2.59
CA SER B 94 7.30 -14.07 1.65
C SER B 94 5.97 -14.37 2.33
N ALA B 95 4.88 -14.14 1.62
CA ALA B 95 3.55 -14.42 2.15
C ALA B 95 2.98 -15.72 1.59
N PRO A 1 -12.44 22.77 9.92
CA PRO A 1 -10.98 22.58 10.10
C PRO A 1 -10.41 21.62 9.06
N GLY A 2 -11.12 20.53 8.82
CA GLY A 2 -10.68 19.54 7.85
C GLY A 2 -11.12 19.88 6.44
N ASN A 3 -10.16 20.28 5.61
CA ASN A 3 -10.44 20.63 4.22
C ASN A 3 -11.36 21.85 4.14
N PRO A 4 -10.85 22.99 3.65
CA PRO A 4 -11.62 24.23 3.52
C PRO A 4 -12.70 24.11 2.45
N LEU A 5 -12.28 23.65 1.27
CA LEU A 5 -13.19 23.48 0.14
C LEU A 5 -13.68 22.07 0.06
N GLU A 6 -12.93 21.20 0.70
CA GLU A 6 -13.21 19.80 0.74
C GLU A 6 -13.43 19.20 -0.63
N ALA A 7 -13.49 17.88 -0.65
CA ALA A 7 -13.68 17.15 -1.90
C ALA A 7 -14.58 15.94 -1.70
N VAL A 8 -14.45 15.28 -0.55
CA VAL A 8 -15.24 14.10 -0.26
C VAL A 8 -15.76 14.11 1.16
N VAL A 9 -16.20 12.96 1.62
CA VAL A 9 -16.74 12.83 2.97
C VAL A 9 -15.74 12.18 3.92
N PHE A 10 -15.94 12.44 5.21
CA PHE A 10 -15.09 11.91 6.26
C PHE A 10 -15.83 12.01 7.59
N GLU A 11 -15.28 11.39 8.63
CA GLU A 11 -15.90 11.43 9.95
C GLU A 11 -14.82 11.59 11.01
N GLU A 12 -15.23 11.92 12.23
CA GLU A 12 -14.27 12.06 13.31
C GLU A 12 -14.58 11.14 14.46
N ARG A 13 -13.53 10.52 14.93
CA ARG A 13 -13.59 9.58 16.02
C ARG A 13 -12.69 9.99 17.19
N ASP A 14 -13.29 10.09 18.37
CA ASP A 14 -12.54 10.41 19.58
C ASP A 14 -11.62 11.61 19.43
N GLY A 15 -11.91 12.51 18.49
CA GLY A 15 -11.07 13.67 18.32
C GLY A 15 -10.12 13.57 17.14
N ASN A 16 -10.44 12.69 16.19
CA ASN A 16 -9.63 12.52 14.99
C ASN A 16 -10.56 12.19 13.88
N ALA A 17 -10.06 12.06 12.66
CA ALA A 17 -10.94 11.74 11.55
C ALA A 17 -10.58 10.45 10.86
N VAL A 18 -11.60 9.63 10.66
CA VAL A 18 -11.47 8.35 9.99
C VAL A 18 -12.14 8.42 8.63
N LEU A 19 -11.38 8.18 7.58
CA LEU A 19 -11.91 8.24 6.22
C LEU A 19 -11.07 7.41 5.28
N ASN A 20 -11.47 7.41 4.01
CA ASN A 20 -10.76 6.63 2.99
C ASN A 20 -10.46 7.48 1.75
N LEU A 21 -9.52 7.01 0.91
CA LEU A 21 -9.16 7.75 -0.30
C LEU A 21 -8.79 6.82 -1.46
N LEU A 22 -9.57 6.86 -2.52
CA LEU A 22 -9.29 6.05 -3.71
C LEU A 22 -8.77 6.90 -4.86
N PHE A 23 -8.02 6.27 -5.77
CA PHE A 23 -7.49 6.96 -6.95
C PHE A 23 -6.99 5.91 -7.96
N SER A 24 -7.06 6.25 -9.26
CA SER A 24 -6.63 5.36 -10.31
C SER A 24 -5.48 5.99 -11.09
N LEU A 25 -4.40 5.24 -11.25
CA LEU A 25 -3.24 5.74 -11.97
C LEU A 25 -2.89 4.83 -13.16
N ARG A 26 -2.87 5.42 -14.35
CA ARG A 26 -2.57 4.68 -15.57
C ARG A 26 -1.51 5.42 -16.38
N GLY A 27 -0.40 4.74 -16.67
CA GLY A 27 0.67 5.33 -17.44
C GLY A 27 2.04 4.89 -16.99
N THR A 28 2.08 3.90 -16.11
CA THR A 28 3.33 3.36 -15.58
C THR A 28 4.26 4.48 -15.09
N LYS A 29 3.66 5.60 -14.69
CA LYS A 29 4.43 6.74 -14.20
C LYS A 29 3.68 7.48 -13.08
N PRO A 30 2.41 7.89 -13.30
CA PRO A 30 1.63 8.60 -12.28
C PRO A 30 1.17 7.68 -11.16
N SER A 31 1.67 6.44 -11.18
CA SER A 31 1.32 5.45 -10.16
C SER A 31 2.12 5.67 -8.88
N SER A 32 2.54 6.92 -8.65
CA SER A 32 3.30 7.26 -7.45
C SER A 32 2.39 7.28 -6.23
N LEU A 33 1.88 6.11 -5.85
CA LEU A 33 1.00 5.99 -4.71
C LEU A 33 1.82 5.93 -3.43
N SER A 34 3.09 5.60 -3.59
CA SER A 34 4.01 5.54 -2.47
C SER A 34 4.08 6.86 -1.75
N ARG A 35 4.31 7.93 -2.50
CA ARG A 35 4.39 9.26 -1.92
C ARG A 35 3.11 9.57 -1.15
N ALA A 36 2.03 8.87 -1.48
CA ALA A 36 0.75 9.06 -0.81
C ALA A 36 0.80 8.52 0.62
N VAL A 37 1.38 7.33 0.81
CA VAL A 37 1.48 6.75 2.15
C VAL A 37 2.35 7.62 3.04
N LYS A 38 3.19 8.46 2.44
CA LYS A 38 4.07 9.35 3.18
C LYS A 38 3.23 10.39 3.92
N VAL A 39 2.02 10.59 3.44
CA VAL A 39 1.08 11.57 4.00
C VAL A 39 0.56 11.12 5.35
N PHE A 40 -0.22 10.05 5.34
CA PHE A 40 -0.81 9.51 6.56
C PHE A 40 0.29 9.24 7.61
N GLU A 41 1.49 8.93 7.13
CA GLU A 41 2.60 8.64 8.02
C GLU A 41 3.36 9.89 8.46
N THR A 42 3.20 11.00 7.72
CA THR A 42 3.90 12.24 8.04
C THR A 42 3.41 12.83 9.37
N PHE A 43 2.10 12.80 9.59
CA PHE A 43 1.53 13.34 10.83
C PHE A 43 1.31 12.23 11.85
N GLU A 44 1.99 11.11 11.64
CA GLU A 44 1.91 9.98 12.54
C GLU A 44 0.46 9.56 12.76
N ALA A 45 -0.35 9.59 11.70
CA ALA A 45 -1.73 9.19 11.81
C ALA A 45 -1.83 7.69 12.05
N LYS A 46 -3.03 7.19 12.29
CA LYS A 46 -3.24 5.76 12.53
C LYS A 46 -3.93 5.13 11.34
N ILE A 47 -3.16 4.41 10.52
CA ILE A 47 -3.70 3.78 9.34
C ILE A 47 -4.48 2.52 9.66
N HIS A 48 -5.68 2.42 9.08
CA HIS A 48 -6.55 1.28 9.27
C HIS A 48 -6.30 0.18 8.24
N HIS A 49 -6.36 0.56 6.96
CA HIS A 49 -6.17 -0.41 5.88
C HIS A 49 -5.75 0.24 4.58
N LEU A 50 -4.46 0.25 4.32
CA LEU A 50 -3.90 0.80 3.09
C LEU A 50 -3.77 -0.33 2.07
N GLU A 51 -4.32 -0.13 0.88
CA GLU A 51 -4.26 -1.17 -0.13
C GLU A 51 -4.24 -0.60 -1.54
N THR A 52 -3.65 -1.37 -2.44
CA THR A 52 -3.54 -1.01 -3.83
C THR A 52 -3.78 -2.26 -4.67
N ARG A 53 -4.63 -2.15 -5.67
CA ARG A 53 -4.93 -3.29 -6.52
C ARG A 53 -5.76 -2.87 -7.73
N PRO A 54 -5.91 -3.75 -8.73
CA PRO A 54 -6.68 -3.45 -9.93
C PRO A 54 -8.05 -2.92 -9.61
N ALA A 55 -8.66 -2.36 -10.63
CA ALA A 55 -9.98 -1.80 -10.53
C ALA A 55 -11.04 -2.82 -10.20
N GLN A 56 -12.25 -2.42 -10.55
CA GLN A 56 -13.41 -3.24 -10.33
C GLN A 56 -13.30 -4.54 -11.08
N ARG A 57 -13.02 -4.37 -12.37
CA ARG A 57 -12.81 -5.45 -13.38
C ARG A 57 -13.96 -5.57 -14.40
N PRO A 58 -15.24 -5.54 -13.97
CA PRO A 58 -16.39 -5.62 -14.88
C PRO A 58 -16.06 -5.05 -16.25
N LEU A 59 -15.43 -3.87 -16.26
CA LEU A 59 -15.00 -3.24 -17.49
C LEU A 59 -13.58 -3.69 -17.79
N ALA A 60 -12.63 -2.99 -17.17
CA ALA A 60 -11.21 -3.32 -17.32
C ALA A 60 -10.69 -3.04 -18.73
N GLY A 61 -11.55 -3.19 -19.73
CA GLY A 61 -11.13 -2.91 -21.10
C GLY A 61 -10.96 -1.44 -21.32
N SER A 62 -11.16 -0.69 -20.25
CA SER A 62 -11.03 0.76 -20.26
C SER A 62 -10.02 1.20 -19.21
N PRO A 63 -9.38 2.37 -19.40
CA PRO A 63 -8.39 2.90 -18.45
C PRO A 63 -8.96 2.95 -17.03
N HIS A 64 -8.78 1.86 -16.28
CA HIS A 64 -9.28 1.78 -14.92
C HIS A 64 -8.22 1.29 -13.93
N LEU A 65 -8.56 1.38 -12.65
CA LEU A 65 -7.72 0.98 -11.53
C LEU A 65 -8.24 1.64 -10.26
N GLU A 66 -7.99 1.05 -9.09
CA GLU A 66 -8.47 1.65 -7.86
C GLU A 66 -7.57 1.33 -6.66
N TYR A 67 -7.09 2.38 -5.97
CA TYR A 67 -6.25 2.22 -4.79
C TYR A 67 -7.05 2.61 -3.55
N PHE A 68 -7.49 1.60 -2.82
CA PHE A 68 -8.29 1.77 -1.61
C PHE A 68 -7.43 1.91 -0.37
N VAL A 69 -7.74 2.92 0.45
CA VAL A 69 -6.98 3.16 1.68
C VAL A 69 -7.89 3.67 2.80
N ARG A 70 -7.56 3.28 4.02
CA ARG A 70 -8.30 3.71 5.20
C ARG A 70 -7.32 4.15 6.26
N PHE A 71 -7.52 5.35 6.79
CA PHE A 71 -6.62 5.88 7.80
C PHE A 71 -7.31 6.92 8.67
N GLU A 72 -6.72 7.19 9.84
CA GLU A 72 -7.29 8.16 10.76
C GLU A 72 -6.23 9.18 11.15
N VAL A 73 -6.63 10.44 11.22
CA VAL A 73 -5.72 11.53 11.56
C VAL A 73 -6.48 12.59 12.31
N PRO A 74 -5.90 13.19 13.37
CA PRO A 74 -6.56 14.25 14.09
C PRO A 74 -7.36 15.12 13.14
N SER A 75 -8.60 15.41 13.53
CA SER A 75 -9.50 16.22 12.72
C SER A 75 -8.79 17.47 12.17
N GLY A 76 -7.70 17.85 12.83
CA GLY A 76 -6.94 19.03 12.40
C GLY A 76 -5.75 18.70 11.52
N ASP A 77 -5.01 17.64 11.85
CA ASP A 77 -3.83 17.26 11.07
C ASP A 77 -4.24 16.54 9.80
N LEU A 78 -5.50 16.13 9.76
CA LEU A 78 -6.03 15.49 8.59
C LEU A 78 -5.83 16.40 7.41
N ALA A 79 -6.50 17.53 7.48
CA ALA A 79 -6.40 18.57 6.47
C ALA A 79 -4.93 18.89 6.20
N ALA A 80 -4.10 18.65 7.20
CA ALA A 80 -2.67 18.94 7.12
C ALA A 80 -1.97 18.03 6.13
N LEU A 81 -2.12 16.72 6.31
CA LEU A 81 -1.45 15.78 5.44
C LEU A 81 -2.26 15.54 4.17
N LEU A 82 -3.57 15.77 4.25
CA LEU A 82 -4.43 15.62 3.09
C LEU A 82 -4.00 16.56 1.99
N SER A 83 -3.56 17.75 2.39
CA SER A 83 -3.10 18.75 1.44
C SER A 83 -2.00 18.15 0.60
N SER A 84 -1.19 17.35 1.27
CA SER A 84 -0.08 16.66 0.63
C SER A 84 -0.64 15.64 -0.33
N VAL A 85 -1.68 14.98 0.12
CA VAL A 85 -2.35 13.98 -0.67
C VAL A 85 -2.97 14.63 -1.89
N ARG A 86 -3.20 15.93 -1.77
CA ARG A 86 -3.73 16.71 -2.89
C ARG A 86 -2.55 17.11 -3.77
N ARG A 87 -1.37 17.07 -3.16
CA ARG A 87 -0.12 17.39 -3.82
C ARG A 87 0.35 16.19 -4.63
N VAL A 88 -0.09 15.01 -4.22
CA VAL A 88 0.26 13.77 -4.90
C VAL A 88 -0.86 13.35 -5.83
N SER A 89 -2.09 13.40 -5.33
CA SER A 89 -3.27 13.02 -6.10
C SER A 89 -3.90 14.24 -6.76
N ASP A 90 -4.59 14.01 -7.88
CA ASP A 90 -5.22 15.10 -8.60
C ASP A 90 -6.49 15.61 -7.91
N ASP A 91 -7.64 15.04 -8.22
CA ASP A 91 -8.88 15.49 -7.63
C ASP A 91 -9.77 14.31 -7.33
N VAL A 92 -9.14 13.20 -6.94
CA VAL A 92 -9.85 11.98 -6.64
C VAL A 92 -10.91 12.16 -5.56
N ARG A 93 -11.43 11.04 -5.06
CA ARG A 93 -12.46 11.08 -4.03
C ARG A 93 -12.16 10.07 -2.92
N SER A 94 -12.91 10.19 -1.83
CA SER A 94 -12.77 9.28 -0.71
C SER A 94 -13.53 7.99 -0.97
N ALA A 95 -13.31 7.01 -0.11
CA ALA A 95 -13.98 5.72 -0.24
C ALA A 95 -15.17 5.62 0.69
N PRO B 1 18.49 -17.31 -11.38
CA PRO B 1 18.39 -15.92 -11.88
C PRO B 1 17.77 -15.01 -10.81
N GLY B 2 16.71 -15.50 -10.17
CA GLY B 2 16.05 -14.71 -9.14
C GLY B 2 16.69 -14.87 -7.78
N ASN B 3 17.37 -13.82 -7.33
CA ASN B 3 18.05 -13.83 -6.03
C ASN B 3 19.15 -14.88 -6.00
N PRO B 4 20.42 -14.43 -5.92
CA PRO B 4 21.59 -15.32 -5.89
C PRO B 4 21.66 -16.11 -4.59
N LEU B 5 21.54 -15.40 -3.48
CA LEU B 5 21.59 -16.00 -2.16
C LEU B 5 20.20 -16.26 -1.64
N GLU B 6 19.27 -15.55 -2.23
CA GLU B 6 17.89 -15.64 -1.88
C GLU B 6 17.64 -15.46 -0.39
N ALA B 7 16.37 -15.34 -0.05
CA ALA B 7 15.96 -15.15 1.32
C ALA B 7 14.67 -15.89 1.63
N VAL B 8 13.75 -15.93 0.66
CA VAL B 8 12.49 -16.59 0.86
C VAL B 8 12.09 -17.41 -0.36
N VAL B 9 10.83 -17.78 -0.42
CA VAL B 9 10.31 -18.58 -1.52
C VAL B 9 9.53 -17.72 -2.52
N PHE B 10 9.44 -18.23 -3.74
CA PHE B 10 8.72 -17.57 -4.83
C PHE B 10 8.43 -18.59 -5.93
N GLU B 11 7.62 -18.21 -6.89
CA GLU B 11 7.28 -19.09 -7.99
C GLU B 11 7.25 -18.32 -9.30
N GLU B 12 7.22 -19.02 -10.43
CA GLU B 12 7.16 -18.34 -11.71
C GLU B 12 5.96 -18.77 -12.52
N ARG B 13 5.33 -17.78 -13.08
CA ARG B 13 4.14 -17.94 -13.88
C ARG B 13 4.31 -17.39 -15.28
N ASP B 14 4.06 -18.24 -16.28
CA ASP B 14 4.13 -17.82 -17.68
C ASP B 14 5.40 -17.07 -18.03
N GLY B 15 6.48 -17.27 -17.28
CA GLY B 15 7.72 -16.59 -17.59
C GLY B 15 7.99 -15.39 -16.69
N ASN B 16 7.36 -15.37 -15.52
CA ASN B 16 7.56 -14.30 -14.55
C ASN B 16 7.45 -14.91 -13.18
N ALA B 17 7.67 -14.14 -12.14
CA ALA B 17 7.57 -14.71 -10.81
C ALA B 17 6.53 -14.02 -9.95
N VAL B 18 5.71 -14.85 -9.32
CA VAL B 18 4.66 -14.40 -8.43
C VAL B 18 5.01 -14.76 -7.00
N LEU B 19 5.10 -13.77 -6.14
CA LEU B 19 5.46 -13.98 -4.76
C LEU B 19 4.96 -12.85 -3.87
N ASN B 20 5.25 -12.96 -2.58
CA ASN B 20 4.82 -11.95 -1.61
C ASN B 20 5.97 -11.50 -0.72
N LEU B 21 5.80 -10.35 -0.04
CA LEU B 21 6.85 -9.83 0.84
C LEU B 21 6.28 -9.08 2.03
N LEU B 22 6.53 -9.62 3.23
CA LEU B 22 6.07 -8.97 4.46
C LEU B 22 7.23 -8.33 5.21
N PHE B 23 6.90 -7.32 6.03
CA PHE B 23 7.90 -6.64 6.87
C PHE B 23 7.20 -5.81 7.94
N SER B 24 7.85 -5.64 9.09
CA SER B 24 7.29 -4.86 10.18
C SER B 24 8.18 -3.66 10.49
N LEU B 25 7.58 -2.48 10.54
CA LEU B 25 8.34 -1.27 10.82
C LEU B 25 7.79 -0.56 12.06
N ARG B 26 8.67 -0.36 13.05
CA ARG B 26 8.29 0.31 14.28
C ARG B 26 9.29 1.41 14.63
N GLY B 27 8.79 2.63 14.77
CA GLY B 27 9.65 3.76 15.11
C GLY B 27 9.21 5.04 14.44
N THR B 28 8.04 5.03 13.82
CA THR B 28 7.49 6.19 13.14
C THR B 28 8.52 6.83 12.20
N LYS B 29 9.45 6.01 11.71
CA LYS B 29 10.49 6.49 10.80
C LYS B 29 10.86 5.41 9.77
N PRO B 30 11.21 4.17 10.20
CA PRO B 30 11.57 3.11 9.27
C PRO B 30 10.36 2.54 8.53
N SER B 31 9.20 3.20 8.70
CA SER B 31 7.97 2.77 8.05
C SER B 31 7.93 3.23 6.60
N SER B 32 9.10 3.41 6.00
CA SER B 32 9.20 3.83 4.61
C SER B 32 8.83 2.69 3.67
N LEU B 33 7.58 2.27 3.71
CA LEU B 33 7.09 1.19 2.88
C LEU B 33 6.78 1.71 1.49
N SER B 34 6.60 3.02 1.40
CA SER B 34 6.33 3.67 0.13
C SER B 34 7.44 3.38 -0.87
N ARG B 35 8.67 3.64 -0.45
CA ARG B 35 9.81 3.40 -1.32
C ARG B 35 9.81 1.95 -1.81
N ALA B 36 9.13 1.09 -1.07
CA ALA B 36 9.04 -0.33 -1.43
C ALA B 36 8.17 -0.52 -2.67
N VAL B 37 7.03 0.16 -2.72
CA VAL B 37 6.14 0.05 -3.88
C VAL B 37 6.82 0.57 -5.14
N LYS B 38 7.85 1.39 -4.95
CA LYS B 38 8.60 1.96 -6.07
C LYS B 38 9.34 0.85 -6.80
N VAL B 39 9.56 -0.25 -6.08
CA VAL B 39 10.27 -1.40 -6.61
C VAL B 39 9.46 -2.15 -7.66
N PHE B 40 8.38 -2.75 -7.21
CA PHE B 40 7.50 -3.51 -8.09
C PHE B 40 7.06 -2.65 -9.29
N GLU B 41 6.98 -1.34 -9.06
CA GLU B 41 6.57 -0.42 -10.12
C GLU B 41 7.72 0.04 -11.00
N THR B 42 8.97 -0.10 -10.51
CA THR B 42 10.13 0.33 -11.27
C THR B 42 10.33 -0.52 -12.53
N PHE B 43 10.14 -1.83 -12.42
CA PHE B 43 10.29 -2.72 -13.56
C PHE B 43 8.96 -3.00 -14.22
N GLU B 44 7.99 -2.14 -13.93
CA GLU B 44 6.66 -2.27 -14.50
C GLU B 44 6.08 -3.66 -14.27
N ALA B 45 6.32 -4.21 -13.08
CA ALA B 45 5.79 -5.53 -12.75
C ALA B 45 4.27 -5.45 -12.61
N LYS B 46 3.63 -6.61 -12.42
CA LYS B 46 2.18 -6.65 -12.27
C LYS B 46 1.82 -6.97 -10.83
N ILE B 47 1.39 -5.95 -10.10
CA ILE B 47 1.04 -6.12 -8.70
C ILE B 47 -0.32 -6.77 -8.52
N HIS B 48 -0.36 -7.78 -7.66
CA HIS B 48 -1.58 -8.52 -7.38
C HIS B 48 -2.36 -7.90 -6.21
N HIS B 49 -1.69 -7.72 -5.08
CA HIS B 49 -2.34 -7.18 -3.89
C HIS B 49 -1.33 -6.57 -2.91
N LEU B 50 -1.17 -5.26 -2.98
CA LEU B 50 -0.27 -4.53 -2.09
C LEU B 50 -1.09 -4.03 -0.91
N GLU B 51 -0.65 -4.33 0.30
CA GLU B 51 -1.39 -3.90 1.48
C GLU B 51 -0.48 -3.65 2.67
N THR B 52 -0.95 -2.78 3.55
CA THR B 52 -0.24 -2.42 4.76
C THR B 52 -1.25 -2.29 5.88
N ARG B 53 -0.97 -2.90 7.02
CA ARG B 53 -1.88 -2.86 8.14
C ARG B 53 -1.23 -3.45 9.39
N PRO B 54 -1.84 -3.25 10.57
CA PRO B 54 -1.31 -3.78 11.82
C PRO B 54 -0.99 -5.25 11.74
N ALA B 55 -0.25 -5.68 12.72
CA ALA B 55 0.17 -7.05 12.84
C ALA B 55 -0.98 -8.02 13.01
N GLN B 56 -0.62 -9.15 13.55
CA GLN B 56 -1.55 -10.22 13.81
C GLN B 56 -2.61 -9.76 14.79
N ARG B 57 -2.08 -9.24 15.90
CA ARG B 57 -2.87 -8.68 17.03
C ARG B 57 -2.81 -9.52 18.32
N PRO B 58 -3.00 -10.86 18.22
CA PRO B 58 -2.94 -11.76 19.38
C PRO B 58 -2.01 -11.22 20.46
N LEU B 59 -0.83 -10.78 20.04
CA LEU B 59 0.12 -10.18 20.95
C LEU B 59 -0.12 -8.69 20.98
N ALA B 60 0.47 -8.00 20.01
CA ALA B 60 0.31 -6.55 19.88
C ALA B 60 0.99 -5.77 21.01
N GLY B 61 1.02 -6.36 22.20
CA GLY B 61 1.66 -5.69 23.33
C GLY B 61 3.16 -5.69 23.16
N SER B 62 3.60 -6.21 22.02
CA SER B 62 5.01 -6.29 21.68
C SER B 62 5.25 -5.60 20.34
N PRO B 63 6.48 -5.10 20.10
CA PRO B 63 6.82 -4.43 18.84
C PRO B 63 6.46 -5.29 17.63
N HIS B 64 5.24 -5.14 17.13
CA HIS B 64 4.79 -5.91 15.98
C HIS B 64 4.15 -5.04 14.91
N LEU B 65 3.88 -5.66 13.76
CA LEU B 65 3.28 -5.04 12.58
C LEU B 65 3.56 -5.91 11.37
N GLU B 66 2.72 -5.84 10.34
CA GLU B 66 2.93 -6.66 9.15
C GLU B 66 2.39 -6.00 7.88
N TYR B 67 3.28 -5.85 6.89
CA TYR B 67 2.89 -5.27 5.60
C TYR B 67 2.90 -6.38 4.53
N PHE B 68 1.70 -6.81 4.18
CA PHE B 68 1.49 -7.88 3.21
C PHE B 68 1.39 -7.34 1.79
N VAL B 69 2.12 -7.95 0.86
CA VAL B 69 2.10 -7.54 -0.54
C VAL B 69 2.24 -8.72 -1.48
N ARG B 70 1.58 -8.62 -2.62
CA ARG B 70 1.64 -9.65 -3.65
C ARG B 70 1.88 -9.00 -5.00
N PHE B 71 2.88 -9.47 -5.71
CA PHE B 71 3.22 -8.89 -7.01
C PHE B 71 3.94 -9.90 -7.89
N GLU B 72 3.95 -9.63 -9.19
CA GLU B 72 4.61 -10.51 -10.15
C GLU B 72 5.58 -9.70 -11.00
N VAL B 73 6.75 -10.28 -11.26
CA VAL B 73 7.78 -9.63 -12.04
C VAL B 73 8.56 -10.68 -12.81
N PRO B 74 8.91 -10.43 -14.08
CA PRO B 74 9.70 -11.37 -14.84
C PRO B 74 10.72 -12.07 -13.95
N SER B 75 10.80 -13.38 -14.08
CA SER B 75 11.72 -14.18 -13.27
C SER B 75 13.10 -13.56 -13.21
N GLY B 76 13.40 -12.70 -14.19
CA GLY B 76 14.69 -12.04 -14.24
C GLY B 76 14.70 -10.64 -13.62
N ASP B 77 13.66 -9.86 -13.87
CA ASP B 77 13.59 -8.50 -13.35
C ASP B 77 13.18 -8.51 -11.89
N LEU B 78 12.70 -9.66 -11.45
CA LEU B 78 12.32 -9.82 -10.07
C LEU B 78 13.52 -9.50 -9.21
N ALA B 79 14.54 -10.32 -9.37
CA ALA B 79 15.80 -10.14 -8.67
C ALA B 79 16.31 -8.71 -8.85
N ALA B 80 15.88 -8.09 -9.95
CA ALA B 80 16.29 -6.75 -10.29
C ALA B 80 15.72 -5.72 -9.33
N LEU B 81 14.40 -5.72 -9.16
CA LEU B 81 13.76 -4.75 -8.29
C LEU B 81 13.80 -5.22 -6.84
N LEU B 82 13.89 -6.54 -6.66
CA LEU B 82 13.97 -7.10 -5.31
C LEU B 82 15.19 -6.57 -4.59
N SER B 83 16.28 -6.40 -5.35
CA SER B 83 17.51 -5.88 -4.79
C SER B 83 17.23 -4.55 -4.14
N SER B 84 16.37 -3.81 -4.78
CA SER B 84 15.95 -2.50 -4.30
C SER B 84 15.16 -2.68 -3.03
N VAL B 85 14.32 -3.71 -3.05
CA VAL B 85 13.51 -4.04 -1.91
C VAL B 85 14.39 -4.46 -0.76
N ARG B 86 15.60 -4.87 -1.09
CA ARG B 86 16.58 -5.25 -0.09
C ARG B 86 17.29 -3.98 0.36
N ARG B 87 17.20 -2.97 -0.51
CA ARG B 87 17.77 -1.66 -0.26
C ARG B 87 16.86 -0.86 0.66
N VAL B 88 15.58 -1.22 0.65
CA VAL B 88 14.58 -0.56 1.48
C VAL B 88 14.32 -1.38 2.74
N SER B 89 14.14 -2.68 2.54
CA SER B 89 13.88 -3.59 3.66
C SER B 89 15.17 -4.22 4.16
N ASP B 90 15.17 -4.61 5.43
CA ASP B 90 16.36 -5.23 6.02
C ASP B 90 16.58 -6.67 5.57
N ASP B 91 16.01 -7.63 6.27
CA ASP B 91 16.19 -9.03 5.92
C ASP B 91 14.91 -9.79 6.12
N VAL B 92 13.80 -9.11 5.85
CA VAL B 92 12.49 -9.69 6.02
C VAL B 92 12.30 -10.97 5.22
N ARG B 93 11.05 -11.44 5.12
CA ARG B 93 10.74 -12.66 4.41
C ARG B 93 9.53 -12.48 3.51
N SER B 94 9.29 -13.45 2.65
CA SER B 94 8.14 -13.43 1.76
C SER B 94 6.90 -13.94 2.49
N ALA B 95 5.76 -13.78 1.84
CA ALA B 95 4.49 -14.22 2.42
C ALA B 95 4.06 -15.57 1.86
N PRO A 1 -18.39 0.21 1.89
CA PRO A 1 -17.99 -0.37 3.19
C PRO A 1 -18.82 0.22 4.33
N GLY A 2 -18.70 1.52 4.54
CA GLY A 2 -19.44 2.18 5.60
C GLY A 2 -20.49 3.14 5.07
N ASN A 3 -20.06 4.37 4.78
CA ASN A 3 -20.97 5.39 4.25
C ASN A 3 -21.29 5.13 2.78
N PRO A 4 -22.56 4.79 2.48
CA PRO A 4 -23.02 4.51 1.12
C PRO A 4 -23.00 5.73 0.21
N LEU A 5 -23.38 6.86 0.77
CA LEU A 5 -23.44 8.12 0.03
C LEU A 5 -22.08 8.78 -0.08
N GLU A 6 -21.12 8.27 0.67
CA GLU A 6 -19.79 8.82 0.64
C GLU A 6 -19.09 8.54 -0.66
N ALA A 7 -18.33 9.53 -1.09
CA ALA A 7 -17.55 9.46 -2.30
C ALA A 7 -16.34 10.36 -2.17
N VAL A 8 -16.59 11.51 -1.54
CA VAL A 8 -15.57 12.53 -1.31
C VAL A 8 -15.83 13.31 -0.02
N VAL A 9 -15.64 12.66 1.12
CA VAL A 9 -15.88 13.32 2.41
C VAL A 9 -14.94 12.82 3.50
N PHE A 10 -15.22 13.24 4.72
CA PHE A 10 -14.44 12.86 5.89
C PHE A 10 -15.28 13.06 7.15
N GLU A 11 -15.12 12.19 8.14
CA GLU A 11 -15.85 12.35 9.38
C GLU A 11 -15.01 11.83 10.53
N GLU A 12 -14.69 12.71 11.46
CA GLU A 12 -13.93 12.30 12.60
C GLU A 12 -14.74 11.60 13.66
N ARG A 13 -13.98 10.97 14.51
CA ARG A 13 -14.43 10.15 15.58
C ARG A 13 -13.67 10.46 16.86
N ASP A 14 -14.37 10.85 17.91
CA ASP A 14 -13.74 11.15 19.20
C ASP A 14 -12.66 12.23 19.06
N GLY A 15 -12.74 13.02 18.00
CA GLY A 15 -11.78 14.09 17.81
C GLY A 15 -10.65 13.72 16.85
N ASN A 16 -10.90 12.78 15.94
CA ASN A 16 -9.92 12.38 14.95
C ASN A 16 -10.64 11.93 13.72
N ALA A 17 -10.05 12.13 12.57
CA ALA A 17 -10.77 11.84 11.35
C ALA A 17 -10.44 10.52 10.73
N VAL A 18 -11.47 9.70 10.65
CA VAL A 18 -11.37 8.38 10.06
C VAL A 18 -12.10 8.40 8.72
N LEU A 19 -11.37 8.15 7.66
CA LEU A 19 -11.95 8.18 6.33
C LEU A 19 -11.15 7.36 5.34
N ASN A 20 -11.54 7.43 4.08
CA ASN A 20 -10.86 6.69 3.02
C ASN A 20 -10.63 7.55 1.78
N LEU A 21 -9.62 7.20 0.98
CA LEU A 21 -9.28 7.98 -0.21
C LEU A 21 -8.71 7.13 -1.34
N LEU A 22 -9.28 7.22 -2.53
CA LEU A 22 -8.75 6.48 -3.67
C LEU A 22 -8.08 7.42 -4.65
N PHE A 23 -7.06 6.91 -5.33
CA PHE A 23 -6.30 7.70 -6.31
C PHE A 23 -5.29 6.81 -7.03
N SER A 24 -5.65 6.40 -8.22
CA SER A 24 -4.78 5.55 -9.02
C SER A 24 -5.07 5.63 -10.51
N LEU A 25 -4.01 5.58 -11.30
CA LEU A 25 -4.12 5.59 -12.75
C LEU A 25 -3.09 4.66 -13.37
N ARG A 26 -3.10 4.52 -14.70
CA ARG A 26 -2.15 3.63 -15.37
C ARG A 26 -0.81 4.33 -15.60
N GLY A 27 -0.53 4.71 -16.84
CA GLY A 27 0.73 5.37 -17.15
C GLY A 27 1.89 4.40 -17.18
N THR A 28 3.08 4.93 -16.92
CA THR A 28 4.29 4.11 -16.91
C THR A 28 4.99 4.20 -15.56
N LYS A 29 4.98 5.40 -15.00
CA LYS A 29 5.59 5.63 -13.69
C LYS A 29 4.94 6.83 -12.98
N PRO A 30 3.60 7.05 -13.12
CA PRO A 30 2.90 8.15 -12.49
C PRO A 30 2.13 7.70 -11.25
N SER A 31 2.57 6.61 -10.65
CA SER A 31 1.91 6.07 -9.47
C SER A 31 1.87 7.10 -8.35
N SER A 32 3.01 7.71 -8.06
CA SER A 32 3.12 8.72 -7.01
C SER A 32 2.39 8.32 -5.73
N LEU A 33 2.08 7.03 -5.61
CA LEU A 33 1.38 6.55 -4.42
C LEU A 33 2.33 6.49 -3.25
N SER A 34 3.58 6.22 -3.55
CA SER A 34 4.61 6.17 -2.52
C SER A 34 4.65 7.50 -1.78
N ARG A 35 4.16 8.53 -2.43
CA ARG A 35 4.11 9.85 -1.81
C ARG A 35 2.86 9.97 -0.95
N ALA A 36 1.82 9.25 -1.35
CA ALA A 36 0.56 9.26 -0.62
C ALA A 36 0.73 8.63 0.76
N VAL A 37 1.50 7.54 0.82
CA VAL A 37 1.77 6.86 2.08
C VAL A 37 2.55 7.77 3.02
N LYS A 38 3.24 8.74 2.43
CA LYS A 38 4.02 9.70 3.20
C LYS A 38 3.12 10.69 3.91
N VAL A 39 1.90 10.82 3.41
CA VAL A 39 0.94 11.76 3.97
C VAL A 39 0.43 11.30 5.32
N PHE A 40 -0.32 10.20 5.31
CA PHE A 40 -0.89 9.64 6.54
C PHE A 40 0.20 9.38 7.58
N GLU A 41 1.41 9.09 7.11
CA GLU A 41 2.54 8.79 8.00
C GLU A 41 3.27 10.06 8.47
N THR A 42 3.12 11.16 7.74
CA THR A 42 3.82 12.40 8.11
C THR A 42 3.29 12.96 9.43
N PHE A 43 1.98 12.87 9.64
CA PHE A 43 1.39 13.37 10.89
C PHE A 43 1.18 12.26 11.89
N GLU A 44 1.87 11.14 11.66
CA GLU A 44 1.79 10.00 12.55
C GLU A 44 0.34 9.56 12.76
N ALA A 45 -0.45 9.62 11.70
CA ALA A 45 -1.84 9.21 11.79
C ALA A 45 -1.93 7.69 11.93
N LYS A 46 -3.10 7.17 12.31
CA LYS A 46 -3.26 5.74 12.46
C LYS A 46 -4.00 5.15 11.28
N ILE A 47 -3.27 4.44 10.44
CA ILE A 47 -3.86 3.83 9.26
C ILE A 47 -4.59 2.54 9.60
N HIS A 48 -5.77 2.39 9.01
CA HIS A 48 -6.57 1.20 9.23
C HIS A 48 -6.33 0.17 8.12
N HIS A 49 -6.27 0.62 6.87
CA HIS A 49 -6.02 -0.29 5.75
C HIS A 49 -5.61 0.43 4.47
N LEU A 50 -4.31 0.39 4.18
CA LEU A 50 -3.76 0.98 2.97
C LEU A 50 -3.55 -0.14 1.95
N GLU A 51 -4.07 0.03 0.75
CA GLU A 51 -3.93 -1.02 -0.26
C GLU A 51 -3.92 -0.46 -1.67
N THR A 52 -3.15 -1.11 -2.54
CA THR A 52 -3.02 -0.72 -3.93
C THR A 52 -3.05 -1.95 -4.82
N ARG A 53 -3.76 -1.87 -5.94
CA ARG A 53 -3.86 -2.99 -6.86
C ARG A 53 -4.60 -2.59 -8.13
N PRO A 54 -4.41 -3.34 -9.24
CA PRO A 54 -5.08 -3.06 -10.51
C PRO A 54 -6.57 -2.87 -10.38
N ALA A 55 -7.19 -2.52 -11.50
CA ALA A 55 -8.61 -2.31 -11.55
C ALA A 55 -9.10 -2.23 -12.98
N GLN A 56 -10.35 -1.84 -13.10
CA GLN A 56 -10.97 -1.65 -14.40
C GLN A 56 -12.04 -0.60 -14.33
N ARG A 57 -13.14 -1.01 -13.70
CA ARG A 57 -14.32 -0.17 -13.48
C ARG A 57 -14.14 1.28 -13.93
N PRO A 58 -13.23 2.08 -13.31
CA PRO A 58 -13.01 3.46 -13.70
C PRO A 58 -13.05 3.67 -15.21
N LEU A 59 -12.25 2.88 -15.93
CA LEU A 59 -12.19 2.96 -17.38
C LEU A 59 -12.41 1.61 -18.03
N ALA A 60 -11.49 0.69 -17.74
CA ALA A 60 -11.54 -0.67 -18.30
C ALA A 60 -11.32 -0.61 -19.81
N GLY A 61 -10.29 -1.30 -20.27
CA GLY A 61 -9.95 -1.28 -21.69
C GLY A 61 -9.07 -0.09 -22.00
N SER A 62 -8.98 0.80 -21.01
CA SER A 62 -8.18 2.01 -21.11
C SER A 62 -7.39 2.21 -19.81
N PRO A 63 -6.41 3.12 -19.79
CA PRO A 63 -5.60 3.37 -18.59
C PRO A 63 -6.41 3.32 -17.29
N HIS A 64 -6.39 2.15 -16.64
CA HIS A 64 -7.12 1.96 -15.40
C HIS A 64 -6.21 1.48 -14.28
N LEU A 65 -6.71 1.56 -13.05
CA LEU A 65 -5.98 1.16 -11.84
C LEU A 65 -6.62 1.80 -10.61
N GLU A 66 -6.38 1.24 -9.43
CA GLU A 66 -6.94 1.81 -8.21
C GLU A 66 -5.98 1.72 -7.02
N TYR A 67 -6.39 2.34 -5.92
CA TYR A 67 -5.61 2.37 -4.69
C TYR A 67 -6.54 2.71 -3.52
N PHE A 68 -6.99 1.68 -2.83
CA PHE A 68 -7.92 1.83 -1.70
C PHE A 68 -7.18 2.03 -0.38
N VAL A 69 -7.58 3.04 0.39
CA VAL A 69 -6.95 3.33 1.67
C VAL A 69 -7.94 3.87 2.69
N ARG A 70 -7.70 3.52 3.95
CA ARG A 70 -8.51 4.00 5.05
C ARG A 70 -7.58 4.32 6.21
N PHE A 71 -7.71 5.52 6.75
CA PHE A 71 -6.84 5.95 7.83
C PHE A 71 -7.50 6.97 8.74
N GLU A 72 -6.89 7.19 9.91
CA GLU A 72 -7.41 8.16 10.87
C GLU A 72 -6.31 9.15 11.24
N VAL A 73 -6.70 10.40 11.39
CA VAL A 73 -5.76 11.48 11.70
C VAL A 73 -6.49 12.55 12.46
N PRO A 74 -5.88 13.13 13.50
CA PRO A 74 -6.53 14.19 14.23
C PRO A 74 -7.36 15.05 13.28
N SER A 75 -8.62 15.25 13.64
CA SER A 75 -9.55 16.03 12.82
C SER A 75 -8.88 17.30 12.28
N GLY A 76 -7.84 17.75 12.97
CA GLY A 76 -7.13 18.95 12.55
C GLY A 76 -5.91 18.66 11.69
N ASP A 77 -5.16 17.61 12.01
CA ASP A 77 -3.97 17.27 11.24
C ASP A 77 -4.37 16.58 9.95
N LEU A 78 -5.63 16.21 9.88
CA LEU A 78 -6.16 15.58 8.71
C LEU A 78 -5.94 16.53 7.54
N ALA A 79 -6.64 17.64 7.63
CA ALA A 79 -6.53 18.70 6.65
C ALA A 79 -5.06 19.03 6.38
N ALA A 80 -4.23 18.74 7.39
CA ALA A 80 -2.82 18.99 7.30
C ALA A 80 -2.12 18.09 6.30
N LEU A 81 -2.30 16.78 6.45
CA LEU A 81 -1.65 15.84 5.55
C LEU A 81 -2.49 15.65 4.29
N LEU A 82 -3.78 15.89 4.38
CA LEU A 82 -4.65 15.78 3.23
C LEU A 82 -4.24 16.78 2.17
N SER A 83 -3.70 17.92 2.62
CA SER A 83 -3.24 18.96 1.72
C SER A 83 -2.18 18.37 0.81
N SER A 84 -1.40 17.49 1.39
CA SER A 84 -0.36 16.78 0.67
C SER A 84 -0.98 15.77 -0.26
N VAL A 85 -2.02 15.09 0.23
CA VAL A 85 -2.73 14.10 -0.53
C VAL A 85 -3.42 14.69 -1.74
N ARG A 86 -3.83 15.93 -1.61
CA ARG A 86 -4.48 16.63 -2.72
C ARG A 86 -3.39 17.15 -3.64
N ARG A 87 -2.18 17.14 -3.10
CA ARG A 87 -0.99 17.55 -3.84
C ARG A 87 -0.53 16.40 -4.71
N VAL A 88 -0.99 15.21 -4.37
CA VAL A 88 -0.68 14.00 -5.11
C VAL A 88 -1.86 13.59 -5.98
N SER A 89 -3.04 13.57 -5.38
CA SER A 89 -4.27 13.20 -6.09
C SER A 89 -5.03 14.44 -6.53
N ASP A 90 -5.69 14.35 -7.69
CA ASP A 90 -6.46 15.47 -8.21
C ASP A 90 -7.77 15.02 -8.85
N ASP A 91 -7.66 14.16 -9.86
CA ASP A 91 -8.85 13.66 -10.57
C ASP A 91 -9.39 12.36 -9.96
N VAL A 92 -9.38 12.28 -8.63
CA VAL A 92 -9.89 11.10 -7.94
C VAL A 92 -10.85 11.50 -6.82
N ARG A 93 -11.25 10.53 -5.99
CA ARG A 93 -12.19 10.79 -4.91
C ARG A 93 -11.88 9.94 -3.68
N SER A 94 -12.73 10.07 -2.67
CA SER A 94 -12.61 9.29 -1.45
C SER A 94 -13.17 7.90 -1.67
N ALA A 95 -12.93 7.00 -0.73
CA ALA A 95 -13.43 5.64 -0.84
C ALA A 95 -14.75 5.46 -0.07
N PRO B 1 -1.72 -18.21 2.74
CA PRO B 1 -2.56 -18.03 1.53
C PRO B 1 -2.35 -19.17 0.54
N GLY B 2 -1.13 -19.27 0.01
CA GLY B 2 -0.82 -20.31 -0.94
C GLY B 2 0.17 -21.34 -0.39
N ASN B 3 1.45 -21.03 -0.51
CA ASN B 3 2.49 -21.93 -0.02
C ASN B 3 2.58 -21.88 1.50
N PRO B 4 2.24 -22.99 2.17
CA PRO B 4 2.26 -23.10 3.64
C PRO B 4 3.67 -23.05 4.22
N LEU B 5 4.59 -23.70 3.53
CA LEU B 5 5.99 -23.76 3.96
C LEU B 5 6.75 -22.51 3.57
N GLU B 6 6.16 -21.67 2.75
CA GLU B 6 6.80 -20.46 2.33
C GLU B 6 6.91 -19.45 3.44
N ALA B 7 8.03 -18.77 3.44
CA ALA B 7 8.33 -17.74 4.40
C ALA B 7 9.27 -16.72 3.77
N VAL B 8 10.20 -17.25 2.99
CA VAL B 8 11.21 -16.45 2.29
C VAL B 8 11.60 -17.10 0.97
N VAL B 9 10.71 -17.09 -0.01
CA VAL B 9 11.01 -17.68 -1.32
C VAL B 9 10.33 -16.95 -2.46
N PHE B 10 10.40 -17.55 -3.65
CA PHE B 10 9.80 -16.99 -4.86
C PHE B 10 9.62 -18.11 -5.87
N GLU B 11 8.54 -18.05 -6.65
CA GLU B 11 8.33 -19.05 -7.67
C GLU B 11 7.61 -18.44 -8.85
N GLU B 12 8.26 -18.45 -10.00
CA GLU B 12 7.63 -17.91 -11.17
C GLU B 12 6.63 -18.83 -11.81
N ARG B 13 5.86 -18.20 -12.66
CA ARG B 13 4.76 -18.76 -13.38
C ARG B 13 4.81 -18.34 -14.84
N ASP B 14 4.86 -19.31 -15.75
CA ASP B 14 4.88 -19.02 -17.18
C ASP B 14 6.05 -18.11 -17.56
N GLY B 15 7.06 -18.06 -16.72
CA GLY B 15 8.22 -17.21 -17.01
C GLY B 15 8.20 -15.87 -16.30
N ASN B 16 7.49 -15.79 -15.17
CA ASN B 16 7.44 -14.56 -14.40
C ASN B 16 7.26 -14.93 -12.96
N ALA B 17 7.78 -14.13 -12.06
CA ALA B 17 7.75 -14.52 -10.68
C ALA B 17 6.65 -13.88 -9.88
N VAL B 18 5.80 -14.75 -9.36
CA VAL B 18 4.69 -14.35 -8.53
C VAL B 18 4.98 -14.76 -7.10
N LEU B 19 5.06 -13.78 -6.22
CA LEU B 19 5.38 -14.06 -4.83
C LEU B 19 4.90 -12.95 -3.91
N ASN B 20 5.25 -13.06 -2.63
CA ASN B 20 4.84 -12.07 -1.63
C ASN B 20 6.02 -11.69 -0.72
N LEU B 21 5.95 -10.49 -0.13
CA LEU B 21 7.05 -10.01 0.72
C LEU B 21 6.53 -9.08 1.83
N LEU B 22 6.88 -9.38 3.08
CA LEU B 22 6.49 -8.54 4.19
C LEU B 22 7.70 -7.79 4.74
N PHE B 23 7.46 -6.59 5.25
CA PHE B 23 8.52 -5.74 5.80
C PHE B 23 7.93 -4.50 6.43
N SER B 24 7.79 -4.52 7.73
CA SER B 24 7.25 -3.38 8.46
C SER B 24 7.68 -3.36 9.92
N LEU B 25 7.90 -2.15 10.41
CA LEU B 25 8.28 -1.94 11.81
C LEU B 25 7.60 -0.67 12.34
N ARG B 26 7.80 -0.37 13.64
CA ARG B 26 7.20 0.81 14.24
C ARG B 26 8.03 2.06 13.96
N GLY B 27 8.73 2.55 14.98
CA GLY B 27 9.54 3.75 14.80
C GLY B 27 8.71 5.01 14.76
N THR B 28 9.25 6.04 14.11
CA THR B 28 8.55 7.30 13.99
C THR B 28 8.35 7.67 12.53
N LYS B 29 9.37 7.39 11.72
CA LYS B 29 9.31 7.65 10.29
C LYS B 29 10.24 6.69 9.51
N PRO B 30 10.38 5.41 9.93
CA PRO B 30 11.23 4.44 9.25
C PRO B 30 10.42 3.49 8.38
N SER B 31 9.26 3.93 7.94
CA SER B 31 8.38 3.10 7.11
C SER B 31 9.10 2.67 5.84
N SER B 32 9.72 3.63 5.15
CA SER B 32 10.44 3.36 3.91
C SER B 32 9.67 2.43 2.98
N LEU B 33 8.37 2.26 3.22
CA LEU B 33 7.55 1.41 2.39
C LEU B 33 7.27 2.06 1.06
N SER B 34 7.18 3.39 1.10
CA SER B 34 6.96 4.16 -0.11
C SER B 34 8.05 3.86 -1.13
N ARG B 35 9.17 3.38 -0.62
CA ARG B 35 10.28 3.02 -1.49
C ARG B 35 10.09 1.61 -2.02
N ALA B 36 9.42 0.79 -1.22
CA ALA B 36 9.15 -0.59 -1.61
C ALA B 36 8.20 -0.64 -2.81
N VAL B 37 7.20 0.24 -2.81
CA VAL B 37 6.25 0.31 -3.92
C VAL B 37 6.95 0.73 -5.20
N LYS B 38 8.09 1.40 -5.03
CA LYS B 38 8.89 1.86 -6.16
C LYS B 38 9.60 0.70 -6.82
N VAL B 39 9.75 -0.39 -6.08
CA VAL B 39 10.44 -1.57 -6.59
C VAL B 39 9.61 -2.31 -7.63
N PHE B 40 8.50 -2.87 -7.19
CA PHE B 40 7.61 -3.61 -8.08
C PHE B 40 7.18 -2.75 -9.27
N GLU B 41 7.12 -1.45 -9.06
CA GLU B 41 6.70 -0.52 -10.12
C GLU B 41 7.86 -0.09 -11.02
N THR B 42 9.09 -0.21 -10.55
CA THR B 42 10.24 0.21 -11.34
C THR B 42 10.42 -0.67 -12.58
N PHE B 43 10.18 -1.97 -12.45
CA PHE B 43 10.31 -2.88 -13.59
C PHE B 43 8.95 -3.14 -14.23
N GLU B 44 7.99 -2.29 -13.93
CA GLU B 44 6.66 -2.41 -14.49
C GLU B 44 6.07 -3.79 -14.24
N ALA B 45 6.32 -4.33 -13.05
CA ALA B 45 5.81 -5.64 -12.70
C ALA B 45 4.30 -5.54 -12.47
N LYS B 46 3.62 -6.68 -12.42
CA LYS B 46 2.18 -6.69 -12.20
C LYS B 46 1.85 -7.06 -10.77
N ILE B 47 1.42 -6.07 -10.00
CA ILE B 47 1.08 -6.29 -8.62
C ILE B 47 -0.30 -6.90 -8.46
N HIS B 48 -0.40 -7.89 -7.58
CA HIS B 48 -1.66 -8.56 -7.32
C HIS B 48 -2.36 -7.94 -6.11
N HIS B 49 -1.60 -7.65 -5.04
CA HIS B 49 -2.19 -7.05 -3.84
C HIS B 49 -1.13 -6.47 -2.90
N LEU B 50 -1.00 -5.15 -2.94
CA LEU B 50 -0.08 -4.42 -2.06
C LEU B 50 -0.90 -3.85 -0.91
N GLU B 51 -0.47 -4.10 0.32
CA GLU B 51 -1.22 -3.61 1.47
C GLU B 51 -0.32 -3.36 2.68
N THR B 52 -0.67 -2.34 3.45
CA THR B 52 0.06 -1.97 4.64
C THR B 52 -0.91 -1.63 5.76
N ARG B 53 -0.61 -2.07 6.97
CA ARG B 53 -1.46 -1.81 8.12
C ARG B 53 -0.82 -2.30 9.41
N PRO B 54 -1.24 -1.77 10.57
CA PRO B 54 -0.71 -2.18 11.87
C PRO B 54 -0.68 -3.68 12.08
N ALA B 55 -0.11 -4.07 13.20
CA ALA B 55 0.00 -5.46 13.55
C ALA B 55 0.39 -5.63 15.01
N GLN B 56 0.70 -6.86 15.34
CA GLN B 56 1.15 -7.20 16.68
C GLN B 56 2.07 -8.40 16.64
N ARG B 57 1.43 -9.53 16.41
CA ARG B 57 2.09 -10.84 16.30
C ARG B 57 3.62 -10.77 16.37
N PRO B 58 4.30 -10.13 15.38
CA PRO B 58 5.77 -10.02 15.37
C PRO B 58 6.33 -9.75 16.76
N LEU B 59 5.81 -8.71 17.42
CA LEU B 59 6.26 -8.35 18.75
C LEU B 59 5.09 -8.23 19.72
N ALA B 60 4.21 -7.29 19.43
CA ALA B 60 3.04 -7.03 20.27
C ALA B 60 3.48 -6.49 21.63
N GLY B 61 3.01 -5.29 21.96
CA GLY B 61 3.42 -4.66 23.20
C GLY B 61 4.72 -3.90 23.02
N SER B 62 5.33 -4.16 21.87
CA SER B 62 6.59 -3.53 21.49
C SER B 62 6.51 -3.09 20.03
N PRO B 63 7.46 -2.25 19.56
CA PRO B 63 7.48 -1.77 18.17
C PRO B 63 7.03 -2.84 17.16
N HIS B 64 5.75 -2.80 16.81
CA HIS B 64 5.19 -3.76 15.86
C HIS B 64 4.52 -3.05 14.69
N LEU B 65 4.25 -3.82 13.63
CA LEU B 65 3.61 -3.33 12.41
C LEU B 65 3.88 -4.31 11.26
N GLU B 66 3.06 -4.25 10.21
CA GLU B 66 3.26 -5.14 9.07
C GLU B 66 2.95 -4.47 7.73
N TYR B 67 3.25 -5.19 6.65
CA TYR B 67 3.03 -4.70 5.30
C TYR B 67 3.00 -5.91 4.35
N PHE B 68 1.79 -6.36 4.04
CA PHE B 68 1.58 -7.52 3.17
C PHE B 68 1.49 -7.13 1.70
N VAL B 69 2.25 -7.83 0.85
CA VAL B 69 2.26 -7.54 -0.58
C VAL B 69 2.44 -8.80 -1.42
N ARG B 70 1.82 -8.79 -2.59
CA ARG B 70 1.93 -9.88 -3.53
C ARG B 70 2.02 -9.29 -4.93
N PHE B 71 3.04 -9.69 -5.67
CA PHE B 71 3.25 -9.14 -7.01
C PHE B 71 3.96 -10.13 -7.93
N GLU B 72 3.93 -9.82 -9.22
CA GLU B 72 4.58 -10.67 -10.22
C GLU B 72 5.53 -9.83 -11.07
N VAL B 73 6.67 -10.40 -11.39
CA VAL B 73 7.71 -9.71 -12.15
C VAL B 73 8.49 -10.73 -12.94
N PRO B 74 8.84 -10.45 -14.20
CA PRO B 74 9.64 -11.38 -14.96
C PRO B 74 10.63 -12.09 -14.06
N SER B 75 10.63 -13.42 -14.13
CA SER B 75 11.52 -14.23 -13.30
C SER B 75 12.93 -13.64 -13.24
N GLY B 76 13.28 -12.85 -14.26
CA GLY B 76 14.60 -12.24 -14.30
C GLY B 76 14.63 -10.83 -13.72
N ASP B 77 13.60 -10.03 -13.98
CA ASP B 77 13.55 -8.66 -13.47
C ASP B 77 13.17 -8.68 -12.00
N LEU B 78 12.72 -9.83 -11.54
CA LEU B 78 12.39 -9.99 -10.15
C LEU B 78 13.60 -9.66 -9.33
N ALA B 79 14.61 -10.49 -9.49
CA ALA B 79 15.88 -10.32 -8.82
C ALA B 79 16.37 -8.89 -9.02
N ALA B 80 15.90 -8.27 -10.09
CA ALA B 80 16.28 -6.92 -10.43
C ALA B 80 15.73 -5.90 -9.44
N LEU B 81 14.41 -5.93 -9.25
CA LEU B 81 13.78 -4.98 -8.36
C LEU B 81 13.83 -5.48 -6.91
N LEU B 82 13.94 -6.79 -6.74
CA LEU B 82 14.06 -7.35 -5.40
C LEU B 82 15.33 -6.86 -4.73
N SER B 83 16.35 -6.59 -5.55
CA SER B 83 17.61 -6.09 -5.05
C SER B 83 17.36 -4.79 -4.32
N SER B 84 16.43 -4.05 -4.86
CA SER B 84 16.01 -2.79 -4.29
C SER B 84 15.21 -3.05 -3.02
N VAL B 85 14.36 -4.06 -3.08
CA VAL B 85 13.53 -4.45 -1.97
C VAL B 85 14.35 -4.93 -0.80
N ARG B 86 15.49 -5.53 -1.09
CA ARG B 86 16.38 -6.00 -0.04
C ARG B 86 17.20 -4.82 0.45
N ARG B 87 17.15 -3.75 -0.35
CA ARG B 87 17.83 -2.51 -0.05
C ARG B 87 16.98 -1.71 0.92
N VAL B 88 15.70 -2.07 0.97
CA VAL B 88 14.74 -1.43 1.87
C VAL B 88 14.47 -2.33 3.07
N SER B 89 14.21 -3.60 2.80
CA SER B 89 13.94 -4.58 3.86
C SER B 89 15.18 -5.39 4.19
N ASP B 90 15.33 -5.75 5.47
CA ASP B 90 16.49 -6.53 5.89
C ASP B 90 16.10 -7.60 6.92
N ASP B 91 15.53 -7.16 8.04
CA ASP B 91 15.14 -8.07 9.10
C ASP B 91 13.69 -8.56 8.95
N VAL B 92 13.28 -8.83 7.72
CA VAL B 92 11.93 -9.33 7.46
C VAL B 92 11.96 -10.55 6.55
N ARG B 93 10.79 -10.98 6.09
CA ARG B 93 10.69 -12.16 5.24
C ARG B 93 9.59 -12.02 4.20
N SER B 94 9.40 -13.08 3.42
CA SER B 94 8.34 -13.12 2.42
C SER B 94 7.01 -13.44 3.09
N ALA B 95 5.94 -13.29 2.33
CA ALA B 95 4.61 -13.56 2.86
C ALA B 95 4.14 -14.97 2.51
N PRO A 1 -26.01 0.89 -1.39
CA PRO A 1 -27.44 1.30 -1.25
C PRO A 1 -27.58 2.53 -0.38
N GLY A 2 -26.59 3.43 -0.47
CA GLY A 2 -26.62 4.65 0.33
C GLY A 2 -25.24 5.27 0.48
N ASN A 3 -25.16 6.34 1.27
CA ASN A 3 -23.90 7.03 1.50
C ASN A 3 -23.81 7.58 2.92
N PRO A 4 -23.55 6.70 3.89
CA PRO A 4 -23.40 7.10 5.29
C PRO A 4 -22.13 7.90 5.50
N LEU A 5 -21.03 7.36 4.98
CA LEU A 5 -19.73 8.00 5.06
C LEU A 5 -19.30 8.48 3.71
N GLU A 6 -20.31 8.59 2.87
CA GLU A 6 -20.22 9.00 1.47
C GLU A 6 -18.90 8.65 0.76
N ALA A 7 -18.95 8.80 -0.56
CA ALA A 7 -17.81 8.55 -1.40
C ALA A 7 -16.81 9.69 -1.42
N VAL A 8 -17.24 10.88 -1.02
CA VAL A 8 -16.32 12.02 -1.02
C VAL A 8 -16.46 12.90 0.22
N VAL A 9 -16.08 12.37 1.38
CA VAL A 9 -16.13 13.13 2.63
C VAL A 9 -15.11 12.61 3.65
N PHE A 10 -15.26 13.09 4.88
CA PHE A 10 -14.41 12.70 6.00
C PHE A 10 -15.07 13.12 7.29
N GLU A 11 -14.95 12.34 8.34
CA GLU A 11 -15.51 12.75 9.60
C GLU A 11 -14.70 12.23 10.76
N GLU A 12 -14.43 13.12 11.67
CA GLU A 12 -13.65 12.77 12.81
C GLU A 12 -14.42 12.07 13.90
N ARG A 13 -13.60 11.43 14.67
CA ARG A 13 -13.95 10.58 15.78
C ARG A 13 -13.07 10.88 17.00
N ASP A 14 -13.68 11.12 18.15
CA ASP A 14 -12.92 11.37 19.37
C ASP A 14 -11.80 12.39 19.16
N GLY A 15 -11.94 13.22 18.13
CA GLY A 15 -10.93 14.23 17.86
C GLY A 15 -9.95 13.87 16.76
N ASN A 16 -10.29 12.89 15.91
CA ASN A 16 -9.43 12.52 14.80
C ASN A 16 -10.29 12.14 13.63
N ALA A 17 -9.79 12.28 12.43
CA ALA A 17 -10.63 11.99 11.28
C ALA A 17 -10.33 10.67 10.65
N VAL A 18 -11.35 9.84 10.65
CA VAL A 18 -11.28 8.52 10.06
C VAL A 18 -12.01 8.56 8.73
N LEU A 19 -11.29 8.27 7.66
CA LEU A 19 -11.86 8.31 6.33
C LEU A 19 -11.13 7.40 5.38
N ASN A 20 -11.52 7.44 4.13
CA ASN A 20 -10.90 6.60 3.09
C ASN A 20 -10.69 7.38 1.80
N LEU A 21 -9.68 6.99 0.99
CA LEU A 21 -9.37 7.73 -0.23
C LEU A 21 -8.93 6.82 -1.36
N LEU A 22 -9.53 6.97 -2.54
CA LEU A 22 -9.13 6.17 -3.69
C LEU A 22 -8.55 7.08 -4.78
N PHE A 23 -7.75 6.51 -5.66
CA PHE A 23 -7.16 7.27 -6.75
C PHE A 23 -6.65 6.34 -7.83
N SER A 24 -6.87 6.72 -9.08
CA SER A 24 -6.50 5.91 -10.23
C SER A 24 -6.03 6.79 -11.39
N LEU A 25 -5.57 6.15 -12.44
CA LEU A 25 -5.09 6.87 -13.61
C LEU A 25 -5.79 6.38 -14.87
N ARG A 26 -5.91 7.25 -15.87
CA ARG A 26 -6.57 6.90 -17.13
C ARG A 26 -5.58 6.28 -18.11
N GLY A 27 -4.39 6.84 -18.19
CA GLY A 27 -3.38 6.33 -19.09
C GLY A 27 -2.01 6.94 -18.83
N THR A 28 -2.01 8.15 -18.27
CA THR A 28 -0.78 8.85 -17.95
C THR A 28 -0.58 8.92 -16.45
N LYS A 29 0.39 9.73 -16.01
CA LYS A 29 0.69 9.88 -14.59
C LYS A 29 1.11 8.55 -13.97
N PRO A 30 2.40 8.39 -13.64
CA PRO A 30 2.93 7.15 -13.05
C PRO A 30 2.14 6.71 -11.82
N SER A 31 2.30 5.44 -11.47
CA SER A 31 1.64 4.85 -10.31
C SER A 31 2.37 5.21 -9.02
N SER A 32 2.80 6.47 -8.92
CA SER A 32 3.53 6.95 -7.75
C SER A 32 2.60 7.08 -6.55
N LEU A 33 2.07 5.95 -6.09
CA LEU A 33 1.17 5.91 -4.96
C LEU A 33 1.96 5.89 -3.66
N SER A 34 3.25 5.62 -3.77
CA SER A 34 4.13 5.59 -2.60
C SER A 34 4.08 6.92 -1.87
N ARG A 35 4.18 8.00 -2.62
CA ARG A 35 4.14 9.33 -2.03
C ARG A 35 2.82 9.53 -1.28
N ALA A 36 1.81 8.75 -1.66
CA ALA A 36 0.50 8.83 -1.01
C ALA A 36 0.59 8.27 0.41
N VAL A 37 1.27 7.13 0.57
CA VAL A 37 1.41 6.53 1.90
C VAL A 37 2.29 7.42 2.77
N LYS A 38 3.08 8.28 2.13
CA LYS A 38 3.94 9.21 2.85
C LYS A 38 3.10 10.24 3.59
N VAL A 39 1.87 10.40 3.13
CA VAL A 39 0.94 11.36 3.70
C VAL A 39 0.45 10.93 5.06
N PHE A 40 -0.33 9.86 5.07
CA PHE A 40 -0.87 9.33 6.32
C PHE A 40 0.25 9.00 7.31
N GLU A 41 1.43 8.70 6.78
CA GLU A 41 2.58 8.35 7.61
C GLU A 41 3.37 9.57 8.08
N THR A 42 3.39 10.64 7.28
CA THR A 42 4.14 11.84 7.64
C THR A 42 3.68 12.42 8.96
N PHE A 43 2.36 12.43 9.19
CA PHE A 43 1.84 12.97 10.44
C PHE A 43 1.56 11.87 11.45
N GLU A 44 2.23 10.75 11.27
CA GLU A 44 2.11 9.61 12.16
C GLU A 44 0.67 9.26 12.46
N ALA A 45 -0.19 9.34 11.45
CA ALA A 45 -1.59 8.99 11.64
C ALA A 45 -1.72 7.49 11.88
N LYS A 46 -2.94 7.03 12.12
CA LYS A 46 -3.19 5.61 12.37
C LYS A 46 -3.93 5.00 11.20
N ILE A 47 -3.20 4.28 10.37
CA ILE A 47 -3.77 3.66 9.18
C ILE A 47 -4.54 2.40 9.51
N HIS A 48 -5.79 2.36 9.05
CA HIS A 48 -6.65 1.22 9.27
C HIS A 48 -6.31 0.09 8.31
N HIS A 49 -6.28 0.41 7.01
CA HIS A 49 -5.98 -0.59 6.00
C HIS A 49 -5.67 0.06 4.65
N LEU A 50 -4.39 0.09 4.30
CA LEU A 50 -3.94 0.63 3.03
C LEU A 50 -3.84 -0.52 2.04
N GLU A 51 -4.49 -0.39 0.89
CA GLU A 51 -4.48 -1.46 -0.08
C GLU A 51 -4.57 -0.96 -1.51
N THR A 52 -4.17 -1.81 -2.45
CA THR A 52 -4.22 -1.49 -3.85
C THR A 52 -4.84 -2.66 -4.62
N ARG A 53 -5.66 -2.36 -5.60
CA ARG A 53 -6.30 -3.38 -6.41
C ARG A 53 -6.76 -2.80 -7.74
N PRO A 54 -6.91 -3.63 -8.78
CA PRO A 54 -7.33 -3.17 -10.10
C PRO A 54 -8.48 -2.21 -10.08
N ALA A 55 -8.40 -1.28 -11.00
CA ALA A 55 -9.42 -0.27 -11.17
C ALA A 55 -10.53 -0.76 -12.08
N GLN A 56 -11.33 0.21 -12.53
CA GLN A 56 -12.41 -0.03 -13.44
C GLN A 56 -12.76 1.23 -14.19
N ARG A 57 -13.55 2.05 -13.51
CA ARG A 57 -14.01 3.35 -14.00
C ARG A 57 -13.41 3.76 -15.35
N PRO A 58 -12.08 4.02 -15.44
CA PRO A 58 -11.45 4.40 -16.72
C PRO A 58 -11.63 3.34 -17.80
N LEU A 59 -11.00 2.20 -17.60
CA LEU A 59 -11.10 1.09 -18.55
C LEU A 59 -12.18 0.11 -18.11
N ALA A 60 -11.86 -0.63 -17.05
CA ALA A 60 -12.77 -1.63 -16.49
C ALA A 60 -12.85 -2.86 -17.37
N GLY A 61 -13.13 -2.65 -18.66
CA GLY A 61 -13.20 -3.76 -19.59
C GLY A 61 -11.98 -4.64 -19.46
N SER A 62 -10.81 -4.01 -19.40
CA SER A 62 -9.55 -4.72 -19.25
C SER A 62 -8.93 -4.43 -17.88
N PRO A 63 -7.98 -5.26 -17.43
CA PRO A 63 -7.32 -5.08 -16.13
C PRO A 63 -6.67 -3.71 -15.97
N HIS A 64 -7.02 -3.03 -14.88
CA HIS A 64 -6.46 -1.71 -14.58
C HIS A 64 -5.96 -1.67 -13.15
N LEU A 65 -5.69 -0.47 -12.64
CA LEU A 65 -5.19 -0.35 -11.27
C LEU A 65 -5.83 0.79 -10.48
N GLU A 66 -6.21 0.47 -9.25
CA GLU A 66 -6.84 1.40 -8.32
C GLU A 66 -6.05 1.44 -7.00
N TYR A 67 -6.56 2.17 -6.01
CA TYR A 67 -5.86 2.28 -4.74
C TYR A 67 -6.82 2.67 -3.60
N PHE A 68 -7.24 1.66 -2.84
CA PHE A 68 -8.17 1.84 -1.71
C PHE A 68 -7.42 2.00 -0.38
N VAL A 69 -7.76 3.06 0.37
CA VAL A 69 -7.12 3.32 1.65
C VAL A 69 -8.09 3.79 2.71
N ARG A 70 -7.83 3.39 3.94
CA ARG A 70 -8.61 3.82 5.10
C ARG A 70 -7.67 4.17 6.23
N PHE A 71 -7.71 5.42 6.69
CA PHE A 71 -6.81 5.87 7.74
C PHE A 71 -7.45 6.92 8.64
N GLU A 72 -6.82 7.16 9.77
CA GLU A 72 -7.32 8.15 10.74
C GLU A 72 -6.21 9.13 11.09
N VAL A 73 -6.57 10.39 11.20
CA VAL A 73 -5.61 11.45 11.51
C VAL A 73 -6.31 12.57 12.23
N PRO A 74 -5.71 13.14 13.29
CA PRO A 74 -6.33 14.24 14.01
C PRO A 74 -7.07 15.16 13.03
N SER A 75 -8.31 15.49 13.38
CA SER A 75 -9.16 16.32 12.53
C SER A 75 -8.40 17.52 11.95
N GLY A 76 -7.31 17.92 12.60
CA GLY A 76 -6.54 19.05 12.13
C GLY A 76 -5.33 18.61 11.31
N ASP A 77 -4.70 17.54 11.76
CA ASP A 77 -3.52 17.00 11.10
C ASP A 77 -3.92 16.33 9.81
N LEU A 78 -5.19 16.01 9.72
CA LEU A 78 -5.73 15.43 8.50
C LEU A 78 -5.47 16.39 7.38
N ALA A 79 -6.10 17.54 7.51
CA ALA A 79 -5.94 18.63 6.56
C ALA A 79 -4.47 18.87 6.27
N ALA A 80 -3.63 18.51 7.24
CA ALA A 80 -2.19 18.68 7.14
C ALA A 80 -1.59 17.78 6.08
N LEU A 81 -1.84 16.47 6.19
CA LEU A 81 -1.28 15.53 5.26
C LEU A 81 -2.14 15.41 4.01
N LEU A 82 -3.43 15.70 4.13
CA LEU A 82 -4.33 15.65 2.99
C LEU A 82 -3.90 16.64 1.94
N SER A 83 -3.30 17.74 2.37
CA SER A 83 -2.82 18.76 1.45
C SER A 83 -1.82 18.13 0.50
N SER A 84 -1.10 17.18 1.05
CA SER A 84 -0.11 16.43 0.30
C SER A 84 -0.82 15.50 -0.66
N VAL A 85 -1.86 14.85 -0.17
CA VAL A 85 -2.63 13.91 -0.93
C VAL A 85 -3.35 14.57 -2.10
N ARG A 86 -3.73 15.82 -1.90
CA ARG A 86 -4.39 16.57 -2.97
C ARG A 86 -3.30 17.01 -3.94
N ARG A 87 -2.08 16.92 -3.45
CA ARG A 87 -0.88 17.26 -4.21
C ARG A 87 -0.46 16.06 -5.05
N VAL A 88 -1.00 14.89 -4.71
CA VAL A 88 -0.69 13.66 -5.42
C VAL A 88 -1.90 13.20 -6.24
N SER A 89 -3.09 13.61 -5.81
CA SER A 89 -4.33 13.25 -6.48
C SER A 89 -5.29 14.42 -6.50
N ASP A 90 -6.16 14.48 -7.50
CA ASP A 90 -7.11 15.57 -7.62
C ASP A 90 -8.41 15.14 -8.32
N ASP A 91 -8.28 14.33 -9.36
CA ASP A 91 -9.45 13.88 -10.13
C ASP A 91 -10.04 12.58 -9.58
N VAL A 92 -9.99 12.39 -8.27
CA VAL A 92 -10.55 11.20 -7.66
C VAL A 92 -11.47 11.55 -6.49
N ARG A 93 -11.84 10.55 -5.69
CA ARG A 93 -12.73 10.76 -4.57
C ARG A 93 -12.33 9.91 -3.36
N SER A 94 -13.12 10.02 -2.30
CA SER A 94 -12.89 9.26 -1.10
C SER A 94 -13.47 7.86 -1.31
N ALA A 95 -13.19 6.95 -0.38
CA ALA A 95 -13.71 5.59 -0.51
C ALA A 95 -14.97 5.39 0.33
N PRO B 1 -0.83 -24.91 7.60
CA PRO B 1 -0.59 -26.36 7.74
C PRO B 1 0.39 -26.86 6.67
N GLY B 2 1.34 -26.01 6.32
CA GLY B 2 2.32 -26.38 5.31
C GLY B 2 2.99 -25.17 4.68
N ASN B 3 3.84 -25.42 3.68
CA ASN B 3 4.54 -24.33 3.00
C ASN B 3 4.73 -24.64 1.52
N PRO B 4 3.66 -24.49 0.73
CA PRO B 4 3.72 -24.72 -0.72
C PRO B 4 4.54 -23.64 -1.41
N LEU B 5 4.23 -22.39 -1.08
CA LEU B 5 4.92 -21.24 -1.63
C LEU B 5 5.76 -20.59 -0.56
N GLU B 6 5.99 -21.39 0.46
CA GLU B 6 6.73 -21.04 1.66
C GLU B 6 6.68 -19.57 2.08
N ALA B 7 7.15 -19.34 3.30
CA ALA B 7 7.19 -18.02 3.88
C ALA B 7 8.37 -17.20 3.38
N VAL B 8 9.40 -17.86 2.86
CA VAL B 8 10.57 -17.13 2.37
C VAL B 8 11.11 -17.67 1.04
N VAL B 9 10.34 -17.49 -0.03
CA VAL B 9 10.76 -17.92 -1.36
C VAL B 9 10.08 -17.10 -2.46
N PHE B 10 10.23 -17.57 -3.70
CA PHE B 10 9.64 -16.95 -4.87
C PHE B 10 9.69 -17.95 -6.01
N GLU B 11 8.68 -17.95 -6.86
CA GLU B 11 8.72 -18.84 -8.00
C GLU B 11 7.99 -18.24 -9.17
N GLU B 12 8.65 -18.31 -10.30
CA GLU B 12 8.09 -17.77 -11.50
C GLU B 12 7.08 -18.66 -12.18
N ARG B 13 6.34 -17.96 -12.98
CA ARG B 13 5.21 -18.43 -13.75
C ARG B 13 5.28 -17.88 -15.17
N ASP B 14 5.18 -18.77 -16.16
CA ASP B 14 5.17 -18.35 -17.55
C ASP B 14 6.30 -17.36 -17.86
N GLY B 15 7.34 -17.37 -17.05
CA GLY B 15 8.46 -16.47 -17.27
C GLY B 15 8.46 -15.22 -16.38
N ASN B 16 7.71 -15.24 -15.29
CA ASN B 16 7.69 -14.10 -14.37
C ASN B 16 7.55 -14.62 -12.97
N ALA B 17 8.01 -13.89 -11.99
CA ALA B 17 7.94 -14.40 -10.64
C ALA B 17 6.85 -13.79 -9.83
N VAL B 18 5.96 -14.66 -9.39
CA VAL B 18 4.84 -14.28 -8.57
C VAL B 18 5.15 -14.69 -7.14
N LEU B 19 5.19 -13.71 -6.25
CA LEU B 19 5.52 -13.98 -4.87
C LEU B 19 4.92 -12.93 -3.94
N ASN B 20 5.25 -13.04 -2.66
CA ASN B 20 4.73 -12.10 -1.66
C ASN B 20 5.83 -11.70 -0.67
N LEU B 21 5.73 -10.50 -0.08
CA LEU B 21 6.76 -10.02 0.84
C LEU B 21 6.20 -9.22 1.99
N LEU B 22 6.59 -9.55 3.22
CA LEU B 22 6.15 -8.80 4.39
C LEU B 22 7.33 -8.13 5.06
N PHE B 23 7.06 -7.08 5.81
CA PHE B 23 8.11 -6.36 6.54
C PHE B 23 7.51 -5.50 7.63
N SER B 24 8.17 -5.49 8.76
CA SER B 24 7.69 -4.77 9.93
C SER B 24 8.86 -4.17 10.72
N LEU B 25 8.54 -3.39 11.74
CA LEU B 25 9.57 -2.76 12.57
C LEU B 25 9.34 -3.09 14.04
N ARG B 26 10.42 -3.10 14.82
CA ARG B 26 10.35 -3.41 16.24
C ARG B 26 10.06 -2.16 17.05
N GLY B 27 10.72 -1.06 16.71
CA GLY B 27 10.52 0.19 17.42
C GLY B 27 11.15 1.37 16.69
N THR B 28 12.19 1.07 15.91
CA THR B 28 12.88 2.10 15.14
C THR B 28 12.59 1.95 13.65
N LYS B 29 13.34 2.67 12.83
CA LYS B 29 13.17 2.62 11.38
C LYS B 29 11.75 3.06 10.98
N PRO B 30 11.63 4.27 10.38
CA PRO B 30 10.32 4.80 9.97
C PRO B 30 9.52 3.83 9.09
N SER B 31 8.22 4.08 9.00
CA SER B 31 7.32 3.25 8.21
C SER B 31 7.41 3.62 6.74
N SER B 32 8.63 3.85 6.26
CA SER B 32 8.87 4.22 4.87
C SER B 32 8.63 3.03 3.93
N LEU B 33 7.38 2.58 3.89
CA LEU B 33 6.98 1.46 3.06
C LEU B 33 6.72 1.93 1.63
N SER B 34 6.58 3.24 1.47
CA SER B 34 6.33 3.82 0.17
C SER B 34 7.43 3.43 -0.81
N ARG B 35 8.67 3.56 -0.37
CA ARG B 35 9.80 3.20 -1.20
C ARG B 35 9.70 1.74 -1.63
N ALA B 36 8.97 0.94 -0.84
CA ALA B 36 8.78 -0.46 -1.16
C ALA B 36 7.90 -0.63 -2.38
N VAL B 37 6.81 0.15 -2.46
CA VAL B 37 5.92 0.07 -3.61
C VAL B 37 6.63 0.59 -4.86
N LYS B 38 7.68 1.39 -4.63
CA LYS B 38 8.47 1.93 -5.73
C LYS B 38 9.22 0.82 -6.44
N VAL B 39 9.39 -0.29 -5.73
CA VAL B 39 10.11 -1.44 -6.25
C VAL B 39 9.30 -2.17 -7.32
N PHE B 40 8.21 -2.77 -6.91
CA PHE B 40 7.35 -3.51 -7.83
C PHE B 40 6.88 -2.61 -8.96
N GLU B 41 6.81 -1.31 -8.69
CA GLU B 41 6.35 -0.33 -9.68
C GLU B 41 7.48 0.15 -10.60
N THR B 42 8.71 0.22 -10.08
CA THR B 42 9.84 0.70 -10.88
C THR B 42 10.03 -0.13 -12.13
N PHE B 43 9.89 -1.45 -12.02
CA PHE B 43 10.06 -2.31 -13.19
C PHE B 43 8.73 -2.66 -13.82
N GLU B 44 7.75 -1.81 -13.58
CA GLU B 44 6.41 -1.98 -14.15
C GLU B 44 5.89 -3.40 -13.98
N ALA B 45 6.15 -4.01 -12.83
CA ALA B 45 5.66 -5.36 -12.59
C ALA B 45 4.14 -5.34 -12.45
N LYS B 46 3.54 -6.51 -12.26
CA LYS B 46 2.09 -6.60 -12.13
C LYS B 46 1.73 -6.98 -10.70
N ILE B 47 1.29 -5.99 -9.94
CA ILE B 47 0.95 -6.19 -8.55
C ILE B 47 -0.41 -6.83 -8.38
N HIS B 48 -0.43 -7.93 -7.64
CA HIS B 48 -1.65 -8.66 -7.36
C HIS B 48 -2.49 -7.96 -6.29
N HIS B 49 -1.85 -7.69 -5.16
CA HIS B 49 -2.54 -7.03 -4.05
C HIS B 49 -1.57 -6.51 -3.00
N LEU B 50 -1.35 -5.21 -3.01
CA LEU B 50 -0.48 -4.56 -2.03
C LEU B 50 -1.33 -4.10 -0.87
N GLU B 51 -0.98 -4.48 0.35
CA GLU B 51 -1.77 -4.10 1.50
C GLU B 51 -0.94 -3.94 2.76
N THR B 52 -1.50 -3.21 3.73
CA THR B 52 -0.85 -3.00 5.00
C THR B 52 -1.84 -3.26 6.12
N ARG B 53 -1.36 -3.88 7.19
CA ARG B 53 -2.22 -4.18 8.34
C ARG B 53 -1.35 -4.40 9.58
N PRO B 54 -1.92 -4.20 10.78
CA PRO B 54 -1.17 -4.37 12.03
C PRO B 54 -0.34 -5.62 12.09
N ALA B 55 0.79 -5.46 12.73
CA ALA B 55 1.73 -6.54 12.93
C ALA B 55 1.40 -7.34 14.16
N GLN B 56 2.38 -8.13 14.57
CA GLN B 56 2.29 -8.94 15.77
C GLN B 56 3.67 -9.28 16.27
N ARG B 57 4.23 -10.30 15.66
CA ARG B 57 5.58 -10.82 15.94
C ARG B 57 6.34 -9.99 16.98
N PRO B 58 6.72 -8.71 16.67
CA PRO B 58 7.46 -7.87 17.63
C PRO B 58 6.68 -7.67 18.93
N LEU B 59 5.57 -6.94 18.83
CA LEU B 59 4.74 -6.69 20.00
C LEU B 59 3.60 -7.69 20.07
N ALA B 60 2.64 -7.52 19.16
CA ALA B 60 1.47 -8.40 19.08
C ALA B 60 0.49 -8.11 20.20
N GLY B 61 0.99 -8.11 21.44
CA GLY B 61 0.15 -7.83 22.57
C GLY B 61 -0.65 -6.55 22.34
N SER B 62 0.04 -5.52 21.86
CA SER B 62 -0.59 -4.25 21.55
C SER B 62 -0.59 -3.99 20.05
N PRO B 63 -1.44 -3.06 19.56
CA PRO B 63 -1.54 -2.74 18.13
C PRO B 63 -0.20 -2.33 17.52
N HIS B 64 0.18 -3.01 16.43
CA HIS B 64 1.41 -2.72 15.72
C HIS B 64 1.13 -2.57 14.24
N LEU B 65 2.18 -2.59 13.41
CA LEU B 65 2.01 -2.42 11.98
C LEU B 65 2.86 -3.37 11.14
N GLU B 66 2.21 -3.97 10.14
CA GLU B 66 2.84 -4.90 9.21
C GLU B 66 2.62 -4.45 7.77
N TYR B 67 3.04 -5.27 6.80
CA TYR B 67 2.88 -4.90 5.41
C TYR B 67 2.91 -6.12 4.49
N PHE B 68 1.71 -6.56 4.09
CA PHE B 68 1.53 -7.74 3.23
C PHE B 68 1.42 -7.33 1.76
N VAL B 69 2.22 -7.98 0.90
CA VAL B 69 2.20 -7.68 -0.53
C VAL B 69 2.33 -8.93 -1.39
N ARG B 70 1.67 -8.89 -2.54
CA ARG B 70 1.74 -9.96 -3.52
C ARG B 70 1.86 -9.35 -4.90
N PHE B 71 2.95 -9.68 -5.60
CA PHE B 71 3.20 -9.09 -6.91
C PHE B 71 3.95 -10.06 -7.82
N GLU B 72 3.95 -9.74 -9.11
CA GLU B 72 4.63 -10.57 -10.11
C GLU B 72 5.57 -9.70 -10.93
N VAL B 73 6.73 -10.25 -11.24
CA VAL B 73 7.76 -9.53 -11.99
C VAL B 73 8.61 -10.52 -12.75
N PRO B 74 8.94 -10.26 -14.02
CA PRO B 74 9.79 -11.16 -14.78
C PRO B 74 10.85 -11.79 -13.89
N SER B 75 10.99 -13.10 -13.98
CA SER B 75 11.93 -13.85 -13.14
C SER B 75 13.30 -13.16 -13.05
N GLY B 76 13.60 -12.29 -14.02
CA GLY B 76 14.87 -11.59 -14.01
C GLY B 76 14.75 -10.19 -13.46
N ASP B 77 13.65 -9.53 -13.80
CA ASP B 77 13.38 -8.18 -13.36
C ASP B 77 13.03 -8.17 -11.89
N LEU B 78 12.63 -9.34 -11.41
CA LEU B 78 12.34 -9.50 -10.01
C LEU B 78 13.57 -9.14 -9.22
N ALA B 79 14.59 -9.93 -9.44
CA ALA B 79 15.88 -9.71 -8.83
C ALA B 79 16.30 -8.25 -8.98
N ALA B 80 15.78 -7.62 -10.03
CA ALA B 80 16.08 -6.23 -10.32
C ALA B 80 15.51 -5.29 -9.28
N LEU B 81 14.21 -5.38 -9.03
CA LEU B 81 13.57 -4.51 -8.09
C LEU B 81 13.70 -5.03 -6.66
N LEU B 82 13.85 -6.35 -6.53
CA LEU B 82 14.01 -6.95 -5.21
C LEU B 82 15.27 -6.43 -4.54
N SER B 83 16.26 -6.09 -5.35
CA SER B 83 17.51 -5.57 -4.82
C SER B 83 17.21 -4.31 -4.05
N SER B 84 16.22 -3.60 -4.52
CA SER B 84 15.76 -2.38 -3.90
C SER B 84 15.03 -2.71 -2.62
N VAL B 85 14.21 -3.74 -2.68
CA VAL B 85 13.42 -4.19 -1.56
C VAL B 85 14.30 -4.72 -0.43
N ARG B 86 15.44 -5.29 -0.78
CA ARG B 86 16.36 -5.79 0.23
C ARG B 86 17.12 -4.59 0.77
N ARG B 87 17.01 -3.50 0.02
CA ARG B 87 17.62 -2.23 0.36
C ARG B 87 16.69 -1.46 1.31
N VAL B 88 15.44 -1.90 1.37
CA VAL B 88 14.45 -1.28 2.25
C VAL B 88 14.10 -2.20 3.42
N SER B 89 14.31 -3.50 3.22
CA SER B 89 14.02 -4.50 4.24
C SER B 89 15.10 -5.58 4.25
N ASP B 90 15.33 -6.20 5.40
CA ASP B 90 16.34 -7.24 5.51
C ASP B 90 16.00 -8.27 6.59
N ASP B 91 15.48 -7.81 7.71
CA ASP B 91 15.14 -8.70 8.82
C ASP B 91 13.70 -9.21 8.75
N VAL B 92 13.21 -9.44 7.54
CA VAL B 92 11.86 -9.97 7.37
C VAL B 92 11.84 -11.15 6.41
N ARG B 93 10.64 -11.55 5.98
CA ARG B 93 10.50 -12.70 5.10
C ARG B 93 9.41 -12.47 4.05
N SER B 94 9.21 -13.49 3.22
CA SER B 94 8.18 -13.43 2.20
C SER B 94 6.83 -13.75 2.85
N ALA B 95 5.75 -13.57 2.11
CA ALA B 95 4.43 -13.86 2.66
C ALA B 95 3.94 -15.24 2.22
N PRO A 1 -24.78 11.72 2.54
CA PRO A 1 -25.14 12.61 3.66
C PRO A 1 -23.95 13.47 4.08
N GLY A 2 -24.00 14.75 3.71
CA GLY A 2 -22.93 15.66 4.06
C GLY A 2 -22.59 16.61 2.92
N ASN A 3 -22.19 16.06 1.78
CA ASN A 3 -21.84 16.87 0.63
C ASN A 3 -22.75 16.55 -0.56
N PRO A 4 -23.59 17.51 -0.97
CA PRO A 4 -24.52 17.35 -2.09
C PRO A 4 -23.82 17.32 -3.45
N LEU A 5 -22.89 18.23 -3.65
CA LEU A 5 -22.15 18.35 -4.91
C LEU A 5 -20.87 17.54 -4.91
N GLU A 6 -20.76 16.62 -3.98
CA GLU A 6 -19.58 15.78 -3.88
C GLU A 6 -19.81 14.61 -2.94
N ALA A 7 -19.08 13.54 -3.19
CA ALA A 7 -19.18 12.35 -2.36
C ALA A 7 -18.10 12.26 -1.31
N VAL A 8 -16.98 12.90 -1.59
CA VAL A 8 -15.83 12.88 -0.72
C VAL A 8 -16.14 13.45 0.65
N VAL A 9 -16.15 12.58 1.65
CA VAL A 9 -16.45 12.97 3.02
C VAL A 9 -15.46 12.34 3.99
N PHE A 10 -15.71 12.53 5.29
CA PHE A 10 -14.81 11.98 6.30
C PHE A 10 -15.56 11.61 7.59
N GLU A 11 -14.97 10.65 8.30
CA GLU A 11 -15.49 10.15 9.56
C GLU A 11 -14.53 10.56 10.67
N GLU A 12 -14.59 9.89 11.81
CA GLU A 12 -13.77 10.30 12.93
C GLU A 12 -13.55 9.11 13.84
N ARG A 13 -12.85 9.34 14.94
CA ARG A 13 -12.57 8.30 15.88
C ARG A 13 -11.83 8.83 17.11
N ASP A 14 -12.45 8.67 18.27
CA ASP A 14 -11.83 9.09 19.53
C ASP A 14 -11.29 10.51 19.48
N GLY A 15 -11.77 11.31 18.54
CA GLY A 15 -11.30 12.68 18.44
C GLY A 15 -10.29 12.85 17.32
N ASN A 16 -10.41 11.99 16.31
CA ASN A 16 -9.56 12.05 15.13
C ASN A 16 -10.46 11.77 13.96
N ALA A 17 -9.91 11.70 12.76
CA ALA A 17 -10.73 11.43 11.62
C ALA A 17 -10.28 10.21 10.84
N VAL A 18 -11.27 9.35 10.66
CA VAL A 18 -11.08 8.11 9.93
C VAL A 18 -11.80 8.18 8.59
N LEU A 19 -11.13 7.80 7.53
CA LEU A 19 -11.78 7.82 6.22
C LEU A 19 -11.05 6.96 5.22
N ASN A 20 -11.55 6.99 3.99
CA ASN A 20 -10.97 6.21 2.91
C ASN A 20 -10.84 7.05 1.65
N LEU A 21 -9.73 6.88 0.91
CA LEU A 21 -9.51 7.67 -0.30
C LEU A 21 -8.95 6.85 -1.45
N LEU A 22 -9.65 6.89 -2.58
CA LEU A 22 -9.21 6.18 -3.78
C LEU A 22 -8.78 7.15 -4.86
N PHE A 23 -7.96 6.65 -5.78
CA PHE A 23 -7.45 7.47 -6.88
C PHE A 23 -6.97 6.56 -8.00
N SER A 24 -7.33 6.86 -9.25
CA SER A 24 -6.91 5.99 -10.35
C SER A 24 -7.17 6.61 -11.73
N LEU A 25 -6.13 6.72 -12.56
CA LEU A 25 -6.32 7.21 -13.93
C LEU A 25 -5.70 6.24 -14.93
N ARG A 26 -5.41 6.73 -16.12
CA ARG A 26 -4.79 5.93 -17.16
C ARG A 26 -3.27 5.89 -16.97
N GLY A 27 -2.56 5.23 -17.88
CA GLY A 27 -1.12 5.15 -17.76
C GLY A 27 -0.63 3.75 -17.47
N THR A 28 -1.16 2.77 -18.20
CA THR A 28 -0.78 1.37 -18.04
C THR A 28 -0.81 0.92 -16.58
N LYS A 29 0.29 1.13 -15.86
CA LYS A 29 0.37 0.72 -14.46
C LYS A 29 0.63 1.92 -13.54
N PRO A 30 -0.42 2.71 -13.25
CA PRO A 30 -0.30 3.87 -12.37
C PRO A 30 -0.49 3.48 -10.90
N SER A 31 0.36 2.59 -10.43
CA SER A 31 0.30 2.10 -9.05
C SER A 31 1.20 2.88 -8.11
N SER A 32 1.68 4.06 -8.54
CA SER A 32 2.52 4.89 -7.69
C SER A 32 1.76 5.34 -6.45
N LEU A 33 1.55 4.40 -5.54
CA LEU A 33 0.84 4.68 -4.30
C LEU A 33 1.80 5.18 -3.25
N SER A 34 3.05 5.35 -3.64
CA SER A 34 4.07 5.81 -2.74
C SER A 34 3.81 7.24 -2.29
N ARG A 35 3.80 8.14 -3.24
CA ARG A 35 3.56 9.56 -2.97
C ARG A 35 2.40 9.76 -1.99
N ALA A 36 1.53 8.76 -1.94
CA ALA A 36 0.37 8.81 -1.05
C ALA A 36 0.72 8.38 0.38
N VAL A 37 1.48 7.29 0.53
CA VAL A 37 1.86 6.78 1.86
C VAL A 37 2.60 7.83 2.69
N LYS A 38 3.26 8.78 2.03
CA LYS A 38 4.02 9.80 2.74
C LYS A 38 3.11 10.78 3.47
N VAL A 39 1.86 10.85 3.03
CA VAL A 39 0.89 11.75 3.63
C VAL A 39 0.42 11.26 5.00
N PHE A 40 -0.31 10.16 5.00
CA PHE A 40 -0.80 9.58 6.24
C PHE A 40 0.35 9.35 7.23
N GLU A 41 1.55 9.18 6.69
CA GLU A 41 2.73 8.94 7.51
C GLU A 41 3.40 10.23 7.99
N THR A 42 3.28 11.31 7.21
CA THR A 42 3.91 12.58 7.58
C THR A 42 3.42 13.08 8.93
N PHE A 43 2.12 12.96 9.20
CA PHE A 43 1.58 13.40 10.47
C PHE A 43 1.46 12.26 11.46
N GLU A 44 2.19 11.18 11.16
CA GLU A 44 2.20 10.00 12.02
C GLU A 44 0.80 9.52 12.33
N ALA A 45 -0.09 9.59 11.34
CA ALA A 45 -1.45 9.14 11.52
C ALA A 45 -1.49 7.62 11.68
N LYS A 46 -2.63 7.08 12.06
CA LYS A 46 -2.77 5.64 12.25
C LYS A 46 -3.54 5.04 11.08
N ILE A 47 -2.83 4.33 10.22
CA ILE A 47 -3.44 3.72 9.06
C ILE A 47 -4.20 2.46 9.42
N HIS A 48 -5.44 2.39 8.98
CA HIS A 48 -6.27 1.23 9.23
C HIS A 48 -6.00 0.16 8.16
N HIS A 49 -5.95 0.57 6.90
CA HIS A 49 -5.68 -0.38 5.81
C HIS A 49 -5.39 0.31 4.48
N LEU A 50 -4.10 0.36 4.13
CA LEU A 50 -3.66 0.93 2.86
C LEU A 50 -3.55 -0.24 1.90
N GLU A 51 -4.21 -0.14 0.74
CA GLU A 51 -4.16 -1.26 -0.20
C GLU A 51 -4.33 -0.81 -1.64
N THR A 52 -3.86 -1.66 -2.55
CA THR A 52 -3.96 -1.42 -3.97
C THR A 52 -4.30 -2.72 -4.68
N ARG A 53 -5.07 -2.63 -5.77
CA ARG A 53 -5.46 -3.81 -6.52
C ARG A 53 -6.11 -3.41 -7.83
N PRO A 54 -6.12 -4.31 -8.84
CA PRO A 54 -6.71 -4.03 -10.14
C PRO A 54 -8.04 -3.34 -10.05
N ALA A 55 -8.28 -2.53 -11.06
CA ALA A 55 -9.51 -1.80 -11.16
C ALA A 55 -10.58 -2.61 -11.85
N GLN A 56 -11.60 -1.90 -12.27
CA GLN A 56 -12.72 -2.47 -12.98
C GLN A 56 -13.51 -1.39 -13.69
N ARG A 57 -14.53 -0.92 -12.99
CA ARG A 57 -15.42 0.16 -13.45
C ARG A 57 -15.19 0.55 -14.93
N PRO A 58 -14.11 1.31 -15.26
CA PRO A 58 -13.84 1.66 -16.66
C PRO A 58 -13.41 0.44 -17.47
N LEU A 59 -12.31 -0.15 -17.04
CA LEU A 59 -11.78 -1.35 -17.67
C LEU A 59 -11.31 -2.33 -16.59
N ALA A 60 -11.42 -3.61 -16.89
CA ALA A 60 -11.03 -4.63 -15.93
C ALA A 60 -10.11 -5.65 -16.59
N GLY A 61 -8.96 -5.89 -15.97
CA GLY A 61 -7.99 -6.82 -16.53
C GLY A 61 -7.03 -6.11 -17.47
N SER A 62 -7.59 -5.34 -18.38
CA SER A 62 -6.80 -4.57 -19.35
C SER A 62 -5.95 -3.52 -18.62
N PRO A 63 -4.97 -2.90 -19.31
CA PRO A 63 -4.10 -1.89 -18.73
C PRO A 63 -4.85 -0.87 -17.88
N HIS A 64 -4.83 -1.08 -16.56
CA HIS A 64 -5.50 -0.19 -15.62
C HIS A 64 -5.08 -0.52 -14.19
N LEU A 65 -5.72 0.14 -13.21
CA LEU A 65 -5.43 -0.07 -11.79
C LEU A 65 -6.02 1.06 -10.93
N GLU A 66 -6.35 0.73 -9.69
CA GLU A 66 -6.92 1.71 -8.75
C GLU A 66 -6.54 1.35 -7.32
N TYR A 67 -6.56 2.33 -6.41
CA TYR A 67 -6.21 2.08 -5.02
C TYR A 67 -7.45 1.98 -4.15
N PHE A 68 -7.19 1.77 -2.88
CA PHE A 68 -8.18 1.69 -1.83
C PHE A 68 -7.46 1.88 -0.49
N VAL A 69 -7.73 2.98 0.21
CA VAL A 69 -7.04 3.23 1.45
C VAL A 69 -7.95 3.75 2.54
N ARG A 70 -7.64 3.36 3.77
CA ARG A 70 -8.37 3.81 4.94
C ARG A 70 -7.37 4.16 6.02
N PHE A 71 -7.44 5.39 6.51
CA PHE A 71 -6.51 5.83 7.53
C PHE A 71 -7.16 6.84 8.48
N GLU A 72 -6.54 7.01 9.64
CA GLU A 72 -7.06 7.92 10.65
C GLU A 72 -6.02 8.96 11.03
N VAL A 73 -6.44 10.20 11.21
CA VAL A 73 -5.56 11.29 11.55
C VAL A 73 -6.35 12.30 12.34
N PRO A 74 -5.79 12.91 13.39
CA PRO A 74 -6.51 13.92 14.16
C PRO A 74 -7.40 14.76 13.25
N SER A 75 -8.65 14.96 13.68
CA SER A 75 -9.62 15.74 12.90
C SER A 75 -8.97 17.00 12.31
N GLY A 76 -7.89 17.45 12.94
CA GLY A 76 -7.19 18.64 12.48
C GLY A 76 -5.98 18.38 11.59
N ASP A 77 -5.18 17.37 11.91
CA ASP A 77 -3.98 17.06 11.12
C ASP A 77 -4.37 16.36 9.84
N LEU A 78 -5.62 15.93 9.80
CA LEU A 78 -6.15 15.30 8.62
C LEU A 78 -6.00 16.24 7.46
N ALA A 79 -6.72 17.35 7.57
CA ALA A 79 -6.66 18.40 6.58
C ALA A 79 -5.22 18.79 6.29
N ALA A 80 -4.36 18.53 7.26
CA ALA A 80 -2.95 18.85 7.16
C ALA A 80 -2.23 17.99 6.12
N LEU A 81 -2.35 16.67 6.25
CA LEU A 81 -1.68 15.78 5.33
C LEU A 81 -2.52 15.58 4.07
N LEU A 82 -3.83 15.77 4.20
CA LEU A 82 -4.72 15.66 3.05
C LEU A 82 -4.31 16.67 2.00
N SER A 83 -3.88 17.84 2.46
CA SER A 83 -3.45 18.91 1.57
C SER A 83 -2.33 18.38 0.69
N SER A 84 -1.52 17.55 1.30
CA SER A 84 -0.40 16.92 0.61
C SER A 84 -0.96 15.96 -0.42
N VAL A 85 -1.99 15.24 -0.01
CA VAL A 85 -2.66 14.31 -0.87
C VAL A 85 -3.31 15.05 -2.01
N ARG A 86 -3.55 16.34 -1.78
CA ARG A 86 -4.12 17.22 -2.80
C ARG A 86 -2.97 17.66 -3.67
N ARG A 87 -1.78 17.62 -3.08
CA ARG A 87 -0.55 17.96 -3.75
C ARG A 87 -0.10 16.80 -4.63
N VAL A 88 -0.53 15.60 -4.25
CA VAL A 88 -0.21 14.39 -5.01
C VAL A 88 -1.23 14.16 -6.11
N SER A 89 -2.50 14.43 -5.80
CA SER A 89 -3.57 14.24 -6.77
C SER A 89 -4.70 15.24 -6.57
N ASP A 90 -5.78 15.08 -7.35
CA ASP A 90 -6.92 16.00 -7.27
C ASP A 90 -8.27 15.29 -7.52
N ASP A 91 -8.21 14.15 -8.20
CA ASP A 91 -9.43 13.40 -8.49
C ASP A 91 -9.90 12.62 -7.28
N VAL A 92 -8.94 12.04 -6.60
CA VAL A 92 -9.17 11.26 -5.39
C VAL A 92 -10.48 11.62 -4.68
N ARG A 93 -11.16 10.58 -4.23
CA ARG A 93 -12.43 10.73 -3.53
C ARG A 93 -12.52 9.72 -2.41
N SER A 94 -13.59 9.79 -1.63
CA SER A 94 -13.78 8.87 -0.52
C SER A 94 -14.23 7.50 -1.01
N ALA A 95 -13.73 6.48 -0.33
CA ALA A 95 -14.08 5.11 -0.68
C ALA A 95 -15.39 4.68 -0.05
N PRO B 1 8.71 -26.13 1.05
CA PRO B 1 9.26 -26.83 -0.13
C PRO B 1 10.08 -25.90 -1.00
N GLY B 2 11.40 -26.04 -0.94
CA GLY B 2 12.28 -25.20 -1.73
C GLY B 2 13.51 -24.77 -0.97
N ASN B 3 13.30 -24.05 0.14
CA ASN B 3 14.40 -23.58 0.96
C ASN B 3 14.31 -24.16 2.37
N PRO B 4 15.28 -25.01 2.74
CA PRO B 4 15.35 -25.64 4.06
C PRO B 4 15.70 -24.66 5.19
N LEU B 5 16.72 -23.85 4.94
CA LEU B 5 17.20 -22.88 5.92
C LEU B 5 16.52 -21.52 5.79
N GLU B 6 15.41 -21.50 5.10
CA GLU B 6 14.67 -20.26 4.91
C GLU B 6 13.28 -20.53 4.35
N ALA B 7 12.38 -19.63 4.64
CA ALA B 7 11.01 -19.74 4.15
C ALA B 7 10.74 -18.90 2.92
N VAL B 8 11.52 -17.85 2.77
CA VAL B 8 11.38 -16.92 1.67
C VAL B 8 11.56 -17.61 0.33
N VAL B 9 10.46 -17.71 -0.41
CA VAL B 9 10.46 -18.36 -1.73
C VAL B 9 9.70 -17.52 -2.73
N PHE B 10 9.52 -18.07 -3.94
CA PHE B 10 8.82 -17.34 -4.99
C PHE B 10 8.07 -18.28 -5.94
N GLU B 11 7.01 -17.74 -6.53
CA GLU B 11 6.17 -18.44 -7.48
C GLU B 11 6.36 -17.81 -8.86
N GLU B 12 5.42 -18.04 -9.76
CA GLU B 12 5.60 -17.54 -11.11
C GLU B 12 4.23 -17.36 -11.75
N ARG B 13 4.23 -16.94 -13.00
CA ARG B 13 3.01 -16.74 -13.73
C ARG B 13 3.28 -16.36 -15.19
N ASP B 14 2.77 -17.19 -16.09
CA ASP B 14 2.91 -16.92 -17.53
C ASP B 14 4.34 -16.59 -17.93
N GLY B 15 5.32 -16.96 -17.11
CA GLY B 15 6.69 -16.67 -17.45
C GLY B 15 7.22 -15.48 -16.67
N ASN B 16 6.64 -15.26 -15.49
CA ASN B 16 7.06 -14.18 -14.61
C ASN B 16 7.03 -14.75 -13.22
N ALA B 17 7.29 -13.96 -12.21
CA ALA B 17 7.26 -14.47 -10.87
C ALA B 17 6.32 -13.71 -9.97
N VAL B 18 5.46 -14.49 -9.36
CA VAL B 18 4.46 -13.98 -8.43
C VAL B 18 4.81 -14.40 -7.02
N LEU B 19 4.76 -13.48 -6.09
CA LEU B 19 5.07 -13.82 -4.71
C LEU B 19 4.55 -12.77 -3.74
N ASN B 20 4.85 -12.99 -2.46
CA ASN B 20 4.42 -12.09 -1.40
C ASN B 20 5.56 -11.81 -0.44
N LEU B 21 5.67 -10.56 0.02
CA LEU B 21 6.76 -10.20 0.92
C LEU B 21 6.31 -9.29 2.06
N LEU B 22 6.57 -9.73 3.28
CA LEU B 22 6.23 -8.95 4.47
C LEU B 22 7.46 -8.42 5.16
N PHE B 23 7.29 -7.37 5.94
CA PHE B 23 8.40 -6.75 6.67
C PHE B 23 7.83 -5.91 7.82
N SER B 24 8.43 -6.04 9.02
CA SER B 24 7.89 -5.27 10.15
C SER B 24 8.82 -5.30 11.37
N LEU B 25 9.21 -4.14 11.88
CA LEU B 25 10.02 -4.09 13.10
C LEU B 25 9.38 -3.15 14.12
N ARG B 26 10.20 -2.68 15.05
CA ARG B 26 9.72 -1.74 16.07
C ARG B 26 9.76 -0.31 15.52
N GLY B 27 9.42 0.67 16.36
CA GLY B 27 9.43 2.04 15.92
C GLY B 27 8.05 2.65 15.84
N THR B 28 7.24 2.43 16.88
CA THR B 28 5.88 2.95 16.96
C THR B 28 5.07 2.66 15.69
N LYS B 29 5.18 3.55 14.70
CA LYS B 29 4.44 3.39 13.45
C LYS B 29 5.38 3.26 12.25
N PRO B 30 5.99 2.08 12.05
CA PRO B 30 6.89 1.84 10.93
C PRO B 30 6.13 1.39 9.68
N SER B 31 5.22 2.25 9.23
CA SER B 31 4.40 1.94 8.05
C SER B 31 4.98 2.51 6.77
N SER B 32 6.27 2.90 6.79
CA SER B 32 6.92 3.42 5.59
C SER B 32 6.97 2.36 4.50
N LEU B 33 5.83 2.08 3.91
CA LEU B 33 5.72 1.09 2.86
C LEU B 33 6.01 1.72 1.51
N SER B 34 6.37 2.98 1.54
CA SER B 34 6.67 3.72 0.33
C SER B 34 7.91 3.17 -0.35
N ARG B 35 9.02 3.25 0.35
CA ARG B 35 10.30 2.77 -0.18
C ARG B 35 10.15 1.40 -0.85
N ALA B 36 9.11 0.69 -0.47
CA ALA B 36 8.84 -0.63 -1.03
C ALA B 36 8.09 -0.55 -2.37
N VAL B 37 7.05 0.31 -2.45
CA VAL B 37 6.27 0.45 -3.68
C VAL B 37 7.13 0.84 -4.88
N LYS B 38 8.26 1.50 -4.63
CA LYS B 38 9.13 1.93 -5.72
C LYS B 38 9.80 0.76 -6.41
N VAL B 39 9.88 -0.36 -5.71
CA VAL B 39 10.52 -1.56 -6.24
C VAL B 39 9.67 -2.23 -7.30
N PHE B 40 8.55 -2.79 -6.88
CA PHE B 40 7.64 -3.45 -7.79
C PHE B 40 7.27 -2.53 -8.95
N GLU B 41 7.33 -1.23 -8.70
CA GLU B 41 6.98 -0.23 -9.71
C GLU B 41 8.16 0.13 -10.62
N THR B 42 9.39 0.04 -10.10
CA THR B 42 10.56 0.40 -10.89
C THR B 42 10.67 -0.43 -12.16
N PHE B 43 10.39 -1.73 -12.07
CA PHE B 43 10.45 -2.58 -13.24
C PHE B 43 9.08 -2.76 -13.88
N GLU B 44 8.17 -1.85 -13.53
CA GLU B 44 6.83 -1.87 -14.08
C GLU B 44 6.17 -3.22 -13.91
N ALA B 45 6.42 -3.86 -12.78
CA ALA B 45 5.82 -5.17 -12.52
C ALA B 45 4.32 -5.02 -12.32
N LYS B 46 3.61 -6.14 -12.26
CA LYS B 46 2.16 -6.12 -12.09
C LYS B 46 1.82 -6.52 -10.66
N ILE B 47 1.40 -5.55 -9.86
CA ILE B 47 1.07 -5.81 -8.47
C ILE B 47 -0.30 -6.44 -8.35
N HIS B 48 -0.37 -7.53 -7.61
CA HIS B 48 -1.61 -8.23 -7.38
C HIS B 48 -2.35 -7.60 -6.20
N HIS B 49 -1.63 -7.34 -5.11
CA HIS B 49 -2.25 -6.71 -3.94
C HIS B 49 -1.22 -6.23 -2.91
N LEU B 50 -0.97 -4.92 -2.91
CA LEU B 50 -0.07 -4.30 -1.94
C LEU B 50 -0.94 -3.81 -0.80
N GLU B 51 -0.62 -4.22 0.42
CA GLU B 51 -1.44 -3.82 1.56
C GLU B 51 -0.67 -3.73 2.87
N THR B 52 -1.22 -2.96 3.79
CA THR B 52 -0.63 -2.78 5.10
C THR B 52 -1.74 -2.78 6.15
N ARG B 53 -1.43 -3.30 7.34
CA ARG B 53 -2.41 -3.35 8.41
C ARG B 53 -1.74 -3.75 9.73
N PRO B 54 -2.35 -3.42 10.88
CA PRO B 54 -1.80 -3.74 12.18
C PRO B 54 -1.26 -5.14 12.26
N ALA B 55 -0.25 -5.27 13.09
CA ALA B 55 0.39 -6.53 13.32
C ALA B 55 -0.32 -7.32 14.41
N GLN B 56 0.40 -8.30 14.90
CA GLN B 56 -0.08 -9.15 15.97
C GLN B 56 1.09 -9.91 16.58
N ARG B 57 1.29 -11.11 16.07
CA ARG B 57 2.38 -12.03 16.48
C ARG B 57 3.14 -11.53 17.72
N PRO B 58 4.05 -10.52 17.60
CA PRO B 58 4.76 -10.01 18.77
C PRO B 58 3.83 -9.26 19.70
N LEU B 59 3.23 -8.19 19.18
CA LEU B 59 2.28 -7.38 19.91
C LEU B 59 1.11 -7.03 19.00
N ALA B 60 -0.07 -6.90 19.59
CA ALA B 60 -1.26 -6.58 18.83
C ALA B 60 -2.01 -5.41 19.46
N GLY B 61 -2.30 -4.39 18.66
CA GLY B 61 -2.97 -3.22 19.16
C GLY B 61 -1.98 -2.18 19.64
N SER B 62 -1.04 -2.63 20.47
CA SER B 62 0.00 -1.76 21.00
C SER B 62 0.90 -1.24 19.88
N PRO B 63 1.75 -0.23 20.16
CA PRO B 63 2.65 0.34 19.16
C PRO B 63 3.35 -0.72 18.30
N HIS B 64 2.82 -0.94 17.10
CA HIS B 64 3.38 -1.93 16.18
C HIS B 64 2.73 -1.78 14.81
N LEU B 65 3.07 -2.69 13.89
CA LEU B 65 2.54 -2.70 12.52
C LEU B 65 3.36 -3.61 11.61
N GLU B 66 2.70 -4.16 10.58
CA GLU B 66 3.36 -5.03 9.61
C GLU B 66 2.67 -4.93 8.26
N TYR B 67 3.40 -5.28 7.19
CA TYR B 67 2.83 -5.21 5.85
C TYR B 67 2.42 -6.59 5.35
N PHE B 68 1.91 -6.58 4.13
CA PHE B 68 1.48 -7.75 3.40
C PHE B 68 1.39 -7.37 1.93
N VAL B 69 2.24 -7.94 1.09
CA VAL B 69 2.24 -7.57 -0.32
C VAL B 69 2.38 -8.76 -1.24
N ARG B 70 1.72 -8.67 -2.39
CA ARG B 70 1.80 -9.70 -3.41
C ARG B 70 1.95 -9.01 -4.75
N PHE B 71 2.99 -9.35 -5.48
CA PHE B 71 3.25 -8.73 -6.77
C PHE B 71 3.92 -9.70 -7.73
N GLU B 72 3.84 -9.38 -9.02
CA GLU B 72 4.42 -10.23 -10.05
C GLU B 72 5.40 -9.45 -10.90
N VAL B 73 6.52 -10.07 -11.25
CA VAL B 73 7.57 -9.43 -12.03
C VAL B 73 8.27 -10.52 -12.81
N PRO B 74 8.63 -10.29 -14.08
CA PRO B 74 9.35 -11.28 -14.86
C PRO B 74 10.32 -12.06 -13.98
N SER B 75 10.31 -13.40 -14.12
CA SER B 75 11.18 -14.27 -13.33
C SER B 75 12.60 -13.69 -13.21
N GLY B 76 12.96 -12.83 -14.18
CA GLY B 76 14.29 -12.23 -14.20
C GLY B 76 14.35 -10.83 -13.58
N ASP B 77 13.36 -9.98 -13.85
CA ASP B 77 13.36 -8.62 -13.33
C ASP B 77 12.98 -8.63 -11.86
N LEU B 78 12.47 -9.76 -11.42
CA LEU B 78 12.12 -9.93 -10.04
C LEU B 78 13.34 -9.67 -9.19
N ALA B 79 14.31 -10.52 -9.38
CA ALA B 79 15.59 -10.41 -8.70
C ALA B 79 16.14 -9.00 -8.85
N ALA B 80 15.71 -8.34 -9.93
CA ALA B 80 16.17 -7.00 -10.25
C ALA B 80 15.67 -5.97 -9.25
N LEU B 81 14.35 -5.93 -9.04
CA LEU B 81 13.77 -4.96 -8.13
C LEU B 81 13.84 -5.47 -6.70
N LEU B 82 13.88 -6.80 -6.55
CA LEU B 82 14.00 -7.39 -5.22
C LEU B 82 15.27 -6.90 -4.56
N SER B 83 16.31 -6.74 -5.37
CA SER B 83 17.59 -6.28 -4.87
C SER B 83 17.40 -4.94 -4.20
N SER B 84 16.52 -4.17 -4.78
CA SER B 84 16.16 -2.87 -4.26
C SER B 84 15.46 -3.04 -2.94
N VAL B 85 14.59 -4.02 -2.90
CA VAL B 85 13.85 -4.36 -1.72
C VAL B 85 14.81 -4.85 -0.65
N ARG B 86 15.97 -5.31 -1.11
CA ARG B 86 17.02 -5.75 -0.20
C ARG B 86 17.77 -4.52 0.24
N ARG B 87 17.67 -3.49 -0.60
CA ARG B 87 18.27 -2.20 -0.35
C ARG B 87 17.41 -1.42 0.64
N VAL B 88 16.13 -1.76 0.66
CA VAL B 88 15.17 -1.11 1.56
C VAL B 88 15.16 -1.83 2.91
N SER B 89 15.23 -3.16 2.87
CA SER B 89 15.20 -3.96 4.08
C SER B 89 16.03 -5.23 3.95
N ASP B 90 15.99 -6.08 4.98
CA ASP B 90 16.76 -7.33 4.97
C ASP B 90 16.04 -8.47 5.69
N ASP B 91 15.10 -8.12 6.58
CA ASP B 91 14.36 -9.14 7.32
C ASP B 91 13.26 -9.74 6.48
N VAL B 92 12.61 -8.88 5.73
CA VAL B 92 11.53 -9.26 4.81
C VAL B 92 11.59 -10.72 4.39
N ARG B 93 10.42 -11.34 4.37
CA ARG B 93 10.29 -12.74 3.99
C ARG B 93 9.03 -12.93 3.18
N SER B 94 8.81 -14.14 2.69
CA SER B 94 7.63 -14.43 1.91
C SER B 94 6.39 -14.57 2.78
N ALA B 95 5.28 -14.10 2.26
CA ALA B 95 4.02 -14.17 2.97
C ALA B 95 3.33 -15.52 2.80
N PRO A 1 -27.62 -1.52 9.43
CA PRO A 1 -27.78 -0.30 8.59
C PRO A 1 -27.55 -0.63 7.11
N GLY A 2 -26.30 -0.94 6.76
CA GLY A 2 -25.98 -1.26 5.38
C GLY A 2 -26.19 -0.10 4.44
N ASN A 3 -25.36 0.94 4.60
CA ASN A 3 -25.45 2.13 3.76
C ASN A 3 -24.64 1.95 2.48
N PRO A 4 -25.27 2.20 1.32
CA PRO A 4 -24.62 2.08 0.01
C PRO A 4 -23.51 3.10 -0.18
N LEU A 5 -23.85 4.37 -0.01
CA LEU A 5 -22.91 5.47 -0.16
C LEU A 5 -22.26 5.79 1.16
N GLU A 6 -22.08 4.77 1.93
CA GLU A 6 -21.48 4.86 3.25
C GLU A 6 -20.06 5.42 3.24
N ALA A 7 -19.64 5.78 2.08
CA ALA A 7 -18.30 6.32 1.87
C ALA A 7 -18.18 7.75 2.38
N VAL A 8 -18.85 8.66 1.66
CA VAL A 8 -18.90 10.06 1.99
C VAL A 8 -17.61 10.62 2.57
N VAL A 9 -17.77 11.76 3.20
CA VAL A 9 -16.69 12.53 3.81
C VAL A 9 -16.00 11.81 4.96
N PHE A 10 -15.65 12.58 5.98
CA PHE A 10 -14.91 12.06 7.12
C PHE A 10 -15.60 12.41 8.43
N GLU A 11 -15.08 11.86 9.51
CA GLU A 11 -15.61 12.10 10.85
C GLU A 11 -14.46 12.24 11.84
N GLU A 12 -14.78 12.56 13.09
CA GLU A 12 -13.74 12.70 14.10
C GLU A 12 -14.01 11.80 15.29
N ARG A 13 -12.95 11.19 15.74
CA ARG A 13 -12.95 10.28 16.84
C ARG A 13 -12.06 10.75 17.99
N ASP A 14 -12.67 11.21 19.08
CA ASP A 14 -11.92 11.62 20.26
C ASP A 14 -10.87 12.70 19.98
N GLY A 15 -11.14 13.59 19.04
CA GLY A 15 -10.20 14.66 18.75
C GLY A 15 -9.34 14.40 17.52
N ASN A 16 -9.72 13.43 16.70
CA ASN A 16 -8.99 13.14 15.48
C ASN A 16 -9.99 12.73 14.44
N ALA A 17 -9.56 12.53 13.22
CA ALA A 17 -10.50 12.14 12.19
C ALA A 17 -10.16 10.81 11.56
N VAL A 18 -11.16 9.94 11.58
CA VAL A 18 -11.05 8.62 11.01
C VAL A 18 -11.86 8.56 9.73
N LEU A 19 -11.19 8.24 8.64
CA LEU A 19 -11.84 8.21 7.35
C LEU A 19 -11.08 7.32 6.37
N ASN A 20 -11.55 7.31 5.13
CA ASN A 20 -10.93 6.52 4.07
C ASN A 20 -10.81 7.34 2.80
N LEU A 21 -9.93 6.93 1.88
CA LEU A 21 -9.73 7.70 0.65
C LEU A 21 -9.34 6.81 -0.52
N LEU A 22 -10.08 6.93 -1.62
CA LEU A 22 -9.76 6.15 -2.81
C LEU A 22 -9.22 7.05 -3.91
N PHE A 23 -8.39 6.47 -4.78
CA PHE A 23 -7.82 7.18 -5.92
C PHE A 23 -7.02 6.23 -6.80
N SER A 24 -7.59 5.87 -7.94
CA SER A 24 -6.92 4.97 -8.87
C SER A 24 -7.37 5.21 -10.29
N LEU A 25 -6.41 5.26 -11.20
CA LEU A 25 -6.71 5.45 -12.61
C LEU A 25 -6.82 4.11 -13.33
N ARG A 26 -6.95 4.16 -14.66
CA ARG A 26 -7.08 2.96 -15.46
C ARG A 26 -5.86 2.05 -15.31
N GLY A 27 -4.84 2.27 -16.14
CA GLY A 27 -3.63 1.47 -16.07
C GLY A 27 -2.50 2.06 -16.87
N THR A 28 -1.81 3.03 -16.28
CA THR A 28 -0.69 3.69 -16.93
C THR A 28 0.42 4.01 -15.92
N LYS A 29 1.35 4.87 -16.32
CA LYS A 29 2.46 5.25 -15.45
C LYS A 29 1.98 5.72 -14.08
N PRO A 30 0.95 6.61 -14.01
CA PRO A 30 0.41 7.11 -12.74
C PRO A 30 0.00 5.98 -11.79
N SER A 31 0.99 5.41 -11.11
CA SER A 31 0.76 4.33 -10.16
C SER A 31 1.56 4.59 -8.89
N SER A 32 2.04 5.83 -8.76
CA SER A 32 2.82 6.23 -7.60
C SER A 32 1.91 6.39 -6.39
N LEU A 33 1.44 5.26 -5.88
CA LEU A 33 0.57 5.26 -4.72
C LEU A 33 1.39 5.32 -3.45
N SER A 34 2.69 5.08 -3.59
CA SER A 34 3.61 5.12 -2.47
C SER A 34 3.65 6.53 -1.85
N ARG A 35 3.85 7.52 -2.70
CA ARG A 35 3.90 8.90 -2.23
C ARG A 35 2.61 9.26 -1.49
N ALA A 36 1.55 8.50 -1.77
CA ALA A 36 0.26 8.72 -1.13
C ALA A 36 0.32 8.32 0.34
N VAL A 37 0.91 7.15 0.62
CA VAL A 37 1.03 6.68 2.00
C VAL A 37 1.91 7.62 2.81
N LYS A 38 2.75 8.40 2.12
CA LYS A 38 3.64 9.36 2.78
C LYS A 38 2.81 10.43 3.47
N VAL A 39 1.59 10.59 2.99
CA VAL A 39 0.66 11.57 3.52
C VAL A 39 0.22 11.18 4.92
N PHE A 40 -0.48 10.07 5.01
CA PHE A 40 -0.96 9.57 6.28
C PHE A 40 0.22 9.35 7.24
N GLU A 41 1.39 9.10 6.68
CA GLU A 41 2.59 8.85 7.49
C GLU A 41 3.33 10.12 7.86
N THR A 42 3.18 11.18 7.06
CA THR A 42 3.88 12.44 7.33
C THR A 42 3.44 13.07 8.66
N PHE A 43 2.14 13.08 8.92
CA PHE A 43 1.64 13.65 10.17
C PHE A 43 1.49 12.58 11.25
N GLU A 44 2.23 11.49 11.07
CA GLU A 44 2.23 10.39 12.02
C GLU A 44 0.82 9.91 12.34
N ALA A 45 -0.06 9.93 11.34
CA ALA A 45 -1.42 9.47 11.54
C ALA A 45 -1.44 7.96 11.74
N LYS A 46 -2.55 7.41 12.23
CA LYS A 46 -2.67 5.98 12.45
C LYS A 46 -3.51 5.35 11.37
N ILE A 47 -2.88 4.58 10.50
CA ILE A 47 -3.56 3.94 9.40
C ILE A 47 -4.36 2.73 9.85
N HIS A 48 -5.57 2.62 9.32
CA HIS A 48 -6.47 1.53 9.65
C HIS A 48 -6.40 0.41 8.62
N HIS A 49 -6.52 0.76 7.33
CA HIS A 49 -6.48 -0.26 6.27
C HIS A 49 -6.07 0.32 4.92
N LEU A 50 -4.78 0.20 4.62
CA LEU A 50 -4.23 0.67 3.33
C LEU A 50 -4.20 -0.51 2.38
N GLU A 51 -4.77 -0.35 1.19
CA GLU A 51 -4.78 -1.43 0.23
C GLU A 51 -4.85 -0.93 -1.22
N THR A 52 -4.16 -1.64 -2.10
CA THR A 52 -4.14 -1.34 -3.49
C THR A 52 -4.56 -2.57 -4.27
N ARG A 53 -5.70 -2.47 -4.95
CA ARG A 53 -6.26 -3.56 -5.72
C ARG A 53 -7.70 -3.20 -6.04
N PRO A 54 -8.45 -4.04 -6.79
CA PRO A 54 -9.86 -3.78 -7.08
C PRO A 54 -10.63 -3.29 -5.87
N ALA A 55 -11.91 -3.05 -6.04
CA ALA A 55 -12.68 -2.54 -4.95
C ALA A 55 -14.14 -2.84 -5.13
N GLN A 56 -14.95 -2.17 -4.34
CA GLN A 56 -16.38 -2.31 -4.40
C GLN A 56 -17.01 -1.05 -3.81
N ARG A 57 -17.81 -1.26 -2.74
CA ARG A 57 -18.53 -0.20 -2.00
C ARG A 57 -19.96 0.04 -2.53
N PRO A 58 -20.16 0.69 -3.71
CA PRO A 58 -21.52 0.95 -4.24
C PRO A 58 -22.34 -0.33 -4.42
N LEU A 59 -21.84 -1.22 -5.28
CA LEU A 59 -22.52 -2.48 -5.57
C LEU A 59 -21.98 -3.61 -4.71
N ALA A 60 -20.67 -3.76 -4.74
CA ALA A 60 -19.99 -4.81 -4.00
C ALA A 60 -20.29 -6.18 -4.60
N GLY A 61 -19.26 -6.80 -5.13
CA GLY A 61 -19.42 -8.09 -5.78
C GLY A 61 -19.55 -7.92 -7.27
N SER A 62 -19.08 -6.77 -7.76
CA SER A 62 -19.14 -6.45 -9.18
C SER A 62 -17.79 -5.90 -9.65
N PRO A 63 -17.52 -5.92 -10.97
CA PRO A 63 -16.26 -5.43 -11.52
C PRO A 63 -15.94 -3.98 -11.14
N HIS A 64 -15.15 -3.81 -10.10
CA HIS A 64 -14.75 -2.48 -9.64
C HIS A 64 -13.23 -2.39 -9.55
N LEU A 65 -12.71 -1.18 -9.39
CA LEU A 65 -11.27 -0.96 -9.34
C LEU A 65 -10.90 0.41 -8.74
N GLU A 66 -9.94 0.39 -7.82
CA GLU A 66 -9.45 1.61 -7.18
C GLU A 66 -8.52 1.28 -6.01
N TYR A 67 -7.89 2.31 -5.44
CA TYR A 67 -6.96 2.13 -4.33
C TYR A 67 -7.65 2.55 -3.03
N PHE A 68 -7.99 1.55 -2.23
CA PHE A 68 -8.73 1.75 -0.98
C PHE A 68 -7.80 1.88 0.21
N VAL A 69 -8.06 2.89 1.04
CA VAL A 69 -7.26 3.15 2.22
C VAL A 69 -8.11 3.70 3.36
N ARG A 70 -7.72 3.38 4.58
CA ARG A 70 -8.40 3.86 5.77
C ARG A 70 -7.36 4.33 6.76
N PHE A 71 -7.56 5.51 7.32
CA PHE A 71 -6.59 6.05 8.25
C PHE A 71 -7.20 7.12 9.16
N GLU A 72 -6.49 7.42 10.25
CA GLU A 72 -6.95 8.42 11.21
C GLU A 72 -5.86 9.48 11.42
N VAL A 73 -6.27 10.74 11.51
CA VAL A 73 -5.33 11.84 11.68
C VAL A 73 -6.00 12.97 12.45
N PRO A 74 -5.29 13.60 13.40
CA PRO A 74 -5.86 14.73 14.13
C PRO A 74 -6.72 15.58 13.20
N SER A 75 -7.95 15.84 13.63
CA SER A 75 -8.91 16.63 12.84
C SER A 75 -8.23 17.84 12.19
N GLY A 76 -7.17 18.34 12.82
CA GLY A 76 -6.45 19.48 12.29
C GLY A 76 -5.34 19.13 11.31
N ASP A 77 -4.66 18.00 11.55
CA ASP A 77 -3.57 17.58 10.68
C ASP A 77 -4.10 16.80 9.50
N LEU A 78 -5.33 16.35 9.60
CA LEU A 78 -5.97 15.65 8.51
C LEU A 78 -5.92 16.52 7.28
N ALA A 79 -6.61 17.63 7.39
CA ALA A 79 -6.66 18.62 6.33
C ALA A 79 -5.24 18.94 5.87
N ALA A 80 -4.28 18.74 6.78
CA ALA A 80 -2.89 19.03 6.51
C ALA A 80 -2.27 18.08 5.50
N LEU A 81 -2.38 16.77 5.76
CA LEU A 81 -1.80 15.78 4.88
C LEU A 81 -2.73 15.48 3.71
N LEU A 82 -4.03 15.69 3.90
CA LEU A 82 -4.99 15.45 2.84
C LEU A 82 -4.68 16.32 1.64
N SER A 83 -4.28 17.56 1.91
CA SER A 83 -3.94 18.50 0.85
C SER A 83 -2.86 17.89 -0.02
N SER A 84 -2.02 17.10 0.62
CA SER A 84 -0.94 16.41 -0.05
C SER A 84 -1.51 15.32 -0.92
N VAL A 85 -2.50 14.64 -0.39
CA VAL A 85 -3.18 13.60 -1.09
C VAL A 85 -3.93 14.17 -2.28
N ARG A 86 -4.36 15.42 -2.12
CA ARG A 86 -5.04 16.13 -3.20
C ARG A 86 -3.98 16.49 -4.24
N ARG A 87 -2.75 16.46 -3.75
CA ARG A 87 -1.58 16.73 -4.56
C ARG A 87 -1.17 15.47 -5.32
N VAL A 88 -1.82 14.35 -4.96
CA VAL A 88 -1.54 13.06 -5.60
C VAL A 88 -2.84 12.40 -6.06
N SER A 89 -3.96 13.11 -5.86
CA SER A 89 -5.29 12.61 -6.23
C SER A 89 -5.59 12.85 -7.70
N ASP A 90 -6.89 12.86 -8.02
CA ASP A 90 -7.35 12.99 -9.39
C ASP A 90 -8.71 13.69 -9.39
N ASP A 91 -9.76 12.89 -9.29
CA ASP A 91 -11.13 13.40 -9.23
C ASP A 91 -11.93 12.53 -8.28
N VAL A 92 -11.19 11.68 -7.60
CA VAL A 92 -11.70 10.70 -6.65
C VAL A 92 -12.49 11.27 -5.49
N ARG A 93 -12.80 10.37 -4.54
CA ARG A 93 -13.56 10.68 -3.35
C ARG A 93 -13.05 9.86 -2.17
N SER A 94 -13.79 9.89 -1.06
CA SER A 94 -13.44 9.10 0.11
C SER A 94 -13.95 7.67 -0.10
N ALA A 95 -13.66 6.80 0.86
CA ALA A 95 -14.10 5.41 0.76
C ALA A 95 -15.23 5.11 1.73
N PRO B 1 -6.06 -28.50 -1.69
CA PRO B 1 -4.68 -28.63 -1.13
C PRO B 1 -4.61 -28.05 0.27
N GLY B 2 -4.72 -26.72 0.36
CA GLY B 2 -4.67 -26.06 1.66
C GLY B 2 -3.33 -26.21 2.33
N ASN B 3 -2.31 -25.60 1.75
CA ASN B 3 -0.95 -25.67 2.30
C ASN B 3 -0.74 -24.57 3.34
N PRO B 4 -0.25 -24.96 4.53
CA PRO B 4 0.01 -24.02 5.64
C PRO B 4 1.13 -23.05 5.32
N LEU B 5 2.28 -23.59 4.96
CA LEU B 5 3.46 -22.81 4.63
C LEU B 5 3.51 -22.52 3.15
N GLU B 6 2.34 -22.37 2.61
CA GLU B 6 2.14 -22.09 1.19
C GLU B 6 2.79 -20.79 0.72
N ALA B 7 3.47 -20.19 1.63
CA ALA B 7 4.16 -18.93 1.39
C ALA B 7 5.42 -19.13 0.56
N VAL B 8 6.42 -19.73 1.19
CA VAL B 8 7.68 -20.05 0.58
C VAL B 8 8.18 -19.01 -0.41
N VAL B 9 9.12 -19.46 -1.21
CA VAL B 9 9.80 -18.66 -2.23
C VAL B 9 8.88 -18.15 -3.32
N PHE B 10 9.39 -18.14 -4.55
CA PHE B 10 8.66 -17.62 -5.68
C PHE B 10 8.62 -18.62 -6.83
N GLU B 11 7.86 -18.28 -7.86
CA GLU B 11 7.71 -19.12 -9.04
C GLU B 11 7.70 -18.26 -10.29
N GLU B 12 7.67 -18.87 -11.46
CA GLU B 12 7.63 -18.11 -12.70
C GLU B 12 6.45 -18.52 -13.56
N ARG B 13 5.84 -17.50 -14.11
CA ARG B 13 4.68 -17.62 -14.95
C ARG B 13 4.92 -17.07 -16.36
N ASP B 14 5.05 -17.96 -17.33
CA ASP B 14 5.21 -17.56 -18.72
C ASP B 14 6.41 -16.65 -18.96
N GLY B 15 7.47 -16.82 -18.20
CA GLY B 15 8.65 -16.00 -18.40
C GLY B 15 8.79 -14.86 -17.41
N ASN B 16 8.03 -14.91 -16.32
CA ASN B 16 8.11 -13.89 -15.28
C ASN B 16 7.89 -14.57 -13.97
N ALA B 17 8.03 -13.86 -12.88
CA ALA B 17 7.85 -14.49 -11.58
C ALA B 17 6.74 -13.83 -10.78
N VAL B 18 5.82 -14.69 -10.36
CA VAL B 18 4.69 -14.27 -9.55
C VAL B 18 4.89 -14.76 -8.12
N LEU B 19 4.91 -13.82 -7.19
CA LEU B 19 5.14 -14.16 -5.80
C LEU B 19 4.59 -13.09 -4.88
N ASN B 20 4.85 -13.27 -3.60
CA ASN B 20 4.40 -12.32 -2.58
C ASN B 20 5.53 -12.05 -1.58
N LEU B 21 5.43 -10.93 -0.85
CA LEU B 21 6.49 -10.57 0.09
C LEU B 21 5.96 -9.82 1.30
N LEU B 22 6.29 -10.30 2.49
CA LEU B 22 5.86 -9.63 3.71
C LEU B 22 7.05 -8.98 4.41
N PHE B 23 6.77 -7.91 5.15
CA PHE B 23 7.79 -7.20 5.92
C PHE B 23 7.16 -6.10 6.78
N SER B 24 7.05 -6.35 8.07
CA SER B 24 6.47 -5.38 8.98
C SER B 24 7.01 -5.53 10.39
N LEU B 25 7.36 -4.42 10.99
CA LEU B 25 7.88 -4.41 12.35
C LEU B 25 6.76 -4.16 13.36
N ARG B 26 7.12 -4.02 14.63
CA ARG B 26 6.15 -3.80 15.69
C ARG B 26 5.34 -2.52 15.44
N GLY B 27 5.84 -1.40 15.93
CA GLY B 27 5.14 -0.13 15.75
C GLY B 27 6.02 1.06 16.08
N THR B 28 6.86 1.47 15.13
CA THR B 28 7.75 2.60 15.32
C THR B 28 7.90 3.40 14.03
N LYS B 29 8.90 4.27 13.98
CA LYS B 29 9.14 5.10 12.80
C LYS B 29 9.22 4.26 11.52
N PRO B 30 9.98 3.13 11.51
CA PRO B 30 10.09 2.26 10.34
C PRO B 30 8.73 1.81 9.79
N SER B 31 8.09 2.70 9.03
CA SER B 31 6.79 2.42 8.44
C SER B 31 6.80 2.86 6.98
N SER B 32 8.00 3.13 6.47
CA SER B 32 8.17 3.56 5.10
C SER B 32 7.94 2.40 4.14
N LEU B 33 6.70 1.99 4.03
CA LEU B 33 6.32 0.89 3.16
C LEU B 33 6.13 1.40 1.74
N SER B 34 6.04 2.72 1.60
CA SER B 34 5.88 3.36 0.30
C SER B 34 7.08 3.05 -0.60
N ARG B 35 8.28 3.31 -0.07
CA ARG B 35 9.48 3.05 -0.84
C ARG B 35 9.54 1.59 -1.30
N ALA B 36 8.79 0.74 -0.59
CA ALA B 36 8.74 -0.68 -0.94
C ALA B 36 7.99 -0.89 -2.25
N VAL B 37 6.84 -0.23 -2.40
CA VAL B 37 6.06 -0.35 -3.62
C VAL B 37 6.84 0.20 -4.82
N LYS B 38 7.83 1.05 -4.54
CA LYS B 38 8.65 1.63 -5.59
C LYS B 38 9.45 0.53 -6.27
N VAL B 39 9.62 -0.57 -5.55
CA VAL B 39 10.36 -1.72 -6.05
C VAL B 39 9.60 -2.39 -7.17
N PHE B 40 8.46 -2.93 -6.84
CA PHE B 40 7.62 -3.61 -7.81
C PHE B 40 7.26 -2.66 -8.95
N GLU B 41 7.24 -1.37 -8.66
CA GLU B 41 6.90 -0.36 -9.65
C GLU B 41 8.11 0.10 -10.47
N THR B 42 9.32 -0.02 -9.93
CA THR B 42 10.51 0.43 -10.64
C THR B 42 10.75 -0.37 -11.91
N PHE B 43 10.60 -1.69 -11.84
CA PHE B 43 10.80 -2.53 -13.03
C PHE B 43 9.48 -2.76 -13.76
N GLU B 44 8.54 -1.86 -13.54
CA GLU B 44 7.24 -1.92 -14.18
C GLU B 44 6.58 -3.29 -14.03
N ALA B 45 6.78 -3.91 -12.88
CA ALA B 45 6.17 -5.21 -12.63
C ALA B 45 4.66 -5.06 -12.48
N LYS B 46 3.93 -6.18 -12.53
CA LYS B 46 2.47 -6.13 -12.40
C LYS B 46 2.06 -6.62 -11.03
N ILE B 47 1.59 -5.70 -10.20
CA ILE B 47 1.19 -6.03 -8.85
C ILE B 47 -0.15 -6.73 -8.81
N HIS B 48 -0.23 -7.77 -7.99
CA HIS B 48 -1.44 -8.55 -7.83
C HIS B 48 -2.26 -8.10 -6.62
N HIS B 49 -1.61 -7.98 -5.46
CA HIS B 49 -2.31 -7.58 -4.24
C HIS B 49 -1.39 -6.96 -3.19
N LEU B 50 -1.32 -5.63 -3.20
CA LEU B 50 -0.51 -4.88 -2.24
C LEU B 50 -1.40 -4.47 -1.08
N GLU B 51 -0.99 -4.79 0.15
CA GLU B 51 -1.80 -4.43 1.30
C GLU B 51 -0.96 -4.25 2.57
N THR B 52 -1.37 -3.29 3.38
CA THR B 52 -0.73 -3.01 4.63
C THR B 52 -1.77 -3.08 5.74
N ARG B 53 -1.59 -4.02 6.64
CA ARG B 53 -2.50 -4.25 7.74
C ARG B 53 -2.20 -5.62 8.33
N PRO B 54 -2.88 -6.06 9.41
CA PRO B 54 -2.67 -7.39 9.97
C PRO B 54 -2.57 -8.47 8.92
N ALA B 55 -2.38 -9.71 9.34
CA ALA B 55 -2.23 -10.76 8.38
C ALA B 55 -2.60 -12.09 8.99
N GLN B 56 -2.22 -13.13 8.29
CA GLN B 56 -2.45 -14.47 8.73
C GLN B 56 -1.45 -15.40 8.05
N ARG B 57 -1.97 -16.38 7.30
CA ARG B 57 -1.19 -17.38 6.54
C ARG B 57 -0.95 -18.68 7.34
N PRO B 58 -0.04 -18.71 8.35
CA PRO B 58 0.22 -19.94 9.12
C PRO B 58 -1.03 -20.51 9.79
N LEU B 59 -1.63 -19.71 10.67
CA LEU B 59 -2.83 -20.13 11.40
C LEU B 59 -4.09 -19.64 10.71
N ALA B 60 -4.12 -18.35 10.44
CA ALA B 60 -5.26 -17.71 9.80
C ALA B 60 -6.45 -17.68 10.74
N GLY B 61 -6.84 -16.47 11.15
CA GLY B 61 -7.93 -16.31 12.07
C GLY B 61 -7.41 -16.13 13.48
N SER B 62 -6.15 -15.73 13.57
CA SER B 62 -5.48 -15.51 14.86
C SER B 62 -4.72 -14.19 14.83
N PRO B 63 -4.39 -13.63 16.02
CA PRO B 63 -3.68 -12.36 16.12
C PRO B 63 -2.35 -12.34 15.36
N HIS B 64 -2.38 -11.83 14.14
CA HIS B 64 -1.18 -11.72 13.32
C HIS B 64 -0.98 -10.29 12.83
N LEU B 65 0.19 -10.00 12.28
CA LEU B 65 0.51 -8.65 11.82
C LEU B 65 1.70 -8.62 10.87
N GLU B 66 1.54 -7.89 9.76
CA GLU B 66 2.59 -7.72 8.75
C GLU B 66 2.06 -7.04 7.49
N TYR B 67 2.96 -6.70 6.59
CA TYR B 67 2.59 -6.02 5.34
C TYR B 67 2.62 -7.04 4.19
N PHE B 68 1.42 -7.41 3.75
CA PHE B 68 1.24 -8.42 2.71
C PHE B 68 1.15 -7.80 1.32
N VAL B 69 1.90 -8.38 0.38
CA VAL B 69 1.92 -7.90 -0.99
C VAL B 69 2.09 -9.05 -1.97
N ARG B 70 1.51 -8.90 -3.15
CA ARG B 70 1.62 -9.89 -4.20
C ARG B 70 1.92 -9.17 -5.50
N PHE B 71 2.90 -9.65 -6.25
CA PHE B 71 3.27 -8.99 -7.48
C PHE B 71 4.01 -9.93 -8.43
N GLU B 72 4.11 -9.53 -9.69
CA GLU B 72 4.79 -10.32 -10.72
C GLU B 72 5.84 -9.48 -11.41
N VAL B 73 7.01 -10.06 -11.68
CA VAL B 73 8.11 -9.35 -12.31
C VAL B 73 8.94 -10.32 -13.13
N PRO B 74 9.38 -9.94 -14.34
CA PRO B 74 10.23 -10.80 -15.13
C PRO B 74 11.22 -11.55 -14.24
N SER B 75 11.27 -12.86 -14.40
CA SER B 75 12.14 -13.72 -13.59
C SER B 75 13.53 -13.09 -13.42
N GLY B 76 13.93 -12.27 -14.38
CA GLY B 76 15.23 -11.62 -14.31
C GLY B 76 15.22 -10.28 -13.59
N ASP B 77 14.13 -9.53 -13.73
CA ASP B 77 14.03 -8.21 -13.09
C ASP B 77 13.54 -8.36 -11.66
N LEU B 78 12.97 -9.51 -11.36
CA LEU B 78 12.51 -9.79 -10.02
C LEU B 78 13.66 -9.60 -9.06
N ALA B 79 14.65 -10.45 -9.23
CA ALA B 79 15.87 -10.38 -8.45
C ALA B 79 16.41 -8.96 -8.44
N ALA B 80 16.08 -8.21 -9.48
CA ALA B 80 16.53 -6.84 -9.64
C ALA B 80 15.92 -5.89 -8.63
N LEU B 81 14.58 -5.88 -8.55
CA LEU B 81 13.89 -4.98 -7.65
C LEU B 81 13.81 -5.58 -6.25
N LEU B 82 13.86 -6.90 -6.17
CA LEU B 82 13.81 -7.57 -4.88
C LEU B 82 14.97 -7.12 -4.01
N SER B 83 16.13 -6.97 -4.64
CA SER B 83 17.34 -6.53 -3.93
C SER B 83 17.06 -5.22 -3.24
N SER B 84 16.20 -4.44 -3.87
CA SER B 84 15.79 -3.15 -3.37
C SER B 84 14.92 -3.35 -2.16
N VAL B 85 14.05 -4.34 -2.27
CA VAL B 85 13.16 -4.68 -1.20
C VAL B 85 13.95 -5.23 -0.02
N ARG B 86 15.08 -5.85 -0.34
CA ARG B 86 15.98 -6.37 0.69
C ARG B 86 16.66 -5.18 1.32
N ARG B 87 16.62 -4.08 0.57
CA ARG B 87 17.18 -2.82 0.97
C ARG B 87 16.18 -2.07 1.87
N VAL B 88 14.96 -2.62 1.96
CA VAL B 88 13.90 -2.04 2.77
C VAL B 88 13.27 -3.10 3.67
N SER B 89 13.81 -4.32 3.59
CA SER B 89 13.32 -5.45 4.38
C SER B 89 13.88 -5.46 5.81
N ASP B 90 13.86 -6.63 6.42
CA ASP B 90 14.29 -6.80 7.79
C ASP B 90 14.86 -8.21 7.97
N ASP B 91 13.98 -9.13 8.32
CA ASP B 91 14.34 -10.54 8.49
C ASP B 91 13.20 -11.40 7.99
N VAL B 92 12.26 -10.71 7.35
CA VAL B 92 11.05 -11.28 6.80
C VAL B 92 11.24 -12.38 5.77
N ARG B 93 10.11 -12.75 5.16
CA ARG B 93 10.06 -13.81 4.14
C ARG B 93 9.01 -13.46 3.09
N SER B 94 8.70 -14.42 2.23
CA SER B 94 7.67 -14.23 1.22
C SER B 94 6.30 -14.49 1.85
N ALA B 95 5.25 -14.29 1.08
CA ALA B 95 3.90 -14.50 1.58
C ALA B 95 3.27 -15.77 1.03
N PRO A 1 -18.92 9.61 -6.70
CA PRO A 1 -18.58 10.95 -6.17
C PRO A 1 -19.82 11.83 -6.04
N GLY A 2 -20.97 11.19 -5.88
CA GLY A 2 -22.21 11.93 -5.73
C GLY A 2 -22.69 12.00 -4.29
N ASN A 3 -23.63 12.91 -4.04
CA ASN A 3 -24.18 13.08 -2.69
C ASN A 3 -23.10 13.51 -1.70
N PRO A 4 -23.18 14.76 -1.20
CA PRO A 4 -22.21 15.32 -0.25
C PRO A 4 -22.21 14.62 1.10
N LEU A 5 -23.40 14.23 1.53
CA LEU A 5 -23.57 13.55 2.81
C LEU A 5 -23.37 12.06 2.69
N GLU A 6 -22.93 11.63 1.52
CA GLU A 6 -22.70 10.21 1.29
C GLU A 6 -21.38 9.75 1.90
N ALA A 7 -20.71 8.88 1.19
CA ALA A 7 -19.46 8.32 1.63
C ALA A 7 -18.32 9.32 1.51
N VAL A 8 -18.45 10.22 0.56
CA VAL A 8 -17.43 11.24 0.32
C VAL A 8 -17.39 12.27 1.45
N VAL A 9 -16.92 11.82 2.60
CA VAL A 9 -16.82 12.65 3.80
C VAL A 9 -15.69 12.15 4.71
N PHE A 10 -15.76 12.54 5.97
CA PHE A 10 -14.80 12.13 6.99
C PHE A 10 -15.45 12.29 8.36
N GLU A 11 -14.94 11.57 9.34
CA GLU A 11 -15.48 11.65 10.70
C GLU A 11 -14.34 11.72 11.71
N GLU A 12 -14.67 12.00 12.96
CA GLU A 12 -13.66 12.07 13.99
C GLU A 12 -13.92 11.09 15.10
N ARG A 13 -12.86 10.44 15.49
CA ARG A 13 -12.89 9.45 16.52
C ARG A 13 -11.87 9.71 17.62
N ASP A 14 -12.34 9.77 18.86
CA ASP A 14 -11.47 9.95 20.01
C ASP A 14 -10.53 11.14 19.87
N GLY A 15 -10.86 12.11 19.04
CA GLY A 15 -9.99 13.26 18.88
C GLY A 15 -9.11 13.19 17.64
N ASN A 16 -9.59 12.46 16.63
CA ASN A 16 -8.88 12.34 15.36
C ASN A 16 -9.89 12.08 14.30
N ALA A 17 -9.49 12.00 13.06
CA ALA A 17 -10.45 11.73 12.01
C ALA A 17 -10.15 10.45 11.27
N VAL A 18 -11.16 9.60 11.22
CA VAL A 18 -11.07 8.31 10.56
C VAL A 18 -11.89 8.35 9.28
N LEU A 19 -11.24 8.01 8.17
CA LEU A 19 -11.91 8.03 6.88
C LEU A 19 -11.21 7.15 5.87
N ASN A 20 -11.72 7.15 4.65
CA ASN A 20 -11.16 6.33 3.56
C ASN A 20 -11.19 7.08 2.23
N LEU A 21 -10.21 6.85 1.35
CA LEU A 21 -10.14 7.56 0.06
C LEU A 21 -9.69 6.66 -1.10
N LEU A 22 -10.46 6.69 -2.19
CA LEU A 22 -10.10 5.90 -3.38
C LEU A 22 -9.79 6.77 -4.60
N PHE A 23 -8.81 6.31 -5.38
CA PHE A 23 -8.40 7.03 -6.60
C PHE A 23 -7.39 6.27 -7.49
N SER A 24 -7.64 6.26 -8.80
CA SER A 24 -6.73 5.64 -9.77
C SER A 24 -6.88 6.30 -11.13
N LEU A 25 -5.77 6.70 -11.72
CA LEU A 25 -5.80 7.33 -13.05
C LEU A 25 -5.76 6.28 -14.15
N ARG A 26 -5.73 6.75 -15.39
CA ARG A 26 -5.70 5.87 -16.55
C ARG A 26 -4.37 5.10 -16.61
N GLY A 27 -4.20 4.29 -17.65
CA GLY A 27 -2.99 3.52 -17.80
C GLY A 27 -3.00 2.26 -16.93
N THR A 28 -3.99 1.40 -17.18
CA THR A 28 -4.12 0.16 -16.42
C THR A 28 -4.09 0.43 -14.91
N LYS A 29 -3.81 -0.60 -14.13
CA LYS A 29 -3.75 -0.46 -12.68
C LYS A 29 -2.45 0.24 -12.25
N PRO A 30 -2.55 1.50 -11.76
CA PRO A 30 -1.36 2.25 -11.33
C PRO A 30 -0.86 1.79 -9.96
N SER A 31 0.43 2.00 -9.70
CA SER A 31 1.03 1.60 -8.44
C SER A 31 1.79 2.76 -7.79
N SER A 32 1.37 3.99 -8.09
CA SER A 32 2.02 5.17 -7.52
C SER A 32 1.51 5.42 -6.10
N LEU A 33 1.41 4.35 -5.32
CA LEU A 33 0.91 4.43 -3.96
C LEU A 33 1.99 4.91 -3.02
N SER A 34 3.19 5.11 -3.55
CA SER A 34 4.30 5.54 -2.73
C SER A 34 4.16 6.99 -2.31
N ARG A 35 3.47 7.77 -3.12
CA ARG A 35 3.26 9.17 -2.83
C ARG A 35 2.05 9.38 -1.91
N ALA A 36 0.97 8.68 -2.22
CA ALA A 36 -0.25 8.77 -1.42
C ALA A 36 0.03 8.41 0.04
N VAL A 37 0.92 7.44 0.25
CA VAL A 37 1.27 7.00 1.60
C VAL A 37 2.05 8.08 2.35
N LYS A 38 2.75 8.93 1.60
CA LYS A 38 3.54 10.00 2.21
C LYS A 38 2.66 10.95 2.99
N VAL A 39 1.39 10.97 2.64
CA VAL A 39 0.41 11.83 3.29
C VAL A 39 0.07 11.34 4.68
N PHE A 40 -0.58 10.20 4.74
CA PHE A 40 -0.97 9.60 6.01
C PHE A 40 0.25 9.36 6.90
N GLU A 41 1.42 9.25 6.27
CA GLU A 41 2.67 9.00 7.00
C GLU A 41 3.33 10.28 7.49
N THR A 42 3.27 11.35 6.70
CA THR A 42 3.92 12.61 7.07
C THR A 42 3.48 13.12 8.45
N PHE A 43 2.20 13.05 8.74
CA PHE A 43 1.70 13.51 10.03
C PHE A 43 1.60 12.38 11.03
N GLU A 44 2.36 11.32 10.79
CA GLU A 44 2.41 10.17 11.67
C GLU A 44 1.01 9.70 12.03
N ALA A 45 0.10 9.77 11.08
CA ALA A 45 -1.26 9.33 11.32
C ALA A 45 -1.30 7.82 11.52
N LYS A 46 -2.43 7.30 11.97
CA LYS A 46 -2.56 5.87 12.21
C LYS A 46 -3.42 5.25 11.11
N ILE A 47 -2.77 4.50 10.23
CA ILE A 47 -3.45 3.87 9.12
C ILE A 47 -4.20 2.63 9.56
N HIS A 48 -5.45 2.54 9.16
CA HIS A 48 -6.28 1.40 9.47
C HIS A 48 -6.04 0.29 8.45
N HIS A 49 -6.03 0.65 7.16
CA HIS A 49 -5.79 -0.34 6.11
C HIS A 49 -5.55 0.30 4.75
N LEU A 50 -4.28 0.33 4.33
CA LEU A 50 -3.90 0.82 3.01
C LEU A 50 -3.86 -0.39 2.11
N GLU A 51 -4.59 -0.35 1.00
CA GLU A 51 -4.63 -1.50 0.12
C GLU A 51 -5.02 -1.16 -1.30
N THR A 52 -4.31 -1.77 -2.23
CA THR A 52 -4.59 -1.60 -3.64
C THR A 52 -5.38 -2.82 -4.11
N ARG A 53 -6.47 -2.59 -4.80
CA ARG A 53 -7.28 -3.70 -5.29
C ARG A 53 -8.11 -3.29 -6.50
N PRO A 54 -8.26 -4.18 -7.50
CA PRO A 54 -9.03 -3.88 -8.70
C PRO A 54 -10.50 -3.60 -8.45
N ALA A 55 -11.07 -2.96 -9.46
CA ALA A 55 -12.46 -2.56 -9.48
C ALA A 55 -13.35 -3.74 -9.79
N GLN A 56 -14.50 -3.42 -10.31
CA GLN A 56 -15.49 -4.44 -10.57
C GLN A 56 -16.33 -4.20 -11.84
N ARG A 57 -17.59 -4.65 -11.75
CA ARG A 57 -18.59 -4.58 -12.83
C ARG A 57 -17.99 -4.18 -14.18
N PRO A 58 -17.67 -2.88 -14.43
CA PRO A 58 -17.09 -2.46 -15.70
C PRO A 58 -15.60 -2.83 -15.75
N LEU A 59 -14.75 -1.91 -16.18
CA LEU A 59 -13.31 -2.16 -16.25
C LEU A 59 -12.68 -1.81 -14.91
N ALA A 60 -11.45 -2.26 -14.70
CA ALA A 60 -10.74 -1.96 -13.47
C ALA A 60 -9.28 -1.62 -13.76
N GLY A 61 -9.07 -1.01 -14.91
CA GLY A 61 -7.73 -0.60 -15.34
C GLY A 61 -7.81 0.61 -16.25
N SER A 62 -8.77 1.48 -15.94
CA SER A 62 -9.01 2.70 -16.73
C SER A 62 -9.53 3.80 -15.77
N PRO A 63 -10.21 4.91 -16.24
CA PRO A 63 -10.78 5.91 -15.31
C PRO A 63 -11.43 5.20 -14.14
N HIS A 64 -11.73 3.94 -14.42
CA HIS A 64 -12.25 2.94 -13.51
C HIS A 64 -11.45 2.91 -12.20
N LEU A 65 -11.40 1.70 -11.61
CA LEU A 65 -10.79 1.38 -10.32
C LEU A 65 -10.02 2.48 -9.58
N GLU A 66 -9.45 2.07 -8.46
CA GLU A 66 -8.80 2.98 -7.54
C GLU A 66 -8.05 2.26 -6.40
N TYR A 67 -7.50 3.07 -5.49
CA TYR A 67 -6.78 2.56 -4.32
C TYR A 67 -7.67 2.62 -3.10
N PHE A 68 -7.90 1.49 -2.44
CA PHE A 68 -8.72 1.47 -1.24
C PHE A 68 -7.85 1.72 0.00
N VAL A 69 -8.11 2.82 0.69
CA VAL A 69 -7.33 3.16 1.87
C VAL A 69 -8.18 3.76 2.98
N ARG A 70 -7.86 3.38 4.20
CA ARG A 70 -8.55 3.89 5.37
C ARG A 70 -7.49 4.30 6.38
N PHE A 71 -7.57 5.51 6.88
CA PHE A 71 -6.57 5.98 7.82
C PHE A 71 -7.16 7.01 8.78
N GLU A 72 -6.47 7.20 9.90
CA GLU A 72 -6.93 8.14 10.92
C GLU A 72 -5.84 9.16 11.20
N VAL A 73 -6.24 10.42 11.32
CA VAL A 73 -5.30 11.51 11.57
C VAL A 73 -5.98 12.58 12.40
N PRO A 74 -5.31 13.16 13.40
CA PRO A 74 -5.89 14.23 14.19
C PRO A 74 -6.77 15.11 13.34
N SER A 75 -7.99 15.37 13.81
CA SER A 75 -8.95 16.19 13.07
C SER A 75 -8.29 17.45 12.50
N GLY A 76 -7.18 17.85 13.10
CA GLY A 76 -6.46 19.04 12.64
C GLY A 76 -5.38 18.75 11.63
N ASP A 77 -4.67 17.63 11.79
CA ASP A 77 -3.59 17.28 10.88
C ASP A 77 -4.15 16.57 9.64
N LEU A 78 -5.37 16.12 9.74
CA LEU A 78 -6.02 15.48 8.61
C LEU A 78 -5.99 16.43 7.45
N ALA A 79 -6.67 17.53 7.64
CA ALA A 79 -6.72 18.59 6.66
C ALA A 79 -5.32 18.95 6.20
N ALA A 80 -4.35 18.69 7.08
CA ALA A 80 -2.96 18.99 6.82
C ALA A 80 -2.36 18.10 5.74
N LEU A 81 -2.48 16.79 5.92
CA LEU A 81 -1.91 15.86 4.97
C LEU A 81 -2.86 15.62 3.80
N LEU A 82 -4.16 15.82 4.04
CA LEU A 82 -5.14 15.67 2.98
C LEU A 82 -4.84 16.64 1.86
N SER A 83 -4.37 17.83 2.22
CA SER A 83 -4.04 18.85 1.25
C SER A 83 -2.96 18.31 0.34
N SER A 84 -2.13 17.47 0.94
CA SER A 84 -1.04 16.82 0.24
C SER A 84 -1.63 15.84 -0.74
N VAL A 85 -2.63 15.10 -0.27
CA VAL A 85 -3.32 14.12 -1.07
C VAL A 85 -4.01 14.81 -2.24
N ARG A 86 -4.23 16.11 -2.06
CA ARG A 86 -4.83 16.93 -3.11
C ARG A 86 -3.70 17.39 -4.02
N ARG A 87 -2.50 17.37 -3.45
CA ARG A 87 -1.29 17.75 -4.15
C ARG A 87 -0.79 16.59 -5.00
N VAL A 88 -1.16 15.37 -4.60
CA VAL A 88 -0.77 14.17 -5.32
C VAL A 88 -1.90 13.71 -6.21
N SER A 89 -3.10 13.65 -5.65
CA SER A 89 -4.28 13.20 -6.37
C SER A 89 -5.15 14.35 -6.86
N ASP A 90 -6.09 14.03 -7.74
CA ASP A 90 -6.98 15.04 -8.31
C ASP A 90 -8.12 15.47 -7.38
N ASP A 91 -9.19 14.68 -7.27
CA ASP A 91 -10.32 15.09 -6.43
C ASP A 91 -10.87 13.91 -5.66
N VAL A 92 -10.05 12.88 -5.55
CA VAL A 92 -10.38 11.65 -4.82
C VAL A 92 -11.60 11.73 -3.92
N ARG A 93 -12.40 10.68 -4.00
CA ARG A 93 -13.61 10.53 -3.21
C ARG A 93 -13.34 9.57 -2.08
N SER A 94 -14.18 9.58 -1.06
CA SER A 94 -14.00 8.67 0.06
C SER A 94 -14.48 7.29 -0.29
N ALA A 95 -14.03 6.32 0.50
CA ALA A 95 -14.39 4.93 0.29
C ALA A 95 -15.61 4.54 1.13
N PRO B 1 9.42 -18.10 8.87
CA PRO B 1 10.62 -18.07 7.99
C PRO B 1 11.33 -19.42 7.98
N GLY B 2 10.57 -20.48 8.24
CA GLY B 2 11.15 -21.81 8.26
C GLY B 2 10.83 -22.61 7.01
N ASN B 3 11.56 -23.69 6.79
CA ASN B 3 11.36 -24.55 5.63
C ASN B 3 11.61 -23.78 4.33
N PRO B 4 12.69 -24.14 3.60
CA PRO B 4 13.07 -23.49 2.34
C PRO B 4 12.06 -23.70 1.23
N LEU B 5 11.48 -24.88 1.19
CA LEU B 5 10.49 -25.24 0.18
C LEU B 5 9.10 -24.81 0.57
N GLU B 6 9.01 -24.07 1.65
CA GLU B 6 7.72 -23.60 2.13
C GLU B 6 7.23 -22.40 1.33
N ALA B 7 6.62 -21.47 2.04
CA ALA B 7 6.07 -20.28 1.44
C ALA B 7 7.15 -19.30 1.04
N VAL B 8 8.25 -19.34 1.77
CA VAL B 8 9.38 -18.44 1.52
C VAL B 8 10.09 -18.80 0.21
N VAL B 9 9.41 -18.53 -0.89
CA VAL B 9 9.92 -18.81 -2.23
C VAL B 9 9.30 -17.85 -3.25
N PHE B 10 9.36 -18.25 -4.51
CA PHE B 10 8.78 -17.49 -5.62
C PHE B 10 8.55 -18.43 -6.79
N GLU B 11 7.64 -18.07 -7.67
CA GLU B 11 7.35 -18.90 -8.83
C GLU B 11 7.25 -18.04 -10.08
N GLU B 12 7.20 -18.67 -11.26
CA GLU B 12 7.09 -17.92 -12.49
C GLU B 12 5.85 -18.30 -13.26
N ARG B 13 5.19 -17.27 -13.74
CA ARG B 13 3.98 -17.39 -14.48
C ARG B 13 4.05 -16.68 -15.83
N ASP B 14 3.75 -17.42 -16.89
CA ASP B 14 3.72 -16.85 -18.24
C ASP B 14 4.97 -16.08 -18.60
N GLY B 15 6.10 -16.35 -17.95
CA GLY B 15 7.32 -15.63 -18.27
C GLY B 15 7.62 -14.51 -17.30
N ASN B 16 7.12 -14.63 -16.07
CA ASN B 16 7.39 -13.66 -15.02
C ASN B 16 7.32 -14.37 -13.72
N ALA B 17 7.58 -13.69 -12.63
CA ALA B 17 7.51 -14.34 -11.34
C ALA B 17 6.47 -13.72 -10.43
N VAL B 18 5.59 -14.57 -9.95
CA VAL B 18 4.51 -14.16 -9.06
C VAL B 18 4.80 -14.67 -7.66
N LEU B 19 4.81 -13.76 -6.70
CA LEU B 19 5.09 -14.12 -5.32
C LEU B 19 4.54 -13.10 -4.34
N ASN B 20 4.81 -13.32 -3.06
CA ASN B 20 4.33 -12.42 -1.99
C ASN B 20 5.39 -12.26 -0.90
N LEU B 21 5.45 -11.08 -0.25
CA LEU B 21 6.47 -10.84 0.78
C LEU B 21 5.93 -10.04 1.96
N LEU B 22 6.17 -10.53 3.18
CA LEU B 22 5.73 -9.82 4.38
C LEU B 22 6.90 -9.36 5.27
N PHE B 23 6.73 -8.18 5.86
CA PHE B 23 7.76 -7.61 6.75
C PHE B 23 7.32 -6.35 7.50
N SER B 24 7.62 -6.30 8.81
CA SER B 24 7.33 -5.11 9.63
C SER B 24 8.29 -5.05 10.81
N LEU B 25 8.92 -3.90 11.00
CA LEU B 25 9.85 -3.72 12.12
C LEU B 25 9.12 -3.30 13.38
N ARG B 26 9.88 -3.06 14.45
CA ARG B 26 9.32 -2.65 15.72
C ARG B 26 8.70 -1.25 15.62
N GLY B 27 8.18 -0.75 16.74
CA GLY B 27 7.57 0.56 16.75
C GLY B 27 6.15 0.54 16.22
N THR B 28 5.30 -0.25 16.87
CA THR B 28 3.91 -0.38 16.47
C THR B 28 3.80 -0.71 14.98
N LYS B 29 2.63 -0.47 14.41
CA LYS B 29 2.41 -0.75 13.00
C LYS B 29 3.09 0.31 12.11
N PRO B 30 4.17 -0.06 11.39
CA PRO B 30 4.88 0.88 10.53
C PRO B 30 4.14 1.12 9.22
N SER B 31 4.39 2.28 8.61
CA SER B 31 3.74 2.64 7.35
C SER B 31 4.75 3.08 6.30
N SER B 32 5.97 2.56 6.42
CA SER B 32 7.02 2.90 5.45
C SER B 32 6.87 2.06 4.19
N LEU B 33 5.63 1.94 3.72
CA LEU B 33 5.33 1.17 2.52
C LEU B 33 5.65 1.93 1.27
N SER B 34 6.07 3.16 1.43
CA SER B 34 6.37 3.99 0.29
C SER B 34 7.66 3.57 -0.39
N ARG B 35 8.55 2.98 0.38
CA ARG B 35 9.82 2.51 -0.16
C ARG B 35 9.70 1.13 -0.77
N ALA B 36 9.01 0.23 -0.06
CA ALA B 36 8.80 -1.13 -0.54
C ALA B 36 8.11 -1.14 -1.90
N VAL B 37 7.19 -0.19 -2.10
CA VAL B 37 6.47 -0.09 -3.37
C VAL B 37 7.38 0.35 -4.51
N LYS B 38 8.44 1.08 -4.17
CA LYS B 38 9.40 1.57 -5.17
C LYS B 38 10.04 0.41 -5.91
N VAL B 39 10.05 -0.74 -5.26
CA VAL B 39 10.64 -1.94 -5.83
C VAL B 39 9.79 -2.51 -6.94
N PHE B 40 8.62 -3.00 -6.58
CA PHE B 40 7.70 -3.58 -7.55
C PHE B 40 7.35 -2.56 -8.64
N GLU B 41 7.49 -1.28 -8.31
CA GLU B 41 7.16 -0.21 -9.24
C GLU B 41 8.33 0.16 -10.17
N THR B 42 9.56 0.12 -9.64
CA THR B 42 10.74 0.50 -10.43
C THR B 42 10.84 -0.29 -11.73
N PHE B 43 10.60 -1.60 -11.67
CA PHE B 43 10.69 -2.42 -12.88
C PHE B 43 9.33 -2.59 -13.54
N GLU B 44 8.44 -1.65 -13.26
CA GLU B 44 7.11 -1.65 -13.86
C GLU B 44 6.45 -3.00 -13.74
N ALA B 45 6.69 -3.69 -12.64
CA ALA B 45 6.09 -5.00 -12.43
C ALA B 45 4.59 -4.87 -12.27
N LYS B 46 3.87 -5.99 -12.30
CA LYS B 46 2.42 -5.98 -12.17
C LYS B 46 2.03 -6.47 -10.79
N ILE B 47 1.58 -5.55 -9.95
CA ILE B 47 1.19 -5.88 -8.60
C ILE B 47 -0.18 -6.52 -8.55
N HIS B 48 -0.26 -7.63 -7.85
CA HIS B 48 -1.50 -8.35 -7.68
C HIS B 48 -2.30 -7.74 -6.53
N HIS B 49 -1.63 -7.50 -5.40
CA HIS B 49 -2.30 -6.89 -4.25
C HIS B 49 -1.33 -6.44 -3.16
N LEU B 50 -1.11 -5.13 -3.08
CA LEU B 50 -0.26 -4.54 -2.05
C LEU B 50 -1.21 -4.14 -0.93
N GLU B 51 -0.95 -4.60 0.29
CA GLU B 51 -1.85 -4.29 1.38
C GLU B 51 -1.20 -4.40 2.74
N THR B 52 -1.50 -3.42 3.58
CA THR B 52 -1.01 -3.41 4.93
C THR B 52 -2.13 -3.89 5.85
N ARG B 53 -1.83 -4.84 6.72
CA ARG B 53 -2.84 -5.35 7.62
C ARG B 53 -2.21 -5.94 8.87
N PRO B 54 -2.83 -5.75 10.05
CA PRO B 54 -2.31 -6.27 11.31
C PRO B 54 -2.20 -7.77 11.38
N ALA B 55 -1.39 -8.19 12.33
CA ALA B 55 -1.12 -9.58 12.60
C ALA B 55 -2.25 -10.21 13.37
N GLN B 56 -1.90 -11.26 14.09
CA GLN B 56 -2.90 -12.02 14.80
C GLN B 56 -2.42 -12.57 16.14
N ARG B 57 -2.98 -13.75 16.48
CA ARG B 57 -2.72 -14.48 17.72
C ARG B 57 -1.95 -13.66 18.77
N PRO B 58 -0.61 -13.48 18.63
CA PRO B 58 0.16 -12.69 19.58
C PRO B 58 -0.07 -11.19 19.35
N LEU B 59 1.00 -10.39 19.35
CA LEU B 59 0.88 -8.96 19.10
C LEU B 59 0.94 -8.70 17.60
N ALA B 60 0.56 -7.49 17.20
CA ALA B 60 0.59 -7.13 15.81
C ALA B 60 1.11 -5.70 15.63
N GLY B 61 2.00 -5.32 16.55
CA GLY B 61 2.62 -4.00 16.52
C GLY B 61 4.00 -4.04 17.13
N SER B 62 4.69 -5.15 16.88
CA SER B 62 6.05 -5.37 17.41
C SER B 62 6.83 -6.25 16.40
N PRO B 63 7.96 -6.95 16.77
CA PRO B 63 8.65 -7.84 15.81
C PRO B 63 7.61 -8.62 15.02
N HIS B 64 6.45 -8.67 15.63
CA HIS B 64 5.22 -9.25 15.12
C HIS B 64 4.92 -8.76 13.70
N LEU B 65 3.61 -8.67 13.41
CA LEU B 65 3.03 -8.32 12.10
C LEU B 65 3.98 -7.89 10.97
N GLU B 66 3.34 -7.54 9.87
CA GLU B 66 4.05 -7.22 8.63
C GLU B 66 3.13 -6.67 7.53
N TYR B 67 3.72 -6.44 6.35
CA TYR B 67 3.00 -5.93 5.19
C TYR B 67 2.69 -7.08 4.24
N PHE B 68 1.41 -7.29 3.93
CA PHE B 68 1.04 -8.35 3.00
C PHE B 68 1.03 -7.81 1.57
N VAL B 69 1.91 -8.36 0.73
CA VAL B 69 2.01 -7.92 -0.65
C VAL B 69 2.23 -9.07 -1.61
N ARG B 70 1.58 -8.99 -2.76
CA ARG B 70 1.75 -9.97 -3.81
C ARG B 70 1.95 -9.23 -5.12
N PHE B 71 3.01 -9.57 -5.83
CA PHE B 71 3.31 -8.89 -7.07
C PHE B 71 4.02 -9.81 -8.06
N GLU B 72 3.97 -9.42 -9.32
CA GLU B 72 4.59 -10.22 -10.38
C GLU B 72 5.60 -9.36 -11.14
N VAL B 73 6.75 -9.95 -11.45
CA VAL B 73 7.81 -9.25 -12.14
C VAL B 73 8.58 -10.24 -13.00
N PRO B 74 8.94 -9.88 -14.24
CA PRO B 74 9.73 -10.77 -15.09
C PRO B 74 10.73 -11.55 -14.25
N SER B 75 10.76 -12.87 -14.45
CA SER B 75 11.66 -13.74 -13.70
C SER B 75 13.08 -13.16 -13.61
N GLY B 76 13.40 -12.27 -14.53
CA GLY B 76 14.72 -11.65 -14.55
C GLY B 76 14.78 -10.33 -13.79
N ASP B 77 13.72 -9.53 -13.86
CA ASP B 77 13.68 -8.23 -13.19
C ASP B 77 13.27 -8.40 -11.74
N LEU B 78 12.71 -9.55 -11.43
CA LEU B 78 12.32 -9.83 -10.06
C LEU B 78 13.53 -9.68 -9.18
N ALA B 79 14.49 -10.54 -9.44
CA ALA B 79 15.76 -10.51 -8.74
C ALA B 79 16.32 -9.10 -8.74
N ALA B 80 15.93 -8.32 -9.75
CA ALA B 80 16.40 -6.96 -9.91
C ALA B 80 15.86 -6.03 -8.84
N LEU B 81 14.53 -6.00 -8.70
CA LEU B 81 13.92 -5.11 -7.72
C LEU B 81 13.91 -5.75 -6.34
N LEU B 82 13.93 -7.07 -6.29
CA LEU B 82 13.97 -7.76 -5.01
C LEU B 82 15.21 -7.36 -4.25
N SER B 83 16.31 -7.16 -4.98
CA SER B 83 17.56 -6.75 -4.36
C SER B 83 17.35 -5.44 -3.65
N SER B 84 16.46 -4.66 -4.23
CA SER B 84 16.10 -3.36 -3.69
C SER B 84 15.34 -3.59 -2.40
N VAL B 85 14.44 -4.55 -2.44
CA VAL B 85 13.64 -4.90 -1.30
C VAL B 85 14.54 -5.41 -0.19
N ARG B 86 15.73 -5.84 -0.57
CA ARG B 86 16.73 -6.30 0.37
C ARG B 86 17.50 -5.07 0.85
N ARG B 87 17.43 -4.03 0.02
CA ARG B 87 18.06 -2.76 0.29
C ARG B 87 17.19 -1.94 1.24
N VAL B 88 15.90 -2.21 1.22
CA VAL B 88 14.94 -1.52 2.07
C VAL B 88 14.63 -2.34 3.30
N SER B 89 14.34 -3.62 3.06
CA SER B 89 13.98 -4.53 4.15
C SER B 89 15.15 -5.43 4.56
N ASP B 90 14.98 -6.09 5.70
CA ASP B 90 16.02 -6.97 6.24
C ASP B 90 16.13 -8.33 5.54
N ASP B 91 15.25 -9.28 5.87
CA ASP B 91 15.34 -10.61 5.28
C ASP B 91 13.97 -11.16 4.94
N VAL B 92 13.00 -10.24 4.86
CA VAL B 92 11.61 -10.55 4.54
C VAL B 92 11.37 -11.94 3.96
N ARG B 93 10.31 -12.54 4.48
CA ARG B 93 9.88 -13.87 4.07
C ARG B 93 8.68 -13.73 3.14
N SER B 94 8.37 -14.78 2.39
CA SER B 94 7.24 -14.72 1.49
C SER B 94 5.94 -14.93 2.24
N ALA B 95 4.85 -14.52 1.60
CA ALA B 95 3.53 -14.64 2.20
C ALA B 95 2.85 -15.95 1.80
#